data_7W9P
#
_entry.id   7W9P
#
_cell.length_a   1.00
_cell.length_b   1.00
_cell.length_c   1.00
_cell.angle_alpha   90.00
_cell.angle_beta   90.00
_cell.angle_gamma   90.00
#
_symmetry.space_group_name_H-M   'P 1'
#
loop_
_entity.id
_entity.type
_entity.pdbx_description
1 polymer 'Sodium channel protein type 9 subunit alpha'
2 polymer 'Sodium channel subunit beta-1'
3 polymer 'Sodium channel subunit beta-2'
4 branched 2-acetamido-2-deoxy-beta-D-glucopyranose-(1-4)-2-acetamido-2-deoxy-beta-D-glucopyranose
5 non-polymer '[(3aS,4R,10aS)-2,6-diamino-10,10-dihydroxy-3a,4,9,10-tetrahydro-3H,8H-pyrrolo[1,2-c]purin-4-yl]methyl carbamate'
6 non-polymer 2-acetamido-2-deoxy-beta-D-glucopyranose
7 non-polymer O-[(R)-{[(2R)-2,3-bis(octadecanoyloxy)propyl]oxy}(hydroxy)phosphoryl]-L-serine
8 non-polymer 'CHOLESTEROL HEMISUCCINATE'
9 non-polymer 1-O-OCTADECYL-SN-GLYCERO-3-PHOSPHOCHOLINE
10 non-polymer '(2S,3R,4E)-2-(acetylamino)-3-hydroxyoctadec-4-en-1-yl dihydrogen phosphate'
11 non-polymer 1,2-DIOLEOYL-SN-GLYCERO-3-PHOSPHOCHOLINE
#
loop_
_entity_poly.entity_id
_entity_poly.type
_entity_poly.pdbx_seq_one_letter_code
_entity_poly.pdbx_strand_id
1 'polypeptide(L)'
;MASWSHPQFEKGGGARGGSGGGSWSHPQFEKGFDYKDDDDKGTMAMLPPPGPQSFVHFTKQSLALIEQRIAERKSKEPKE
EKKDDDEEAPKPSSDLEAGKQLPFIYGDIPPGMVSEPLEDLDPYYADKKTFIVLNKGKTIFRFNATPALYMLSPFSPLRR
ISIKILVHSLFSMLIMCTILTNCIFMTMNNPPDWTKNVEYTFTGIYTFESLVKILARGFCVGEFTFLRDPWNWLDFVVIV
FAYLTEFVNLGNVSALRTFRVLRALKTISVIPGLKTIVGALIQSVKKLSDVMILTVFCLSVFALIGLQLFMGNLKHKCFR
NSLENNETLESIMNTLESEEDFRKYFYYLEGSKDALLCGFSTDSGQCPEGYTCVKIGRNPDYGYTSFDTFSWAFLALFRL
MTQDYWENLYQQTLRAAGKTYMIFFVVVIFLGSFYLINLILAVVAMAYKEQNQANIEEAKQKELEFQQMLDRLKKEQEEA
EAIAAAAAEYTSIRRSRIMGLSESSSETSKLSSKSAKERRNRRKKKNQKKLSSGEEKGDAEKLSKSESEDSIRRKSFHLG
VEGHRRAHEKRLSTPNQSPLSIRGSLFSARRSSRTSLFSFKGRGRDIGSETEFADDEHSIFGDNESRRGSLFVPHRPQER
RSSNISQASRSPPMLPVNGKMHSAVDCNGVVSLVDGRSALMLPNGQLLPEVIIDKATSDDSGTTNQIHKKRRCSSYLLSE
DMLNDPNLRQRAMSRASILTNTVEELEESRQKCPPWWYRFAHKFLIWNCSPYWIKFKKCIYFIVMDPFVDLAITICIVLN
TLFMAMEHHPMTEEFKNVLAIGNLVFTGIFAAEMVLKLIAMDPYEYFQVGWNIFDSLIVTLSLVELFLADVEGLSVLRSF
RLLRVFKLAKSWPTLNMLIKIIGNSVGALGNLTLVLAIIVFIFAVVGMQLFGKSYKECVCKINDDCTLPRWHMNDFFHSF
LIVFRVLCGEWIETMWDCMEVAGQAMCLIVYMMVMVIGNLVVLNLFLALLLSSFSSDNLTAIEEDPDANNLQIAVTRIKK
GINYVKQTLREFILKAFSKKPKISREIRQAEDLNTKKENYISNHTLAEMSKGHNFLKEKDKISGFGSSVDKHLMEDSDGQ
SFIHNPSLTVTVPIAPGESDLENMNAEELSSDSDSEYSKVRLNRSSSSECSTVDNPLPGEGEEAEAEPMNSDEPEACFTD
GCVWRFSCCQVNIESGKGKIWWNIRKTCYKIVEHSWFESFIVLMILLSSGALAFEDIYIERKKTIKIILEYADKIFTYIF
ILEMLLKWIAYGYKTYFTNAWCWLDFLIVDVSLVTLVANTLGYSDLGPIKSLRTLRALRPLRALSRFEGMRVVVNALIGA
IPSIMNVLLVCLIFWLIFSIMGVNLFAGKFYECINTTDGSRFPASQVPNRSECFALMNVSQNVRWKNLKVNFDNVGLGYL
SLLQVATFKGWTIIMYAAVDSVNVDKQPKYEYSLYMYIYFVVFIIFGSFFTLNLFIGVIIDNFNQQKKKLGGQDIFMTEE
QKKYYNAMKKLGSKKPQKPIPRPGNKIQGCIFDLVTNQAFDISIMVLICLNMVTMMVEKEGQSQHMTEVLYWINVVFIIL
FTGECVLKLISLRHYYFTVGWNIFDFVVVIISIVGMFLADLIETYFVSPTLFRVIRLARIGRILRLVKGAKGIRTLLFAL
MMSLPALFNIGLLLFLVMFIYAIFGMSNFAYVKKEDGINDMFNFETFGNSMICLFQITTSAGWDGLLAPILNSKPPDCDP
KKVHPGSSVEGDCGNPSVGIFYFVSYIIISFLVVVNMYIAVILENFSVATEESTEPLSEDDFEMFYEVWEKFDPDATQFI
EFSKLSDFAAALDPPLLIAKPNKVQLIAMDLPMVSGDRIHCLDILFAFTKRVLGESGEMDSLRSQMEERFMSANPSKVSY
EPITTTLKRKQEDVSATVIQRAYRRYRLRQNVKNISSIYIKDGDRDDDLLNKKDMAFDNVNENSSPEKTDATSSTTSPPS
YDSVTKPDKEKYEQDRTEKEDKGKDSKESKK
;
A
2 'polypeptide(L)'
;MGRLLALVVGAALVSSACGGCVEVDSETEAVYGMTFKILCISCKRRSETNAETFTEWTFRQKGTEEFVKILRYENEVLQL
EEDERFEGRVVWNGSRGTKDLQDLSIFITNVTYNHSGDYECHVYRLLFFENYEHNTSVVKKIHIEVVDKANRDMASIVSE
IMMYVLIVVLTIWLVAEMIYCYKKIAAATETAAQENASEYLAITSESKENCTGVQVAE
;
B
3 'polypeptide(L)'
;MHRDAWLPRPAFSLTGLSLFFSLVPPGRSMEVTVPATLNVLNGSDARLPCTFNSCYTVNHKQFSLNWTYQECNNCSEEMF
LQFRMKIINLKLERFQDRVEFSGNPSKYDVSVMLRNVQPEDEGIYNCYIMNPPDRHRGHGKIHLQVLMEEPPERDSTVAV
IVGASVGGFLAVVILVLMVVKCVRRKKEQKLSTDDLKTEEEGKTDGEGNPDDGAK
;
C
#
# COMPACT_ATOMS: atom_id res chain seq x y z
N GLY A 51 15.67 20.25 -52.27
CA GLY A 51 16.29 21.50 -52.62
C GLY A 51 17.27 22.01 -51.57
N PRO A 52 18.47 21.45 -51.57
CA PRO A 52 19.48 21.85 -50.57
C PRO A 52 19.81 23.33 -50.61
N GLN A 53 19.45 24.03 -51.68
CA GLN A 53 19.67 25.47 -51.74
C GLN A 53 18.32 26.19 -51.86
N SER A 54 17.34 25.76 -51.08
CA SER A 54 16.02 26.35 -51.07
C SER A 54 15.98 27.39 -49.96
N PHE A 55 16.51 28.57 -50.27
CA PHE A 55 16.55 29.68 -49.33
C PHE A 55 16.13 30.91 -50.10
N VAL A 56 14.92 31.38 -49.84
CA VAL A 56 14.33 32.50 -50.58
C VAL A 56 13.56 33.38 -49.60
N HIS A 57 14.00 34.62 -49.44
CA HIS A 57 13.32 35.56 -48.57
C HIS A 57 11.87 35.71 -49.01
N PHE A 58 10.95 35.43 -48.10
CA PHE A 58 9.54 35.67 -48.38
C PHE A 58 9.33 37.13 -48.73
N THR A 59 9.13 37.41 -50.01
CA THR A 59 9.01 38.81 -50.44
C THR A 59 7.61 39.16 -50.92
N LYS A 60 7.43 40.41 -51.33
CA LYS A 60 6.14 40.83 -51.86
C LYS A 60 5.80 40.03 -53.11
N GLN A 61 6.79 39.78 -53.95
CA GLN A 61 6.58 38.97 -55.14
C GLN A 61 6.10 37.57 -54.78
N SER A 62 6.76 36.96 -53.79
CA SER A 62 6.37 35.62 -53.36
C SER A 62 4.96 35.64 -52.81
N LEU A 63 4.61 36.69 -52.07
CA LEU A 63 3.27 36.80 -51.51
C LEU A 63 2.26 36.85 -52.64
N ALA A 64 2.54 37.65 -53.66
CA ALA A 64 1.64 37.74 -54.80
C ALA A 64 1.50 36.38 -55.49
N LEU A 65 2.60 35.65 -55.63
CA LEU A 65 2.53 34.32 -56.23
C LEU A 65 1.65 33.40 -55.41
N ILE A 66 1.82 33.40 -54.10
CA ILE A 66 0.99 32.58 -53.23
C ILE A 66 -0.48 32.96 -53.41
N GLU A 67 -0.76 34.26 -53.49
CA GLU A 67 -2.13 34.72 -53.66
C GLU A 67 -2.73 34.23 -54.96
N GLN A 68 -1.98 34.30 -56.05
CA GLN A 68 -2.52 33.89 -57.35
C GLN A 68 -2.71 32.37 -57.34
N ARG A 69 -1.86 31.64 -56.62
CA ARG A 69 -2.05 30.21 -56.50
C ARG A 69 -3.36 29.93 -55.81
N ILE A 70 -3.58 30.56 -54.65
CA ILE A 70 -4.81 30.34 -53.89
C ILE A 70 -6.02 30.79 -54.71
N ALA A 71 -5.88 31.88 -55.46
CA ALA A 71 -6.98 32.38 -56.27
C ALA A 71 -7.35 31.39 -57.37
N GLU A 72 -6.36 30.81 -58.02
CA GLU A 72 -6.66 29.83 -59.07
C GLU A 72 -7.18 28.53 -58.50
N ARG A 73 -6.82 28.18 -57.26
CA ARG A 73 -7.40 26.98 -56.65
C ARG A 73 -8.84 27.20 -56.23
N LYS A 74 -9.13 28.32 -55.57
CA LYS A 74 -10.48 28.60 -55.11
C LYS A 74 -11.43 28.81 -56.28
N SER A 75 -10.90 29.16 -57.45
CA SER A 75 -11.74 29.37 -58.63
C SER A 75 -12.04 28.07 -59.37
N LYS A 76 -11.49 26.93 -58.94
CA LYS A 76 -11.76 25.65 -59.55
C LYS A 76 -12.68 24.78 -58.71
N GLU A 77 -13.21 25.32 -57.63
CA GLU A 77 -14.00 24.54 -56.68
C GLU A 77 -15.45 24.99 -56.67
N PRO A 90 -3.67 15.24 -48.86
CA PRO A 90 -2.27 15.10 -48.46
C PRO A 90 -1.94 15.88 -47.18
N LYS A 91 -0.90 15.46 -46.48
CA LYS A 91 -0.46 16.15 -45.28
C LYS A 91 0.92 16.75 -45.51
N PRO A 92 1.27 17.81 -44.79
CA PRO A 92 2.63 18.34 -44.89
C PRO A 92 3.62 17.34 -44.33
N SER A 93 4.83 17.35 -44.89
CA SER A 93 5.85 16.43 -44.43
C SER A 93 6.12 16.63 -42.95
N SER A 94 5.91 15.57 -42.17
CA SER A 94 6.09 15.64 -40.72
C SER A 94 7.51 16.03 -40.33
N ASP A 95 8.45 16.00 -41.26
CA ASP A 95 9.81 16.42 -40.96
C ASP A 95 10.05 17.90 -41.23
N LEU A 96 9.03 18.54 -41.77
CA LEU A 96 9.10 19.96 -42.15
C LEU A 96 8.42 20.80 -41.08
N GLU A 97 7.61 20.22 -40.20
CA GLU A 97 6.73 20.96 -39.31
C GLU A 97 7.54 21.83 -38.36
N ALA A 98 6.95 22.98 -38.01
CA ALA A 98 7.59 23.86 -37.04
C ALA A 98 7.79 23.13 -35.72
N GLY A 99 8.85 23.50 -35.02
CA GLY A 99 9.21 22.84 -33.79
C GLY A 99 10.19 21.69 -33.96
N LYS A 100 10.36 21.17 -35.17
CA LYS A 100 11.34 20.14 -35.42
C LYS A 100 12.71 20.78 -35.56
N GLN A 101 13.71 19.96 -35.87
CA GLN A 101 15.03 20.48 -36.20
C GLN A 101 15.25 20.38 -37.69
N LEU A 102 15.94 21.38 -38.24
CA LEU A 102 16.12 21.47 -39.68
C LEU A 102 16.96 20.31 -40.16
N PRO A 103 16.49 19.54 -41.13
CA PRO A 103 17.30 18.42 -41.66
C PRO A 103 18.62 18.90 -42.23
N PHE A 104 19.66 18.09 -42.03
CA PHE A 104 20.97 18.36 -42.61
C PHE A 104 20.95 18.36 -44.13
N ILE A 105 19.88 17.83 -44.73
CA ILE A 105 19.84 17.63 -46.18
C ILE A 105 20.01 18.95 -46.92
N TYR A 106 19.64 20.07 -46.30
CA TYR A 106 19.74 21.36 -46.95
C TYR A 106 21.08 22.06 -46.68
N GLY A 107 21.98 21.42 -45.93
CA GLY A 107 23.22 22.10 -45.65
C GLY A 107 22.99 23.30 -44.75
N ASP A 108 24.01 24.16 -44.72
CA ASP A 108 24.02 25.36 -43.86
C ASP A 108 23.11 26.45 -44.44
N ILE A 109 22.86 27.46 -43.61
CA ILE A 109 21.99 28.57 -43.97
C ILE A 109 22.84 29.64 -44.65
N PRO A 110 22.32 30.31 -45.68
CA PRO A 110 22.93 31.55 -46.12
C PRO A 110 22.87 32.57 -45.00
N PRO A 111 24.00 33.19 -44.65
CA PRO A 111 24.01 34.11 -43.50
C PRO A 111 23.03 35.27 -43.59
N GLY A 112 22.37 35.46 -44.74
CA GLY A 112 21.42 36.55 -44.87
C GLY A 112 19.99 36.12 -44.65
N MET A 113 19.75 34.83 -44.45
CA MET A 113 18.40 34.30 -44.34
C MET A 113 17.99 33.95 -42.91
N VAL A 114 18.94 33.58 -42.05
CA VAL A 114 18.61 33.18 -40.69
C VAL A 114 17.95 34.34 -39.95
N SER A 115 16.88 34.05 -39.24
CA SER A 115 16.08 35.06 -38.54
C SER A 115 15.59 36.13 -39.51
N GLU A 116 14.83 35.69 -40.51
CA GLU A 116 14.28 36.57 -41.52
C GLU A 116 13.15 35.84 -42.23
N PRO A 117 12.07 36.53 -42.61
CA PRO A 117 10.97 35.88 -43.32
C PRO A 117 11.45 35.18 -44.58
N LEU A 118 11.32 33.85 -44.59
CA LEU A 118 11.62 33.04 -45.76
C LEU A 118 10.34 32.43 -46.29
N GLU A 119 10.40 31.98 -47.54
CA GLU A 119 9.25 31.31 -48.14
C GLU A 119 9.11 29.92 -47.56
N ASP A 120 7.86 29.46 -47.46
CA ASP A 120 7.59 28.16 -46.88
C ASP A 120 8.24 27.06 -47.72
N LEU A 121 8.87 26.11 -47.03
CA LEU A 121 9.59 25.04 -47.73
C LEU A 121 8.66 23.87 -48.04
N ASP A 122 7.95 23.38 -47.03
CA ASP A 122 7.06 22.25 -47.25
C ASP A 122 6.05 22.57 -48.35
N PRO A 123 5.95 21.74 -49.38
CA PRO A 123 5.05 22.06 -50.49
C PRO A 123 3.59 22.09 -50.10
N TYR A 124 3.20 21.36 -49.05
CA TYR A 124 1.81 21.38 -48.64
C TYR A 124 1.36 22.79 -48.27
N TYR A 125 2.27 23.58 -47.72
CA TYR A 125 1.99 24.99 -47.47
C TYR A 125 2.38 25.89 -48.64
N ALA A 126 2.99 25.34 -49.69
CA ALA A 126 3.42 26.18 -50.80
C ALA A 126 2.26 26.94 -51.41
N ASP A 127 1.05 26.39 -51.34
CA ASP A 127 -0.12 27.11 -51.82
C ASP A 127 -0.63 28.12 -50.81
N LYS A 128 -0.76 27.71 -49.55
CA LYS A 128 -1.35 28.56 -48.52
C LYS A 128 -0.42 29.70 -48.14
N LYS A 129 -0.99 30.74 -47.53
CA LYS A 129 -0.26 31.97 -47.22
C LYS A 129 0.52 31.75 -45.93
N THR A 130 1.79 31.39 -46.07
CA THR A 130 2.64 31.19 -44.91
C THR A 130 4.02 31.78 -45.21
N PHE A 131 4.87 31.79 -44.19
CA PHE A 131 6.28 32.10 -44.38
C PHE A 131 7.00 31.65 -43.12
N ILE A 132 8.04 30.87 -43.29
CA ILE A 132 8.73 30.27 -42.18
C ILE A 132 10.04 31.01 -41.95
N VAL A 133 10.53 30.92 -40.72
CA VAL A 133 11.79 31.52 -40.34
C VAL A 133 12.59 30.48 -39.57
N LEU A 134 13.90 30.56 -39.67
CA LEU A 134 14.78 29.52 -39.16
C LEU A 134 15.78 30.11 -38.19
N ASN A 135 15.94 29.44 -37.05
CA ASN A 135 16.84 29.86 -35.99
C ASN A 135 18.27 29.49 -36.33
N LYS A 136 19.21 30.07 -35.59
CA LYS A 136 20.61 29.69 -35.67
C LYS A 136 20.90 28.39 -34.95
N GLY A 137 19.85 27.63 -34.63
CA GLY A 137 19.98 26.30 -34.08
C GLY A 137 19.15 25.34 -34.91
N LYS A 138 18.73 25.82 -36.08
CA LYS A 138 18.10 24.99 -37.10
C LYS A 138 16.76 24.41 -36.63
N THR A 139 15.96 25.22 -35.96
CA THR A 139 14.60 24.83 -35.65
C THR A 139 13.62 25.60 -36.53
N ILE A 140 12.44 25.01 -36.73
CA ILE A 140 11.49 25.47 -37.72
C ILE A 140 10.41 26.31 -37.05
N PHE A 141 10.01 27.39 -37.72
CA PHE A 141 9.02 28.33 -37.19
C PHE A 141 8.11 28.75 -38.33
N ARG A 142 6.96 28.11 -38.44
CA ARG A 142 6.04 28.35 -39.56
C ARG A 142 4.96 29.34 -39.15
N PHE A 143 4.90 30.46 -39.84
CA PHE A 143 4.01 31.56 -39.52
C PHE A 143 2.91 31.71 -40.57
N ASN A 144 2.11 32.75 -40.41
CA ASN A 144 1.07 33.10 -41.36
C ASN A 144 1.39 34.46 -41.99
N ALA A 145 1.03 34.61 -43.26
CA ALA A 145 1.42 35.78 -44.01
C ALA A 145 0.43 36.94 -43.88
N THR A 146 -0.75 36.70 -43.35
CA THR A 146 -1.73 37.77 -43.23
C THR A 146 -1.26 38.80 -42.20
N PRO A 147 -1.35 40.09 -42.48
CA PRO A 147 -1.03 41.09 -41.48
C PRO A 147 -1.84 40.90 -40.21
N ALA A 148 -1.14 40.73 -39.08
CA ALA A 148 -1.80 40.47 -37.82
C ALA A 148 -2.73 41.62 -37.45
N LEU A 149 -3.95 41.28 -37.03
CA LEU A 149 -4.99 42.27 -36.73
C LEU A 149 -5.24 43.20 -37.91
N TYR A 150 -4.97 42.70 -39.12
CA TYR A 150 -5.07 43.48 -40.35
C TYR A 150 -4.20 44.74 -40.27
N MET A 151 -3.12 44.68 -39.51
CA MET A 151 -2.28 45.85 -39.30
C MET A 151 -0.85 45.65 -39.76
N LEU A 152 -0.20 44.58 -39.36
CA LEU A 152 1.24 44.42 -39.51
C LEU A 152 1.56 43.33 -40.53
N SER A 153 1.93 43.75 -41.73
CA SER A 153 2.31 42.82 -42.78
C SER A 153 3.60 42.11 -42.38
N PRO A 154 3.94 41.01 -43.06
CA PRO A 154 5.23 40.34 -42.77
C PRO A 154 6.42 41.20 -43.14
N PHE A 155 6.16 42.40 -43.65
CA PHE A 155 7.21 43.34 -43.97
C PHE A 155 7.18 44.57 -43.08
N SER A 156 6.19 44.69 -42.22
CA SER A 156 6.15 45.82 -41.29
C SER A 156 7.37 45.73 -40.38
N PRO A 157 8.24 46.75 -40.38
CA PRO A 157 9.50 46.66 -39.62
C PRO A 157 9.28 46.25 -38.17
N LEU A 158 8.17 46.69 -37.60
CA LEU A 158 7.76 46.21 -36.29
C LEU A 158 7.69 44.69 -36.27
N ARG A 159 6.85 44.12 -37.14
CA ARG A 159 6.70 42.67 -37.16
C ARG A 159 8.00 41.98 -37.56
N ARG A 160 8.78 42.61 -38.44
CA ARG A 160 10.06 42.05 -38.83
C ARG A 160 10.97 41.86 -37.63
N ILE A 161 11.28 42.95 -36.93
CA ILE A 161 12.16 42.87 -35.78
C ILE A 161 11.56 42.04 -34.66
N SER A 162 10.22 42.01 -34.57
CA SER A 162 9.59 41.27 -33.46
C SER A 162 9.86 39.79 -33.71
N ILE A 163 9.43 39.33 -34.88
CA ILE A 163 9.62 37.93 -35.17
C ILE A 163 11.10 37.59 -35.15
N LYS A 164 11.97 38.57 -35.44
CA LYS A 164 13.39 38.33 -35.27
C LYS A 164 13.73 38.01 -33.83
N ILE A 165 13.20 38.79 -32.90
CA ILE A 165 13.46 38.56 -31.48
C ILE A 165 12.84 37.25 -31.03
N LEU A 166 11.59 37.01 -31.42
CA LEU A 166 10.89 35.81 -30.98
C LEU A 166 11.72 34.55 -31.16
N VAL A 167 12.24 34.36 -32.36
CA VAL A 167 13.02 33.16 -32.65
C VAL A 167 14.47 33.38 -32.18
N HIS A 168 14.70 33.18 -30.89
CA HIS A 168 16.04 33.35 -30.35
C HIS A 168 16.24 32.52 -29.09
N SER A 169 17.44 32.00 -28.88
CA SER A 169 17.73 31.18 -27.71
C SER A 169 17.70 31.98 -26.42
N LEU A 170 18.27 33.19 -26.43
CA LEU A 170 18.33 34.02 -25.22
C LEU A 170 16.94 34.37 -24.71
N PHE A 171 16.01 34.66 -25.62
CA PHE A 171 14.66 35.00 -25.24
C PHE A 171 14.04 33.90 -24.38
N SER A 172 14.29 32.65 -24.74
CA SER A 172 13.76 31.53 -23.97
C SER A 172 14.46 31.38 -22.62
N MET A 173 15.79 31.49 -22.62
CA MET A 173 16.54 31.39 -21.37
C MET A 173 16.13 32.48 -20.39
N LEU A 174 15.87 33.68 -20.89
CA LEU A 174 15.38 34.75 -20.03
C LEU A 174 14.06 34.36 -19.39
N ILE A 175 13.12 33.86 -20.19
CA ILE A 175 11.82 33.51 -19.63
C ILE A 175 11.95 32.39 -18.62
N MET A 176 12.85 31.43 -18.88
CA MET A 176 13.08 30.37 -17.91
C MET A 176 13.61 30.94 -16.60
N CYS A 177 14.56 31.86 -16.69
CA CYS A 177 15.12 32.48 -15.49
C CYS A 177 14.03 33.17 -14.68
N THR A 178 13.22 33.98 -15.34
CA THR A 178 12.22 34.72 -14.58
C THR A 178 11.13 33.80 -14.03
N ILE A 179 10.81 32.72 -14.75
CA ILE A 179 9.84 31.78 -14.21
C ILE A 179 10.37 31.14 -12.94
N LEU A 180 11.63 30.70 -12.96
CA LEU A 180 12.19 30.09 -11.77
C LEU A 180 12.26 31.10 -10.63
N THR A 181 12.58 32.35 -10.93
CA THR A 181 12.64 33.35 -9.88
C THR A 181 11.26 33.58 -9.26
N ASN A 182 10.22 33.63 -10.09
CA ASN A 182 8.89 33.78 -9.55
C ASN A 182 8.50 32.58 -8.71
N CYS A 183 8.90 31.38 -9.15
CA CYS A 183 8.64 30.19 -8.36
C CYS A 183 9.28 30.32 -6.99
N ILE A 184 10.50 30.84 -6.93
CA ILE A 184 11.15 31.02 -5.64
C ILE A 184 10.39 32.04 -4.80
N PHE A 185 9.92 33.11 -5.41
CA PHE A 185 9.25 34.12 -4.63
C PHE A 185 7.87 33.71 -4.17
N MET A 186 7.29 32.69 -4.77
CA MET A 186 5.98 32.25 -4.32
C MET A 186 6.02 31.53 -2.98
N THR A 187 7.20 31.13 -2.50
CA THR A 187 7.31 30.31 -1.31
C THR A 187 7.49 31.13 -0.06
N MET A 188 6.99 32.35 -0.03
CA MET A 188 7.10 33.22 1.13
C MET A 188 5.72 33.33 1.76
N ASN A 189 5.60 32.88 3.01
CA ASN A 189 4.31 32.95 3.69
C ASN A 189 3.88 34.40 3.86
N ASN A 190 4.73 35.23 4.44
CA ASN A 190 4.43 36.64 4.63
C ASN A 190 5.55 37.49 4.04
N PRO A 191 5.36 38.09 2.88
CA PRO A 191 6.44 38.80 2.21
C PRO A 191 6.42 40.29 2.51
N PRO A 192 7.55 40.97 2.38
CA PRO A 192 7.57 42.44 2.45
C PRO A 192 6.98 43.10 1.21
N ASP A 193 7.14 44.42 1.08
CA ASP A 193 6.52 45.20 0.01
C ASP A 193 7.38 45.32 -1.24
N TRP A 194 8.69 45.47 -1.07
CA TRP A 194 9.53 45.44 -2.26
C TRP A 194 9.31 44.16 -3.04
N THR A 195 8.77 43.13 -2.38
CA THR A 195 8.22 42.01 -3.12
C THR A 195 7.08 42.46 -4.03
N LYS A 196 6.27 43.40 -3.57
CA LYS A 196 5.23 43.95 -4.46
C LYS A 196 5.87 44.59 -5.67
N ASN A 197 6.97 45.30 -5.46
CA ASN A 197 7.66 45.91 -6.60
C ASN A 197 8.17 44.84 -7.57
N VAL A 198 8.82 43.81 -7.05
CA VAL A 198 9.40 42.85 -7.97
C VAL A 198 8.33 42.00 -8.62
N GLU A 199 7.18 41.82 -7.98
CA GLU A 199 6.14 41.09 -8.68
C GLU A 199 5.53 41.97 -9.77
N TYR A 200 5.50 43.29 -9.57
CA TYR A 200 5.20 44.18 -10.67
C TYR A 200 6.15 43.93 -11.83
N THR A 201 7.45 43.82 -11.52
CA THR A 201 8.42 43.50 -12.56
C THR A 201 8.08 42.18 -13.25
N PHE A 202 7.67 41.18 -12.48
CA PHE A 202 7.36 39.88 -13.07
C PHE A 202 6.19 39.95 -14.03
N THR A 203 5.09 40.54 -13.58
CA THR A 203 3.95 40.64 -14.49
C THR A 203 4.29 41.49 -15.69
N GLY A 204 5.16 42.49 -15.52
CA GLY A 204 5.60 43.26 -16.68
C GLY A 204 6.33 42.40 -17.68
N ILE A 205 7.25 41.57 -17.21
CA ILE A 205 8.01 40.71 -18.12
C ILE A 205 7.08 39.75 -18.85
N TYR A 206 6.16 39.12 -18.11
CA TYR A 206 5.26 38.17 -18.74
C TYR A 206 4.41 38.85 -19.79
N THR A 207 3.83 40.01 -19.45
CA THR A 207 3.02 40.73 -20.41
C THR A 207 3.84 41.14 -21.62
N PHE A 208 5.09 41.53 -21.43
CA PHE A 208 5.92 41.94 -22.56
C PHE A 208 6.16 40.78 -23.51
N GLU A 209 6.59 39.64 -22.98
CA GLU A 209 6.90 38.53 -23.87
C GLU A 209 5.63 38.02 -24.55
N SER A 210 4.50 38.02 -23.83
CA SER A 210 3.26 37.67 -24.48
C SER A 210 2.93 38.65 -25.59
N LEU A 211 3.22 39.93 -25.39
CA LEU A 211 2.98 40.92 -26.43
C LEU A 211 3.85 40.63 -27.64
N VAL A 212 5.11 40.24 -27.42
CA VAL A 212 5.98 39.97 -28.59
C VAL A 212 5.39 38.79 -29.33
N LYS A 213 4.87 37.81 -28.61
CA LYS A 213 4.29 36.67 -29.30
C LYS A 213 3.08 37.09 -30.12
N ILE A 214 2.13 37.78 -29.50
CA ILE A 214 0.89 38.12 -30.18
C ILE A 214 1.13 39.06 -31.34
N LEU A 215 2.12 39.94 -31.22
CA LEU A 215 2.42 40.85 -32.32
C LEU A 215 3.13 40.11 -33.44
N ALA A 216 4.14 39.30 -33.10
CA ALA A 216 4.87 38.55 -34.11
C ALA A 216 3.96 37.58 -34.86
N ARG A 217 3.38 36.61 -34.14
CA ARG A 217 2.65 35.55 -34.81
C ARG A 217 1.37 36.06 -35.44
N GLY A 218 0.53 36.68 -34.65
CA GLY A 218 -0.81 37.01 -35.09
C GLY A 218 -1.86 36.40 -34.17
N PHE A 219 -2.94 37.10 -34.03
CA PHE A 219 -3.98 36.74 -33.07
C PHE A 219 -5.37 36.70 -33.68
N CYS A 220 -5.68 37.61 -34.60
CA CYS A 220 -7.02 37.64 -35.18
C CYS A 220 -7.19 36.55 -36.23
N VAL A 221 -6.20 36.36 -37.09
CA VAL A 221 -6.39 35.61 -38.33
C VAL A 221 -5.17 34.72 -38.59
N GLY A 222 -5.41 33.46 -38.89
CA GLY A 222 -4.37 32.60 -39.40
C GLY A 222 -4.49 31.19 -38.88
N GLU A 223 -3.66 30.32 -39.46
CA GLU A 223 -3.53 28.94 -38.99
C GLU A 223 -2.41 28.76 -37.98
N PHE A 224 -1.45 29.67 -37.95
CA PHE A 224 -0.37 29.66 -36.96
C PHE A 224 -0.45 30.99 -36.24
N THR A 225 -1.31 31.06 -35.22
CA THR A 225 -1.56 32.27 -34.47
C THR A 225 -1.29 32.01 -33.00
N PHE A 226 -1.38 33.09 -32.22
CA PHE A 226 -1.11 32.99 -30.80
C PHE A 226 -2.08 32.04 -30.12
N LEU A 227 -3.37 32.38 -30.13
CA LEU A 227 -4.37 31.60 -29.41
C LEU A 227 -4.57 30.22 -30.00
N ARG A 228 -3.83 29.85 -31.04
CA ARG A 228 -3.96 28.55 -31.68
C ARG A 228 -3.04 27.51 -31.07
N ASP A 229 -2.75 27.64 -29.78
CA ASP A 229 -1.95 26.67 -29.03
C ASP A 229 -2.35 26.74 -27.57
N PRO A 230 -2.71 25.62 -26.95
CA PRO A 230 -3.21 25.67 -25.56
C PRO A 230 -2.24 26.32 -24.58
N TRP A 231 -0.94 26.21 -24.81
CA TRP A 231 -0.02 26.82 -23.87
C TRP A 231 -0.14 28.33 -23.87
N ASN A 232 -0.35 28.93 -25.04
CA ASN A 232 -0.59 30.36 -25.06
C ASN A 232 -1.94 30.68 -24.45
N TRP A 233 -2.90 29.76 -24.51
CA TRP A 233 -4.11 29.92 -23.72
C TRP A 233 -3.76 30.12 -22.25
N LEU A 234 -2.96 29.22 -21.70
CA LEU A 234 -2.54 29.30 -20.31
C LEU A 234 -1.87 30.64 -20.02
N ASP A 235 -0.91 31.01 -20.88
CA ASP A 235 -0.18 32.26 -20.69
C ASP A 235 -1.14 33.44 -20.61
N PHE A 236 -2.05 33.54 -21.57
CA PHE A 236 -2.97 34.66 -21.61
C PHE A 236 -3.87 34.67 -20.38
N VAL A 237 -4.28 33.48 -19.93
CA VAL A 237 -5.09 33.40 -18.71
C VAL A 237 -4.32 33.99 -17.54
N VAL A 238 -3.04 33.64 -17.42
CA VAL A 238 -2.23 34.18 -16.34
C VAL A 238 -2.21 35.70 -16.40
N ILE A 239 -1.98 36.24 -17.59
CA ILE A 239 -1.85 37.70 -17.71
C ILE A 239 -3.14 38.37 -17.30
N VAL A 240 -4.27 37.87 -17.79
CA VAL A 240 -5.53 38.54 -17.54
C VAL A 240 -5.88 38.45 -16.06
N PHE A 241 -5.56 37.33 -15.42
CA PHE A 241 -5.89 37.18 -13.99
C PHE A 241 -5.07 38.19 -13.22
N ALA A 242 -3.77 38.23 -13.52
CA ALA A 242 -2.88 39.16 -12.86
C ALA A 242 -3.44 40.57 -12.92
N TYR A 243 -3.75 41.04 -14.13
CA TYR A 243 -4.16 42.43 -14.27
C TYR A 243 -5.50 42.70 -13.59
N LEU A 244 -6.49 41.83 -13.84
CA LEU A 244 -7.81 42.08 -13.27
C LEU A 244 -7.77 42.11 -11.75
N THR A 245 -7.02 41.19 -11.13
CA THR A 245 -6.98 41.20 -9.68
C THR A 245 -6.17 42.39 -9.18
N GLU A 246 -5.14 42.80 -9.92
CA GLU A 246 -4.35 43.94 -9.49
C GLU A 246 -5.18 45.21 -9.46
N PHE A 247 -6.14 45.33 -10.38
CA PHE A 247 -6.94 46.57 -10.43
C PHE A 247 -8.17 46.50 -9.53
N VAL A 248 -9.07 45.57 -9.76
CA VAL A 248 -10.26 45.40 -8.94
C VAL A 248 -10.08 44.13 -8.12
N ASN A 249 -10.53 44.20 -6.86
CA ASN A 249 -10.29 43.06 -5.95
C ASN A 249 -11.57 42.71 -5.19
N LEU A 250 -11.58 41.49 -4.66
CA LEU A 250 -12.70 40.92 -3.93
C LEU A 250 -12.27 40.63 -2.49
N GLY A 251 -13.14 39.94 -1.75
CA GLY A 251 -12.84 39.64 -0.35
C GLY A 251 -11.77 38.56 -0.23
N ASN A 252 -11.99 37.40 -0.85
CA ASN A 252 -11.07 36.28 -0.73
C ASN A 252 -9.90 36.49 -1.68
N VAL A 253 -9.02 37.42 -1.29
CA VAL A 253 -7.86 37.74 -2.11
C VAL A 253 -6.92 36.55 -2.22
N SER A 254 -6.92 35.68 -1.21
CA SER A 254 -6.07 34.49 -1.26
C SER A 254 -6.48 33.55 -2.38
N ALA A 255 -7.79 33.34 -2.53
CA ALA A 255 -8.27 32.49 -3.62
C ALA A 255 -7.88 33.07 -4.96
N LEU A 256 -7.84 34.39 -5.07
CA LEU A 256 -7.37 35.02 -6.30
C LEU A 256 -5.90 34.74 -6.52
N ARG A 257 -5.06 35.12 -5.55
CA ARG A 257 -3.62 34.96 -5.72
C ARG A 257 -3.22 33.50 -5.92
N THR A 258 -4.04 32.57 -5.46
CA THR A 258 -3.72 31.16 -5.66
C THR A 258 -3.52 30.84 -7.12
N PHE A 259 -4.16 31.59 -8.01
CA PHE A 259 -4.06 31.25 -9.42
C PHE A 259 -2.68 31.55 -9.97
N ARG A 260 -1.97 32.52 -9.39
CA ARG A 260 -0.72 32.93 -10.02
C ARG A 260 0.34 31.84 -9.97
N VAL A 261 0.05 30.67 -9.41
CA VAL A 261 1.01 29.57 -9.45
C VAL A 261 1.08 28.92 -10.82
N LEU A 262 0.17 29.24 -11.72
CA LEU A 262 0.29 28.72 -13.08
C LEU A 262 1.55 29.22 -13.76
N ARG A 263 2.09 30.34 -13.29
CA ARG A 263 3.40 30.76 -13.77
C ARG A 263 4.42 29.66 -13.59
N ALA A 264 4.23 28.80 -12.60
CA ALA A 264 5.10 27.65 -12.48
C ALA A 264 4.80 26.61 -13.54
N LEU A 265 3.53 26.47 -13.91
CA LEU A 265 3.19 25.56 -14.99
C LEU A 265 3.80 25.99 -16.30
N LYS A 266 4.04 27.29 -16.48
CA LYS A 266 4.67 27.79 -17.70
C LYS A 266 6.04 27.15 -17.93
N THR A 267 6.57 26.46 -16.93
CA THR A 267 7.83 25.74 -17.13
C THR A 267 7.64 24.69 -18.18
N ILE A 268 6.50 24.03 -18.17
CA ILE A 268 6.26 22.98 -19.13
C ILE A 268 6.34 23.57 -20.51
N SER A 269 5.73 24.73 -20.71
CA SER A 269 5.78 25.40 -21.99
C SER A 269 7.18 25.86 -22.40
N VAL A 270 7.97 26.41 -21.47
CA VAL A 270 9.28 26.96 -21.85
C VAL A 270 10.40 25.92 -21.88
N ILE A 271 10.42 24.99 -20.93
CA ILE A 271 11.51 24.02 -20.87
C ILE A 271 11.33 23.02 -22.00
N PRO A 272 12.39 22.65 -22.72
CA PRO A 272 12.24 21.72 -23.84
C PRO A 272 11.89 20.32 -23.38
N GLY A 273 11.16 19.61 -24.23
CA GLY A 273 10.87 18.22 -24.04
C GLY A 273 9.65 17.94 -23.18
N LEU A 274 9.36 18.81 -22.21
CA LEU A 274 8.32 18.51 -21.25
C LEU A 274 6.97 18.28 -21.91
N LYS A 275 6.60 19.11 -22.89
CA LYS A 275 5.28 19.00 -23.50
C LYS A 275 5.04 17.59 -24.02
N THR A 276 6.08 16.95 -24.55
CA THR A 276 5.95 15.55 -24.93
C THR A 276 5.64 14.67 -23.75
N ILE A 277 6.25 14.96 -22.60
CA ILE A 277 6.01 14.14 -21.42
C ILE A 277 4.58 14.30 -20.94
N VAL A 278 4.07 15.53 -20.98
CA VAL A 278 2.68 15.75 -20.57
C VAL A 278 1.73 15.04 -21.52
N GLY A 279 2.02 15.09 -22.81
CA GLY A 279 1.22 14.32 -23.74
C GLY A 279 1.25 12.83 -23.43
N ALA A 280 2.42 12.32 -23.08
CA ALA A 280 2.53 10.90 -22.74
C ALA A 280 1.68 10.58 -21.52
N LEU A 281 1.72 11.44 -20.51
CA LEU A 281 0.91 11.21 -19.32
C LEU A 281 -0.57 11.22 -19.65
N ILE A 282 -0.99 12.16 -20.51
CA ILE A 282 -2.40 12.25 -20.83
C ILE A 282 -2.85 11.03 -21.62
N GLN A 283 -1.98 10.51 -22.49
CA GLN A 283 -2.32 9.27 -23.17
C GLN A 283 -2.44 8.12 -22.18
N SER A 284 -1.49 8.02 -21.26
CA SER A 284 -1.57 6.98 -20.25
C SER A 284 -2.88 7.05 -19.50
N VAL A 285 -3.34 8.25 -19.17
CA VAL A 285 -4.62 8.40 -18.49
C VAL A 285 -5.75 7.93 -19.40
N LYS A 286 -5.74 8.37 -20.66
CA LYS A 286 -6.81 7.99 -21.58
C LYS A 286 -6.95 6.48 -21.63
N LYS A 287 -5.84 5.75 -21.51
CA LYS A 287 -5.97 4.31 -21.47
C LYS A 287 -6.52 3.80 -20.15
N LEU A 288 -6.53 4.64 -19.11
CA LEU A 288 -7.05 4.25 -17.80
C LEU A 288 -8.53 4.62 -17.69
N SER A 289 -9.31 4.09 -18.61
CA SER A 289 -10.74 4.42 -18.63
C SER A 289 -11.59 3.35 -18.00
N ASP A 290 -11.44 2.10 -18.43
CA ASP A 290 -12.27 1.04 -17.87
C ASP A 290 -11.89 0.74 -16.44
N VAL A 291 -10.62 0.88 -16.09
CA VAL A 291 -10.19 0.55 -14.74
C VAL A 291 -10.81 1.50 -13.75
N MET A 292 -10.92 2.77 -14.09
CA MET A 292 -11.53 3.71 -13.16
C MET A 292 -13.01 3.38 -12.94
N ILE A 293 -13.71 3.03 -14.01
CA ILE A 293 -15.11 2.64 -13.86
C ILE A 293 -15.22 1.42 -12.98
N LEU A 294 -14.38 0.41 -13.23
CA LEU A 294 -14.42 -0.79 -12.41
C LEU A 294 -14.13 -0.47 -10.96
N THR A 295 -13.17 0.43 -10.72
CA THR A 295 -12.81 0.77 -9.35
C THR A 295 -13.96 1.45 -8.64
N VAL A 296 -14.57 2.42 -9.30
CA VAL A 296 -15.70 3.11 -8.69
C VAL A 296 -16.83 2.13 -8.41
N PHE A 297 -17.08 1.23 -9.35
CA PHE A 297 -18.16 0.27 -9.18
C PHE A 297 -17.91 -0.67 -8.00
N CYS A 298 -16.68 -1.19 -7.90
CA CYS A 298 -16.36 -2.08 -6.80
C CYS A 298 -16.41 -1.36 -5.46
N LEU A 299 -15.84 -0.17 -5.40
CA LEU A 299 -15.92 0.59 -4.15
C LEU A 299 -17.37 0.86 -3.79
N SER A 300 -18.22 1.10 -4.78
CA SER A 300 -19.62 1.37 -4.47
C SER A 300 -20.31 0.13 -3.94
N VAL A 301 -20.04 -1.02 -4.53
CA VAL A 301 -20.65 -2.25 -4.04
C VAL A 301 -20.23 -2.51 -2.60
N PHE A 302 -18.94 -2.44 -2.34
CA PHE A 302 -18.48 -2.70 -0.99
C PHE A 302 -18.97 -1.64 -0.03
N ALA A 303 -19.20 -0.42 -0.50
CA ALA A 303 -19.73 0.60 0.38
C ALA A 303 -21.17 0.32 0.73
N LEU A 304 -21.96 -0.15 -0.23
CA LEU A 304 -23.32 -0.56 0.09
C LEU A 304 -23.31 -1.68 1.10
N ILE A 305 -22.43 -2.65 0.92
CA ILE A 305 -22.37 -3.77 1.86
C ILE A 305 -22.03 -3.27 3.25
N GLY A 306 -20.97 -2.47 3.36
CA GLY A 306 -20.57 -1.98 4.66
C GLY A 306 -21.66 -1.16 5.31
N LEU A 307 -22.21 -0.20 4.58
CA LEU A 307 -23.29 0.63 5.10
C LEU A 307 -24.46 -0.22 5.54
N GLN A 308 -24.65 -1.38 4.93
CA GLN A 308 -25.68 -2.28 5.44
C GLN A 308 -25.27 -2.88 6.76
N LEU A 309 -24.06 -3.43 6.84
CA LEU A 309 -23.66 -4.16 8.03
C LEU A 309 -23.38 -3.23 9.20
N PHE A 310 -22.66 -2.15 8.97
CA PHE A 310 -22.09 -1.37 10.06
C PHE A 310 -22.77 -0.02 10.21
N MET A 311 -24.04 0.10 9.85
CA MET A 311 -24.69 1.40 9.94
C MET A 311 -24.88 1.73 11.41
N GLY A 312 -24.17 2.73 11.89
CA GLY A 312 -24.35 3.20 13.24
C GLY A 312 -23.55 2.49 14.30
N ASN A 313 -22.75 1.50 13.93
CA ASN A 313 -22.03 0.76 14.95
C ASN A 313 -20.97 1.60 15.63
N LEU A 314 -20.37 2.56 14.95
CA LEU A 314 -19.28 3.30 15.52
C LEU A 314 -19.74 4.40 16.46
N LYS A 315 -21.03 4.45 16.78
CA LYS A 315 -21.53 5.36 17.80
C LYS A 315 -21.70 4.66 19.14
N HIS A 316 -21.22 3.43 19.26
CA HIS A 316 -21.34 2.71 20.52
C HIS A 316 -20.39 3.32 21.54
N LYS A 317 -20.88 3.48 22.76
CA LYS A 317 -20.05 4.04 23.81
C LYS A 317 -20.43 3.40 25.13
N CYS A 318 -19.49 3.42 26.06
CA CYS A 318 -19.74 2.91 27.40
C CYS A 318 -20.28 4.04 28.25
N PHE A 319 -21.52 3.94 28.65
CA PHE A 319 -22.19 4.99 29.40
C PHE A 319 -22.38 4.53 30.84
N ARG A 320 -22.05 5.39 31.79
CA ARG A 320 -22.08 4.98 33.19
C ARG A 320 -23.50 4.63 33.60
N ASN A 321 -23.60 3.74 34.57
CA ASN A 321 -24.91 3.17 34.90
C ASN A 321 -25.66 4.04 35.90
N SER A 322 -25.07 4.30 37.05
CA SER A 322 -25.75 5.05 38.09
C SER A 322 -25.68 6.54 37.76
N LEU A 323 -26.84 7.18 37.70
CA LEU A 323 -26.93 8.59 37.37
C LEU A 323 -27.61 9.33 38.51
N GLU A 324 -27.03 10.46 38.89
CA GLU A 324 -27.50 11.21 40.04
C GLU A 324 -28.54 12.25 39.64
N ASN A 325 -29.29 12.74 40.63
CA ASN A 325 -30.18 13.89 40.46
C ASN A 325 -31.31 13.60 39.48
N ASN A 326 -31.71 12.34 39.39
CA ASN A 326 -32.79 11.93 38.49
C ASN A 326 -32.54 12.46 37.07
N GLU A 327 -31.35 12.17 36.57
CA GLU A 327 -30.97 12.56 35.22
C GLU A 327 -31.05 11.36 34.30
N THR A 328 -31.33 11.64 33.03
CA THR A 328 -31.39 10.61 32.02
C THR A 328 -30.29 10.82 31.00
N LEU A 329 -30.14 9.83 30.11
CA LEU A 329 -29.18 9.97 29.03
C LEU A 329 -29.51 11.17 28.16
N GLU A 330 -30.80 11.41 27.92
CA GLU A 330 -31.20 12.47 27.02
C GLU A 330 -30.78 13.84 27.54
N SER A 331 -31.17 14.16 28.77
CA SER A 331 -30.83 15.45 29.32
C SER A 331 -29.33 15.66 29.32
N ILE A 332 -28.59 14.66 29.79
CA ILE A 332 -27.14 14.75 29.79
C ILE A 332 -26.64 15.11 28.41
N MET A 333 -26.95 14.29 27.41
CA MET A 333 -26.43 14.53 26.08
C MET A 333 -26.86 15.89 25.55
N ASN A 334 -27.96 16.43 26.08
CA ASN A 334 -28.34 17.78 25.67
C ASN A 334 -27.52 18.86 26.35
N THR A 335 -26.93 18.59 27.51
CA THR A 335 -26.31 19.67 28.28
C THR A 335 -24.82 19.48 28.54
N LEU A 336 -24.05 18.85 27.64
CA LEU A 336 -22.59 18.71 27.90
C LEU A 336 -21.83 18.59 26.58
N GLU A 337 -20.94 19.58 26.34
CA GLU A 337 -20.28 19.76 25.05
C GLU A 337 -18.79 19.95 25.22
N SER A 338 -18.18 19.26 26.18
CA SER A 338 -16.76 19.44 26.43
C SER A 338 -16.14 18.10 26.79
N GLU A 339 -14.93 17.87 26.28
CA GLU A 339 -14.22 16.62 26.54
C GLU A 339 -14.22 16.28 28.02
N GLU A 340 -14.09 17.29 28.87
CA GLU A 340 -14.14 17.05 30.31
C GLU A 340 -15.45 16.39 30.72
N ASP A 341 -16.56 16.92 30.24
CA ASP A 341 -17.85 16.38 30.65
C ASP A 341 -18.05 14.97 30.11
N PHE A 342 -17.72 14.75 28.84
CA PHE A 342 -17.85 13.41 28.31
C PHE A 342 -16.99 12.44 29.08
N ARG A 343 -15.80 12.86 29.49
CA ARG A 343 -14.99 11.99 30.33
C ARG A 343 -15.68 11.74 31.65
N LYS A 344 -16.45 12.70 32.13
CA LYS A 344 -17.18 12.46 33.36
C LYS A 344 -18.27 11.41 33.17
N TYR A 345 -18.87 11.34 31.98
CA TYR A 345 -20.02 10.45 31.80
C TYR A 345 -19.75 9.20 30.98
N PHE A 346 -18.85 9.23 30.02
CA PHE A 346 -18.50 8.05 29.27
C PHE A 346 -17.12 7.60 29.67
N TYR A 347 -16.74 6.40 29.24
CA TYR A 347 -15.49 5.80 29.66
C TYR A 347 -14.43 6.07 28.60
N TYR A 348 -13.44 6.85 28.95
CA TYR A 348 -12.34 7.19 28.05
C TYR A 348 -11.08 6.49 28.49
N LEU A 349 -10.40 5.83 27.57
CA LEU A 349 -9.07 5.34 27.84
C LEU A 349 -8.15 6.53 28.09
N GLU A 350 -7.28 6.39 29.08
CA GLU A 350 -6.43 7.50 29.47
C GLU A 350 -5.62 7.99 28.28
N GLY A 351 -5.60 9.31 28.10
CA GLY A 351 -4.81 9.90 27.06
C GLY A 351 -5.41 9.85 25.68
N SER A 352 -6.65 9.40 25.55
CA SER A 352 -7.30 9.30 24.26
C SER A 352 -8.27 10.45 24.05
N LYS A 353 -8.63 10.66 22.78
CA LYS A 353 -9.54 11.73 22.42
C LYS A 353 -10.97 11.27 22.19
N ASP A 354 -11.17 10.01 21.84
CA ASP A 354 -12.50 9.49 21.61
C ASP A 354 -12.89 8.52 22.71
N ALA A 355 -14.18 8.42 22.97
CA ALA A 355 -14.64 7.46 23.94
C ALA A 355 -14.37 6.05 23.44
N LEU A 356 -14.35 5.11 24.36
CA LEU A 356 -14.05 3.73 24.01
C LEU A 356 -15.26 3.08 23.37
N LEU A 357 -15.06 2.39 22.26
CA LEU A 357 -16.14 1.69 21.59
C LEU A 357 -16.42 0.36 22.26
N CYS A 358 -17.70 0.04 22.42
CA CYS A 358 -18.10 -1.23 22.99
C CYS A 358 -19.00 -1.95 22.02
N GLY A 359 -19.50 -3.10 22.43
CA GLY A 359 -20.35 -3.90 21.57
C GLY A 359 -21.36 -4.68 22.40
N PHE A 360 -22.35 -5.20 21.70
CA PHE A 360 -23.39 -5.97 22.38
C PHE A 360 -23.14 -7.47 22.33
N SER A 361 -22.36 -7.95 21.37
CA SER A 361 -22.13 -9.37 21.22
C SER A 361 -21.19 -9.85 22.32
N THR A 362 -20.76 -11.10 22.23
CA THR A 362 -19.81 -11.63 23.18
C THR A 362 -18.38 -11.51 22.69
N ASP A 363 -18.18 -11.31 21.40
CA ASP A 363 -16.85 -11.19 20.81
C ASP A 363 -16.55 -9.76 20.40
N SER A 364 -17.09 -8.80 21.11
CA SER A 364 -16.81 -7.40 20.87
C SER A 364 -16.17 -6.80 22.12
N GLY A 365 -15.98 -5.49 22.10
CA GLY A 365 -15.42 -4.81 23.24
C GLY A 365 -16.25 -5.04 24.48
N GLN A 366 -15.66 -4.71 25.62
CA GLN A 366 -16.31 -4.96 26.89
C GLN A 366 -16.28 -3.70 27.74
N CYS A 367 -17.43 -3.25 28.17
CA CYS A 367 -17.39 -2.10 29.04
C CYS A 367 -16.98 -2.53 30.44
N PRO A 368 -16.22 -1.70 31.15
CA PRO A 368 -15.87 -2.02 32.52
C PRO A 368 -17.10 -2.11 33.40
N GLU A 369 -16.97 -2.81 34.51
CA GLU A 369 -18.08 -2.99 35.41
C GLU A 369 -18.55 -1.63 35.91
N GLY A 370 -19.83 -1.35 35.75
CA GLY A 370 -20.38 -0.07 36.12
C GLY A 370 -20.75 0.80 34.95
N TYR A 371 -20.45 0.36 33.74
CA TYR A 371 -20.81 1.05 32.52
C TYR A 371 -21.63 0.13 31.67
N THR A 372 -22.38 0.69 30.73
CA THR A 372 -23.16 -0.13 29.82
C THR A 372 -23.08 0.45 28.41
N CYS A 373 -23.22 -0.44 27.43
CA CYS A 373 -23.01 -0.06 26.04
C CYS A 373 -24.28 0.56 25.48
N VAL A 374 -24.12 1.70 24.81
CA VAL A 374 -25.26 2.44 24.28
C VAL A 374 -24.81 3.12 23.01
N LYS A 375 -25.76 3.33 22.10
CA LYS A 375 -25.46 3.97 20.82
C LYS A 375 -25.90 5.42 20.90
N ILE A 376 -24.92 6.33 21.00
CA ILE A 376 -25.21 7.75 21.19
C ILE A 376 -23.94 8.52 20.87
N GLY A 377 -24.08 9.80 20.61
CA GLY A 377 -22.92 10.65 20.43
C GLY A 377 -22.44 10.69 18.99
N ARG A 378 -21.16 10.98 18.84
CA ARG A 378 -20.55 11.17 17.54
C ARG A 378 -19.54 10.09 17.23
N ASN A 379 -19.27 9.91 15.94
CA ASN A 379 -18.31 8.92 15.50
C ASN A 379 -16.91 9.34 15.91
N PRO A 380 -15.94 8.44 15.83
CA PRO A 380 -14.57 8.79 16.18
C PRO A 380 -13.91 9.63 15.10
N ASP A 381 -12.70 10.09 15.40
CA ASP A 381 -11.91 10.92 14.50
C ASP A 381 -12.69 12.15 14.06
N TYR A 382 -13.06 12.97 15.03
CA TYR A 382 -13.81 14.19 14.78
C TYR A 382 -15.14 13.90 14.13
N GLY A 383 -15.48 12.64 13.96
CA GLY A 383 -16.70 12.26 13.29
C GLY A 383 -16.53 11.89 11.85
N TYR A 384 -15.32 11.84 11.34
CA TYR A 384 -15.08 11.55 9.95
C TYR A 384 -14.92 10.07 9.68
N THR A 385 -15.07 9.22 10.67
CA THR A 385 -14.94 7.79 10.49
C THR A 385 -16.26 7.15 10.83
N SER A 386 -16.96 6.64 9.83
CA SER A 386 -18.28 6.10 10.08
C SER A 386 -18.72 5.31 8.85
N PHE A 387 -19.83 4.62 9.01
CA PHE A 387 -20.56 4.01 7.92
C PHE A 387 -21.99 4.51 7.90
N ASP A 388 -22.21 5.73 8.37
CA ASP A 388 -23.58 6.16 8.60
C ASP A 388 -24.28 6.57 7.32
N THR A 389 -23.57 7.22 6.41
CA THR A 389 -24.14 7.60 5.13
C THR A 389 -23.32 6.97 4.03
N PHE A 390 -23.84 7.05 2.81
CA PHE A 390 -23.13 6.43 1.71
C PHE A 390 -21.81 7.12 1.44
N SER A 391 -21.77 8.44 1.60
CA SER A 391 -20.55 9.16 1.30
C SER A 391 -19.44 8.80 2.28
N TRP A 392 -19.75 8.77 3.57
CA TRP A 392 -18.72 8.39 4.53
C TRP A 392 -18.28 6.96 4.35
N ALA A 393 -19.21 6.06 4.05
CA ALA A 393 -18.81 4.68 3.77
C ALA A 393 -17.90 4.61 2.57
N PHE A 394 -18.20 5.41 1.54
CA PHE A 394 -17.34 5.44 0.38
C PHE A 394 -15.96 5.92 0.73
N LEU A 395 -15.88 6.96 1.55
CA LEU A 395 -14.57 7.45 1.97
C LEU A 395 -13.81 6.38 2.72
N ALA A 396 -14.47 5.72 3.66
CA ALA A 396 -13.80 4.68 4.44
C ALA A 396 -13.32 3.55 3.55
N LEU A 397 -14.09 3.22 2.53
CA LEU A 397 -13.66 2.11 1.66
C LEU A 397 -12.49 2.55 0.82
N PHE A 398 -12.53 3.77 0.32
CA PHE A 398 -11.37 4.23 -0.42
C PHE A 398 -10.12 4.17 0.44
N ARG A 399 -10.24 4.58 1.69
CA ARG A 399 -9.12 4.47 2.62
C ARG A 399 -8.68 3.03 2.77
N LEU A 400 -9.62 2.10 2.81
CA LEU A 400 -9.26 0.70 2.89
C LEU A 400 -8.57 0.23 1.63
N MET A 401 -8.99 0.71 0.47
CA MET A 401 -8.37 0.28 -0.77
C MET A 401 -6.92 0.75 -0.84
N THR A 402 -6.68 2.02 -0.54
CA THR A 402 -5.30 2.48 -0.58
C THR A 402 -4.51 2.05 0.65
N GLN A 403 -5.14 1.41 1.63
CA GLN A 403 -4.46 0.91 2.81
C GLN A 403 -3.76 2.04 3.58
N ASP A 404 -4.53 3.06 3.90
CA ASP A 404 -4.01 4.20 4.64
C ASP A 404 -4.56 4.12 6.06
N TYR A 405 -3.69 3.68 6.97
CA TYR A 405 -4.01 3.55 8.40
C TYR A 405 -5.28 2.74 8.52
N TRP A 406 -5.46 1.79 7.63
CA TRP A 406 -6.65 0.97 7.63
C TRP A 406 -6.72 0.06 8.83
N GLU A 407 -5.60 -0.20 9.49
CA GLU A 407 -5.66 -1.10 10.63
C GLU A 407 -6.47 -0.50 11.76
N ASN A 408 -6.53 0.81 11.83
CA ASN A 408 -7.34 1.43 12.88
C ASN A 408 -8.81 1.25 12.60
N LEU A 409 -9.23 1.45 11.35
CA LEU A 409 -10.60 1.16 10.99
C LEU A 409 -10.93 -0.28 11.26
N TYR A 410 -10.02 -1.18 10.89
CA TYR A 410 -10.16 -2.59 11.18
C TYR A 410 -10.44 -2.85 12.65
N GLN A 411 -9.60 -2.31 13.51
CA GLN A 411 -9.74 -2.58 14.94
C GLN A 411 -11.02 -1.96 15.49
N GLN A 412 -11.33 -0.74 15.09
CA GLN A 412 -12.55 -0.11 15.59
C GLN A 412 -13.77 -0.92 15.18
N THR A 413 -13.86 -1.29 13.92
CA THR A 413 -15.03 -2.02 13.47
C THR A 413 -15.14 -3.36 14.13
N LEU A 414 -14.02 -4.06 14.29
CA LEU A 414 -14.08 -5.34 14.97
C LEU A 414 -14.46 -5.19 16.42
N ARG A 415 -14.10 -4.09 17.05
CA ARG A 415 -14.43 -3.91 18.44
C ARG A 415 -15.87 -3.52 18.64
N ALA A 416 -16.46 -2.78 17.72
CA ALA A 416 -17.83 -2.35 17.89
C ALA A 416 -18.85 -3.33 17.35
N ALA A 417 -18.47 -4.20 16.42
CA ALA A 417 -19.39 -5.16 15.83
C ALA A 417 -19.13 -6.58 16.26
N GLY A 418 -17.89 -6.99 16.38
CA GLY A 418 -17.55 -8.34 16.77
C GLY A 418 -16.44 -8.86 15.90
N LYS A 419 -15.83 -9.94 16.35
CA LYS A 419 -14.67 -10.46 15.67
C LYS A 419 -15.02 -11.26 14.44
N THR A 420 -16.23 -11.76 14.34
CA THR A 420 -16.60 -12.57 13.20
C THR A 420 -16.69 -11.77 11.92
N TYR A 421 -16.69 -10.44 12.00
CA TYR A 421 -16.68 -9.61 10.82
C TYR A 421 -15.29 -9.41 10.26
N MET A 422 -14.31 -10.14 10.77
CA MET A 422 -13.02 -10.16 10.12
C MET A 422 -13.13 -10.57 8.67
N ILE A 423 -14.14 -11.37 8.35
CA ILE A 423 -14.31 -11.86 6.99
C ILE A 423 -14.52 -10.73 6.01
N PHE A 424 -15.31 -9.74 6.41
CA PHE A 424 -15.51 -8.58 5.56
C PHE A 424 -14.18 -7.97 5.17
N PHE A 425 -13.32 -7.76 6.14
CA PHE A 425 -12.06 -7.08 5.85
C PHE A 425 -11.15 -7.99 5.05
N VAL A 426 -11.21 -9.30 5.23
CA VAL A 426 -10.40 -10.19 4.41
C VAL A 426 -10.75 -10.03 2.93
N VAL A 427 -12.02 -10.11 2.59
CA VAL A 427 -12.44 -10.02 1.18
C VAL A 427 -12.05 -8.68 0.56
N VAL A 428 -12.50 -7.62 1.23
CA VAL A 428 -12.20 -6.28 0.77
C VAL A 428 -10.73 -6.24 0.50
N ILE A 429 -9.84 -6.29 1.47
CA ILE A 429 -8.40 -6.18 1.15
C ILE A 429 -8.00 -6.95 -0.11
N PHE A 430 -8.00 -8.26 -0.10
CA PHE A 430 -7.58 -8.94 -1.32
C PHE A 430 -8.33 -8.50 -2.59
N LEU A 431 -9.56 -8.98 -2.77
CA LEU A 431 -10.30 -8.66 -4.00
C LEU A 431 -10.47 -7.18 -4.31
N GLY A 432 -10.32 -6.33 -3.31
CA GLY A 432 -10.36 -4.90 -3.56
C GLY A 432 -8.96 -4.36 -3.67
N SER A 433 -8.36 -3.99 -2.54
CA SER A 433 -7.04 -3.38 -2.55
C SER A 433 -6.01 -4.06 -3.43
N PHE A 434 -5.73 -5.33 -3.19
CA PHE A 434 -4.67 -6.01 -3.94
C PHE A 434 -4.99 -6.23 -5.41
N TYR A 435 -6.25 -6.45 -5.76
CA TYR A 435 -6.62 -6.71 -7.14
C TYR A 435 -6.63 -5.42 -7.95
N LEU A 436 -7.03 -4.32 -7.36
CA LEU A 436 -7.12 -3.05 -8.10
C LEU A 436 -5.77 -2.37 -8.33
N ILE A 437 -4.91 -2.32 -7.33
CA ILE A 437 -3.57 -1.77 -7.45
C ILE A 437 -2.88 -2.46 -8.60
N ASN A 438 -3.00 -3.78 -8.65
CA ASN A 438 -2.30 -4.55 -9.65
C ASN A 438 -2.97 -4.32 -10.96
N LEU A 439 -4.30 -4.15 -10.91
CA LEU A 439 -4.89 -3.83 -12.21
C LEU A 439 -4.37 -2.51 -12.72
N ILE A 440 -4.31 -1.51 -11.85
CA ILE A 440 -3.78 -0.22 -12.25
C ILE A 440 -2.35 -0.36 -12.70
N LEU A 441 -1.55 -1.07 -11.91
CA LEU A 441 -0.17 -1.35 -12.30
C LEU A 441 -0.12 -1.95 -13.69
N ALA A 442 -0.92 -2.97 -13.93
CA ALA A 442 -0.83 -3.70 -15.19
C ALA A 442 -1.18 -2.80 -16.36
N VAL A 443 -2.23 -2.00 -16.21
CA VAL A 443 -2.64 -1.18 -17.33
C VAL A 443 -1.60 -0.12 -17.62
N VAL A 444 -1.07 0.51 -16.59
CA VAL A 444 -0.03 1.50 -16.82
C VAL A 444 1.16 0.86 -17.50
N ALA A 445 1.56 -0.32 -17.03
CA ALA A 445 2.73 -0.96 -17.60
C ALA A 445 2.52 -1.31 -19.06
N MET A 446 1.35 -1.82 -19.40
CA MET A 446 1.11 -2.21 -20.79
C MET A 446 1.05 -0.99 -21.68
N ALA A 447 0.37 0.08 -21.24
CA ALA A 447 0.34 1.29 -22.02
C ALA A 447 1.75 1.80 -22.27
N TYR A 448 2.55 1.85 -21.22
CA TYR A 448 3.90 2.38 -21.37
C TYR A 448 4.74 1.51 -22.27
N LYS A 449 4.62 0.18 -22.13
CA LYS A 449 5.43 -0.71 -22.95
C LYS A 449 5.07 -0.56 -24.41
N GLU A 450 3.77 -0.52 -24.72
CA GLU A 450 3.35 -0.29 -26.09
C GLU A 450 3.92 1.02 -26.61
N GLN A 451 3.78 2.09 -25.83
CA GLN A 451 4.27 3.40 -26.27
C GLN A 451 5.75 3.36 -26.57
N ASN A 452 6.52 2.87 -25.61
CA ASN A 452 7.97 2.83 -25.80
C ASN A 452 8.30 2.01 -27.04
N GLN A 453 7.75 0.80 -27.16
CA GLN A 453 8.15 -0.05 -28.29
C GLN A 453 7.76 0.60 -29.60
N ALA A 454 6.64 1.33 -29.63
CA ALA A 454 6.29 2.08 -30.82
C ALA A 454 7.36 3.11 -31.14
N ASN A 455 7.78 3.89 -30.14
CA ASN A 455 8.82 4.89 -30.37
C ASN A 455 10.10 4.23 -30.88
N ILE A 456 10.44 3.07 -30.32
CA ILE A 456 11.72 2.47 -30.66
C ILE A 456 11.69 1.87 -32.05
N GLU A 457 10.58 1.25 -32.43
CA GLU A 457 10.49 0.75 -33.80
C GLU A 457 10.46 1.90 -34.80
N GLU A 458 9.84 3.02 -34.43
CA GLU A 458 9.92 4.19 -35.30
C GLU A 458 11.34 4.70 -35.38
N ALA A 459 12.10 4.61 -34.30
CA ALA A 459 13.49 5.06 -34.34
C ALA A 459 14.33 4.16 -35.24
N LYS A 460 14.07 2.86 -35.22
CA LYS A 460 14.72 1.97 -36.19
C LYS A 460 14.36 2.38 -37.61
N GLN A 461 13.09 2.66 -37.86
CA GLN A 461 12.68 3.09 -39.20
C GLN A 461 13.40 4.37 -39.61
N LYS A 462 13.46 5.33 -38.70
CA LYS A 462 14.11 6.63 -39.03
C LYS A 462 15.59 6.41 -39.32
N GLU A 463 16.31 5.66 -38.47
CA GLU A 463 17.73 5.47 -38.72
C GLU A 463 17.96 4.70 -40.00
N LEU A 464 17.06 3.77 -40.34
CA LEU A 464 17.08 3.15 -41.66
C LEU A 464 16.98 4.19 -42.75
N GLU A 465 16.03 5.12 -42.61
CA GLU A 465 15.87 6.17 -43.63
C GLU A 465 17.11 7.05 -43.72
N PHE A 466 17.75 7.32 -42.58
CA PHE A 466 18.98 8.11 -42.60
C PHE A 466 20.09 7.38 -43.35
N GLN A 467 20.23 6.08 -43.12
CA GLN A 467 21.22 5.31 -43.86
C GLN A 467 20.91 5.29 -45.35
N GLN A 468 19.62 5.19 -45.71
CA GLN A 468 19.26 5.24 -47.12
C GLN A 468 19.59 6.60 -47.73
N MET A 469 19.41 7.67 -46.95
CA MET A 469 19.82 9.00 -47.42
C MET A 469 21.33 9.06 -47.63
N LEU A 470 22.08 8.38 -46.76
CA LEU A 470 23.52 8.28 -46.95
C LEU A 470 23.86 7.63 -48.28
N ASP A 471 23.00 6.74 -48.77
CA ASP A 471 23.18 6.15 -50.09
C ASP A 471 22.72 7.12 -51.17
N PRO A 771 62.58 16.17 -17.04
CA PRO A 771 63.73 15.27 -17.23
C PRO A 771 63.65 14.05 -16.31
N TYR A 772 64.51 14.03 -15.30
CA TYR A 772 64.44 12.98 -14.28
C TYR A 772 63.06 12.96 -13.63
N TRP A 773 62.43 14.13 -13.48
CA TRP A 773 61.06 14.17 -12.99
C TRP A 773 60.13 13.37 -13.90
N ILE A 774 60.28 13.55 -15.21
CA ILE A 774 59.45 12.78 -16.14
C ILE A 774 59.87 11.32 -16.15
N LYS A 775 61.16 11.05 -15.90
CA LYS A 775 61.62 9.67 -15.74
C LYS A 775 60.85 8.96 -14.63
N PHE A 776 60.80 9.58 -13.45
CA PHE A 776 60.06 8.95 -12.37
C PHE A 776 58.56 9.12 -12.54
N LYS A 777 58.11 10.05 -13.37
CA LYS A 777 56.71 10.05 -13.80
C LYS A 777 56.35 8.75 -14.48
N LYS A 778 57.18 8.32 -15.43
CA LYS A 778 56.92 7.08 -16.13
C LYS A 778 57.06 5.87 -15.20
N CYS A 779 58.11 5.85 -14.39
CA CYS A 779 58.25 4.74 -13.46
C CYS A 779 57.10 4.69 -12.46
N ILE A 780 56.55 5.86 -12.10
CA ILE A 780 55.40 5.90 -11.19
C ILE A 780 54.15 5.39 -11.90
N TYR A 781 53.94 5.86 -13.13
CA TYR A 781 52.80 5.39 -13.91
C TYR A 781 52.68 3.91 -13.70
N PHE A 782 53.76 3.18 -13.93
CA PHE A 782 53.75 1.74 -13.75
C PHE A 782 53.21 1.37 -12.39
N ILE A 783 53.84 1.90 -11.33
CA ILE A 783 53.40 1.57 -9.96
C ILE A 783 51.95 1.91 -9.71
N VAL A 784 51.53 3.12 -10.10
CA VAL A 784 50.16 3.55 -9.78
C VAL A 784 49.09 2.80 -10.61
N MET A 785 49.49 2.19 -11.73
CA MET A 785 48.54 1.42 -12.52
C MET A 785 48.57 -0.06 -12.15
N ASP A 786 49.64 -0.48 -11.49
CA ASP A 786 49.78 -1.89 -11.09
C ASP A 786 48.46 -2.64 -10.77
N PRO A 787 48.33 -3.82 -11.35
CA PRO A 787 47.06 -4.52 -11.11
C PRO A 787 46.86 -5.01 -9.68
N PHE A 788 47.71 -4.57 -8.76
CA PHE A 788 47.60 -4.99 -7.38
C PHE A 788 47.27 -3.81 -6.49
N VAL A 789 47.82 -2.65 -6.80
CA VAL A 789 47.57 -1.45 -5.99
C VAL A 789 46.08 -1.09 -5.99
N ASP A 790 45.41 -1.22 -7.12
CA ASP A 790 43.98 -0.91 -7.20
C ASP A 790 43.17 -1.85 -6.32
N LEU A 791 43.50 -3.15 -6.37
CA LEU A 791 42.81 -4.11 -5.52
C LEU A 791 43.06 -3.78 -4.06
N ALA A 792 44.28 -3.37 -3.75
CA ALA A 792 44.61 -3.02 -2.38
C ALA A 792 43.74 -1.86 -1.94
N ILE A 793 43.61 -0.84 -2.78
CA ILE A 793 42.79 0.32 -2.44
C ILE A 793 41.32 -0.07 -2.29
N THR A 794 40.83 -1.00 -3.10
CA THR A 794 39.45 -1.45 -2.94
C THR A 794 39.24 -2.23 -1.64
N ILE A 795 40.22 -3.01 -1.20
CA ILE A 795 40.05 -3.68 0.10
C ILE A 795 40.20 -2.67 1.23
N CYS A 796 40.98 -1.61 1.00
CA CYS A 796 41.20 -0.58 2.01
C CYS A 796 39.92 0.16 2.21
N ILE A 797 39.21 0.41 1.12
CA ILE A 797 37.91 1.06 1.24
C ILE A 797 37.00 0.25 2.14
N VAL A 798 36.93 -1.06 1.88
CA VAL A 798 36.04 -1.91 2.66
C VAL A 798 36.46 -1.91 4.12
N LEU A 799 37.76 -1.99 4.38
CA LEU A 799 38.23 -1.93 5.75
C LEU A 799 37.88 -0.61 6.39
N ASN A 800 37.94 0.48 5.63
CA ASN A 800 37.65 1.78 6.22
C ASN A 800 36.19 1.89 6.60
N THR A 801 35.28 1.45 5.73
CA THR A 801 33.87 1.52 6.09
C THR A 801 33.56 0.60 7.26
N LEU A 802 34.09 -0.63 7.23
CA LEU A 802 33.86 -1.53 8.35
C LEU A 802 34.46 -0.99 9.63
N PHE A 803 35.48 -0.15 9.51
CA PHE A 803 36.04 0.50 10.68
C PHE A 803 35.10 1.56 11.22
N MET A 804 34.60 2.40 10.32
CA MET A 804 33.66 3.44 10.76
C MET A 804 32.40 2.83 11.35
N ALA A 805 32.00 1.66 10.87
CA ALA A 805 30.78 1.05 11.33
C ALA A 805 30.83 0.60 12.78
N MET A 806 31.99 0.62 13.42
CA MET A 806 32.08 0.23 14.81
C MET A 806 31.84 1.40 15.75
N GLU A 807 31.04 2.35 15.31
CA GLU A 807 30.79 3.58 16.06
C GLU A 807 29.44 3.47 16.74
N HIS A 808 29.42 3.41 18.06
CA HIS A 808 28.18 3.25 18.82
C HIS A 808 28.12 4.31 19.89
N HIS A 809 26.96 4.48 20.51
CA HIS A 809 26.88 5.60 21.43
C HIS A 809 27.62 5.37 22.73
N PRO A 810 27.23 4.40 23.57
CA PRO A 810 27.83 4.35 24.89
C PRO A 810 29.27 3.91 24.79
N MET A 811 30.15 4.81 24.37
CA MET A 811 31.47 4.45 23.91
C MET A 811 32.53 5.08 24.82
N THR A 812 33.43 4.24 25.32
CA THR A 812 34.54 4.73 26.11
C THR A 812 35.42 5.66 25.28
N GLU A 813 36.21 6.49 25.95
CA GLU A 813 36.95 7.52 25.24
C GLU A 813 38.07 6.92 24.40
N GLU A 814 38.75 5.89 24.91
CA GLU A 814 39.86 5.30 24.18
C GLU A 814 39.38 4.73 22.85
N PHE A 815 38.15 4.24 22.87
CA PHE A 815 37.58 3.74 21.60
C PHE A 815 37.52 4.94 20.68
N LYS A 816 37.08 6.09 21.17
CA LYS A 816 36.93 7.27 20.32
C LYS A 816 38.27 7.64 19.70
N ASN A 817 39.34 7.62 20.49
CA ASN A 817 40.64 7.99 19.93
C ASN A 817 41.12 6.95 18.92
N VAL A 818 40.87 5.67 19.21
CA VAL A 818 41.17 4.63 18.23
C VAL A 818 40.53 4.97 16.90
N LEU A 819 39.23 5.25 16.93
CA LEU A 819 38.52 5.51 15.69
C LEU A 819 39.04 6.76 15.00
N ALA A 820 39.38 7.79 15.78
CA ALA A 820 39.87 9.02 15.17
C ALA A 820 41.18 8.77 14.44
N ILE A 821 42.13 8.09 15.09
CA ILE A 821 43.42 7.87 14.44
C ILE A 821 43.27 6.94 13.25
N GLY A 822 42.36 5.97 13.33
CA GLY A 822 42.13 5.10 12.18
C GLY A 822 41.60 5.86 10.99
N ASN A 823 40.63 6.75 11.23
CA ASN A 823 40.11 7.55 10.12
C ASN A 823 41.21 8.43 9.54
N LEU A 824 42.10 8.94 10.39
CA LEU A 824 43.19 9.73 9.86
C LEU A 824 44.13 8.91 9.00
N VAL A 825 44.43 7.68 9.43
CA VAL A 825 45.29 6.80 8.64
C VAL A 825 44.66 6.57 7.26
N PHE A 826 43.37 6.27 7.23
CA PHE A 826 42.73 5.98 5.96
C PHE A 826 42.70 7.22 5.07
N THR A 827 42.45 8.39 5.66
CA THR A 827 42.51 9.63 4.89
C THR A 827 43.89 9.81 4.28
N GLY A 828 44.93 9.55 5.06
CA GLY A 828 46.28 9.63 4.53
C GLY A 828 46.49 8.71 3.34
N ILE A 829 46.07 7.46 3.49
CA ILE A 829 46.23 6.49 2.40
C ILE A 829 45.57 6.99 1.13
N PHE A 830 44.30 7.35 1.23
CA PHE A 830 43.55 7.71 0.03
C PHE A 830 44.09 8.99 -0.59
N ALA A 831 44.46 9.98 0.23
CA ALA A 831 45.00 11.21 -0.32
C ALA A 831 46.33 10.96 -1.02
N ALA A 832 47.18 10.10 -0.45
CA ALA A 832 48.42 9.75 -1.09
C ALA A 832 48.18 9.14 -2.47
N GLU A 833 47.26 8.17 -2.53
CA GLU A 833 46.99 7.53 -3.82
C GLU A 833 46.41 8.52 -4.81
N MET A 834 45.57 9.45 -4.34
CA MET A 834 45.04 10.46 -5.23
C MET A 834 46.15 11.32 -5.80
N VAL A 835 47.12 11.69 -4.98
CA VAL A 835 48.26 12.48 -5.46
C VAL A 835 49.09 11.71 -6.49
N LEU A 836 49.35 10.43 -6.23
CA LEU A 836 50.15 9.62 -7.15
C LEU A 836 49.51 9.53 -8.53
N LYS A 837 48.21 9.29 -8.57
CA LYS A 837 47.51 9.24 -9.85
C LYS A 837 47.68 10.56 -10.57
N LEU A 838 47.44 11.66 -9.87
CA LEU A 838 47.56 13.00 -10.47
C LEU A 838 48.97 13.32 -11.00
N ILE A 839 50.00 12.76 -10.36
CA ILE A 839 51.37 12.98 -10.87
C ILE A 839 51.77 12.04 -12.01
N ALA A 840 51.23 10.82 -12.06
CA ALA A 840 51.55 9.93 -13.19
C ALA A 840 50.68 10.30 -14.37
N MET A 841 49.39 10.08 -14.22
CA MET A 841 48.44 10.47 -15.25
C MET A 841 48.43 11.99 -15.33
N ASP A 842 48.47 12.54 -16.53
CA ASP A 842 48.42 13.99 -16.67
C ASP A 842 47.12 14.51 -16.08
N PRO A 843 47.15 15.64 -15.39
CA PRO A 843 45.95 16.18 -14.74
C PRO A 843 44.71 16.21 -15.62
N TYR A 844 44.83 16.62 -16.88
CA TYR A 844 43.66 16.63 -17.76
C TYR A 844 43.12 15.22 -17.94
N GLU A 845 44.00 14.27 -18.25
CA GLU A 845 43.58 12.88 -18.38
C GLU A 845 43.01 12.36 -17.08
N TYR A 846 43.55 12.83 -15.95
CA TYR A 846 42.98 12.45 -14.65
C TYR A 846 41.55 12.92 -14.54
N PHE A 847 41.32 14.20 -14.69
CA PHE A 847 39.97 14.74 -14.58
C PHE A 847 39.09 14.36 -15.71
N GLN A 848 39.59 13.60 -16.67
CA GLN A 848 38.70 13.08 -17.71
C GLN A 848 37.75 12.02 -17.15
N VAL A 849 38.24 11.16 -16.27
CA VAL A 849 37.46 10.01 -15.81
C VAL A 849 36.57 10.42 -14.65
N GLY A 850 35.36 9.85 -14.61
CA GLY A 850 34.40 10.24 -13.60
C GLY A 850 34.79 9.79 -12.20
N TRP A 851 35.24 8.55 -12.07
CA TRP A 851 35.63 8.06 -10.75
C TRP A 851 36.77 8.87 -10.18
N ASN A 852 37.67 9.36 -11.02
CA ASN A 852 38.77 10.17 -10.52
C ASN A 852 38.25 11.43 -9.88
N ILE A 853 37.33 12.12 -10.55
CA ILE A 853 36.80 13.35 -9.95
C ILE A 853 35.97 13.02 -8.72
N PHE A 854 35.28 11.89 -8.74
CA PHE A 854 34.51 11.44 -7.59
C PHE A 854 35.39 11.34 -6.35
N ASP A 855 36.36 10.42 -6.41
CA ASP A 855 37.33 10.27 -5.34
C ASP A 855 38.02 11.59 -5.02
N SER A 856 38.21 12.44 -6.03
CA SER A 856 38.88 13.70 -5.80
C SER A 856 38.08 14.59 -4.86
N LEU A 857 36.82 14.85 -5.22
CA LEU A 857 35.96 15.64 -4.37
C LEU A 857 35.92 15.08 -2.97
N ILE A 858 35.80 13.75 -2.84
CA ILE A 858 35.60 13.20 -1.50
C ILE A 858 36.86 13.38 -0.65
N VAL A 859 38.03 13.06 -1.21
CA VAL A 859 39.25 13.19 -0.41
C VAL A 859 39.53 14.66 -0.12
N THR A 860 39.17 15.56 -1.04
CA THR A 860 39.35 16.98 -0.77
C THR A 860 38.47 17.45 0.37
N LEU A 861 37.22 16.99 0.40
CA LEU A 861 36.34 17.37 1.50
C LEU A 861 36.88 16.85 2.82
N SER A 862 37.39 15.61 2.82
CA SER A 862 38.02 15.08 4.02
C SER A 862 39.12 16.00 4.51
N LEU A 863 40.04 16.36 3.61
CA LEU A 863 41.14 17.23 3.99
C LEU A 863 40.63 18.57 4.50
N VAL A 864 39.61 19.13 3.83
CA VAL A 864 39.09 20.44 4.21
C VAL A 864 38.55 20.40 5.63
N GLU A 865 37.75 19.38 5.96
CA GLU A 865 37.27 19.28 7.32
C GLU A 865 38.41 19.02 8.29
N LEU A 866 39.47 18.36 7.84
CA LEU A 866 40.66 18.23 8.67
C LEU A 866 41.37 19.55 8.89
N PHE A 867 40.93 20.54 8.09
CA PHE A 867 41.41 21.95 8.05
C PHE A 867 40.89 22.76 9.24
N LEU A 868 40.31 22.07 10.21
CA LEU A 868 39.81 22.68 11.44
C LEU A 868 38.85 23.79 11.06
N ALA A 869 38.33 23.78 9.83
CA ALA A 869 37.37 24.78 9.41
C ALA A 869 36.03 24.66 10.13
N ASP A 870 35.89 23.66 11.01
CA ASP A 870 34.71 23.50 11.85
C ASP A 870 33.45 23.36 11.02
N VAL A 871 33.42 22.29 10.22
CA VAL A 871 32.21 21.88 9.51
C VAL A 871 31.46 20.78 10.25
N GLU A 872 32.16 19.70 10.59
CA GLU A 872 31.64 18.66 11.47
C GLU A 872 30.31 18.10 10.97
N GLY A 873 30.09 18.16 9.67
CA GLY A 873 28.88 17.62 9.07
C GLY A 873 29.12 16.77 7.84
N LEU A 874 30.25 16.92 7.16
CA LEU A 874 30.53 16.19 5.94
C LEU A 874 31.55 15.09 6.13
N SER A 875 32.23 15.04 7.29
CA SER A 875 33.14 13.94 7.56
C SER A 875 32.45 12.60 7.41
N VAL A 876 31.13 12.57 7.61
CA VAL A 876 30.38 11.34 7.40
C VAL A 876 30.39 10.96 5.93
N LEU A 877 30.54 11.92 5.03
CA LEU A 877 30.33 11.64 3.61
C LEU A 877 31.47 10.84 3.00
N ARG A 878 32.56 10.60 3.72
CA ARG A 878 33.54 9.65 3.22
C ARG A 878 32.90 8.29 2.98
N SER A 879 31.88 7.96 3.77
CA SER A 879 31.21 6.68 3.66
C SER A 879 30.57 6.46 2.29
N PHE A 880 30.53 7.47 1.44
CA PHE A 880 30.01 7.28 0.10
C PHE A 880 31.03 6.68 -0.83
N ARG A 881 32.18 6.28 -0.33
CA ARG A 881 33.29 5.95 -1.20
C ARG A 881 33.26 4.51 -1.66
N LEU A 882 32.49 3.67 -1.01
CA LEU A 882 32.59 2.25 -1.41
C LEU A 882 31.94 2.01 -2.77
N LEU A 883 31.17 2.97 -3.29
CA LEU A 883 30.53 2.78 -4.58
C LEU A 883 31.58 2.41 -5.62
N ARG A 884 32.85 2.66 -5.32
CA ARG A 884 33.91 2.22 -6.19
C ARG A 884 34.01 0.71 -6.26
N VAL A 885 33.46 0.00 -5.27
CA VAL A 885 33.45 -1.46 -5.35
C VAL A 885 32.59 -1.95 -6.49
N PHE A 886 31.75 -1.08 -7.06
CA PHE A 886 30.97 -1.50 -8.21
C PHE A 886 31.85 -1.57 -9.44
N LYS A 887 32.87 -0.72 -9.50
CA LYS A 887 33.84 -0.80 -10.58
C LYS A 887 34.45 -2.19 -10.62
N LEU A 888 35.13 -2.58 -9.55
CA LEU A 888 35.74 -3.90 -9.46
C LEU A 888 34.71 -5.00 -9.29
N ALA A 889 33.43 -4.65 -9.29
CA ALA A 889 32.40 -5.67 -9.31
C ALA A 889 32.23 -6.29 -10.68
N LYS A 890 33.09 -5.95 -11.63
CA LYS A 890 33.07 -6.47 -13.00
C LYS A 890 31.65 -6.55 -13.55
N SER A 891 30.95 -5.43 -13.42
CA SER A 891 29.52 -5.37 -13.76
C SER A 891 28.75 -6.46 -13.04
N TRP A 892 28.93 -6.50 -11.72
CA TRP A 892 28.22 -7.38 -10.80
C TRP A 892 26.79 -7.50 -11.28
N PRO A 893 26.32 -8.69 -11.55
CA PRO A 893 25.02 -8.86 -12.21
C PRO A 893 23.94 -7.98 -11.59
N THR A 894 24.10 -7.62 -10.34
CA THR A 894 23.15 -6.74 -9.71
C THR A 894 23.49 -5.27 -9.56
N LEU A 895 24.76 -4.97 -9.32
CA LEU A 895 25.18 -3.58 -9.02
C LEU A 895 25.04 -2.64 -10.22
N ASN A 896 25.72 -2.93 -11.32
CA ASN A 896 25.64 -2.05 -12.48
C ASN A 896 24.19 -1.83 -12.87
N MET A 897 23.33 -2.82 -12.60
CA MET A 897 21.90 -2.63 -12.78
C MET A 897 21.40 -1.43 -11.98
N LEU A 898 21.78 -1.35 -10.71
CA LEU A 898 21.29 -0.26 -9.87
C LEU A 898 21.87 1.08 -10.30
N ILE A 899 23.17 1.11 -10.59
CA ILE A 899 23.77 2.37 -11.03
C ILE A 899 23.10 2.85 -12.32
N LYS A 900 22.75 1.93 -13.21
CA LYS A 900 22.11 2.35 -14.45
C LYS A 900 20.65 2.71 -14.22
N ILE A 901 20.01 2.14 -13.19
CA ILE A 901 18.74 2.69 -12.72
C ILE A 901 18.89 4.17 -12.44
N ILE A 902 19.73 4.50 -11.46
CA ILE A 902 19.84 5.89 -11.03
C ILE A 902 20.27 6.78 -12.17
N GLY A 903 21.08 6.25 -13.09
CA GLY A 903 21.41 7.02 -14.28
C GLY A 903 20.20 7.33 -15.13
N ASN A 904 19.43 6.30 -15.49
CA ASN A 904 18.24 6.52 -16.30
C ASN A 904 17.29 7.51 -15.62
N SER A 905 17.31 7.56 -14.29
CA SER A 905 16.40 8.46 -13.59
C SER A 905 16.68 9.91 -13.92
N VAL A 906 17.94 10.33 -13.86
CA VAL A 906 18.30 11.71 -14.16
C VAL A 906 18.92 11.86 -15.54
N GLY A 907 19.06 10.77 -16.27
CA GLY A 907 19.62 10.82 -17.60
C GLY A 907 18.67 10.70 -18.78
N ALA A 908 18.25 9.47 -19.08
CA ALA A 908 17.28 9.27 -20.15
C ALA A 908 15.95 9.77 -19.63
N LEU A 909 15.50 9.24 -18.50
CA LEU A 909 14.21 9.64 -17.98
C LEU A 909 14.52 10.77 -17.01
N GLY A 910 14.83 11.95 -17.53
CA GLY A 910 15.15 13.05 -16.65
C GLY A 910 13.95 13.93 -16.81
N ASN A 911 13.25 13.78 -17.92
CA ASN A 911 12.07 14.59 -18.17
C ASN A 911 10.86 14.11 -17.36
N LEU A 912 10.98 13.01 -16.64
CA LEU A 912 9.89 12.56 -15.78
C LEU A 912 10.06 13.00 -14.34
N THR A 913 11.24 12.75 -13.80
CA THR A 913 11.52 13.17 -12.42
C THR A 913 11.27 14.67 -12.32
N LEU A 914 11.65 15.41 -13.35
CA LEU A 914 11.46 16.85 -13.33
C LEU A 914 9.99 17.20 -13.23
N VAL A 915 9.14 16.50 -13.98
CA VAL A 915 7.71 16.75 -13.89
C VAL A 915 7.20 16.44 -12.50
N LEU A 916 7.68 15.35 -11.91
CA LEU A 916 7.27 15.01 -10.56
C LEU A 916 7.62 16.13 -9.60
N ALA A 917 8.86 16.62 -9.68
CA ALA A 917 9.27 17.70 -8.80
C ALA A 917 8.41 18.94 -9.02
N ILE A 918 8.11 19.26 -10.27
CA ILE A 918 7.33 20.45 -10.57
C ILE A 918 5.95 20.36 -9.93
N ILE A 919 5.27 19.23 -10.10
CA ILE A 919 3.93 19.14 -9.57
C ILE A 919 3.95 19.09 -8.06
N VAL A 920 4.98 18.50 -7.46
CA VAL A 920 5.06 18.51 -6.01
C VAL A 920 5.20 19.94 -5.52
N PHE A 921 6.05 20.72 -6.18
CA PHE A 921 6.20 22.12 -5.81
C PHE A 921 4.88 22.86 -5.93
N ILE A 922 4.20 22.66 -7.05
CA ILE A 922 2.93 23.35 -7.28
C ILE A 922 1.95 23.04 -6.16
N PHE A 923 1.83 21.77 -5.81
CA PHE A 923 0.87 21.40 -4.79
C PHE A 923 1.26 21.95 -3.44
N ALA A 924 2.55 21.95 -3.12
CA ALA A 924 2.98 22.53 -1.86
C ALA A 924 2.56 23.99 -1.77
N VAL A 925 2.81 24.74 -2.83
CA VAL A 925 2.48 26.16 -2.79
C VAL A 925 0.98 26.36 -2.72
N VAL A 926 0.22 25.56 -3.45
CA VAL A 926 -1.23 25.72 -3.43
C VAL A 926 -1.78 25.45 -2.04
N GLY A 927 -1.33 24.36 -1.42
CA GLY A 927 -1.78 24.05 -0.08
C GLY A 927 -1.45 25.16 0.89
N MET A 928 -0.22 25.68 0.81
CA MET A 928 0.14 26.76 1.71
C MET A 928 -0.78 27.95 1.53
N GLN A 929 -0.95 28.40 0.29
CA GLN A 929 -1.76 29.58 0.04
C GLN A 929 -3.19 29.39 0.49
N LEU A 930 -3.72 28.19 0.34
CA LEU A 930 -5.12 27.99 0.68
C LEU A 930 -5.32 27.87 2.18
N PHE A 931 -4.46 27.13 2.87
CA PHE A 931 -4.79 26.71 4.23
C PHE A 931 -3.88 27.27 5.30
N GLY A 932 -2.89 28.10 4.96
CA GLY A 932 -1.96 28.49 5.99
C GLY A 932 -2.59 29.35 7.07
N LYS A 933 -3.25 30.41 6.65
CA LYS A 933 -3.82 31.31 7.63
C LYS A 933 -4.85 30.59 8.49
N SER A 934 -5.59 29.66 7.91
CA SER A 934 -6.56 28.91 8.69
C SER A 934 -5.85 28.06 9.72
N TYR A 935 -4.85 27.30 9.29
CA TYR A 935 -4.04 26.53 10.23
C TYR A 935 -3.59 27.39 11.40
N LYS A 936 -3.23 28.64 11.12
CA LYS A 936 -2.77 29.50 12.19
C LYS A 936 -3.91 29.94 13.09
N GLU A 937 -5.06 30.22 12.49
CA GLU A 937 -6.16 30.80 13.25
C GLU A 937 -6.97 29.75 13.98
N CYS A 938 -7.57 28.82 13.26
CA CYS A 938 -8.39 27.79 13.88
C CYS A 938 -7.35 26.74 14.29
N VAL A 939 -6.67 26.99 15.35
CA VAL A 939 -5.59 26.10 15.74
C VAL A 939 -6.02 25.31 16.96
N CYS A 940 -6.75 25.91 17.89
CA CYS A 940 -7.15 25.22 19.10
C CYS A 940 -8.19 24.15 18.83
N LYS A 941 -8.59 23.96 17.59
CA LYS A 941 -9.49 22.87 17.24
C LYS A 941 -8.77 21.56 17.01
N ILE A 942 -7.46 21.60 16.76
CA ILE A 942 -6.73 20.40 16.40
C ILE A 942 -5.55 20.21 17.33
N ASN A 943 -5.47 21.04 18.36
CA ASN A 943 -4.37 20.94 19.30
C ASN A 943 -4.77 21.68 20.57
N ASP A 944 -4.83 20.98 21.68
CA ASP A 944 -5.28 21.62 22.94
C ASP A 944 -4.31 22.74 23.36
N ASP A 945 -3.00 22.53 23.27
CA ASP A 945 -2.09 23.58 23.77
C ASP A 945 -2.11 24.81 22.90
N CYS A 946 -2.96 24.86 21.86
CA CYS A 946 -3.06 26.03 21.00
C CYS A 946 -1.67 26.40 20.45
N THR A 947 -0.98 25.39 19.94
CA THR A 947 0.22 25.57 19.13
C THR A 947 0.10 24.69 17.91
N LEU A 948 0.95 24.94 16.93
CA LEU A 948 0.81 24.27 15.65
C LEU A 948 1.16 22.80 15.79
N PRO A 949 0.39 21.92 15.19
CA PRO A 949 0.70 20.50 15.26
C PRO A 949 1.98 20.13 14.52
N ARG A 950 2.33 18.86 14.54
CA ARG A 950 3.57 18.44 13.90
C ARG A 950 3.50 18.60 12.39
N TRP A 951 2.34 18.35 11.80
CA TRP A 951 2.16 18.44 10.36
C TRP A 951 1.14 19.53 10.08
N HIS A 952 1.61 20.72 9.77
CA HIS A 952 0.74 21.81 9.38
C HIS A 952 1.07 22.23 7.97
N MET A 953 0.48 23.33 7.53
CA MET A 953 0.65 23.84 6.19
C MET A 953 0.88 25.33 6.21
N ASN A 954 1.55 25.81 7.24
CA ASN A 954 1.62 27.24 7.44
C ASN A 954 2.82 27.88 6.77
N ASP A 955 3.84 27.10 6.42
CA ASP A 955 4.98 27.63 5.70
C ASP A 955 5.36 26.61 4.64
N PHE A 956 6.25 27.02 3.73
CA PHE A 956 6.47 26.20 2.54
C PHE A 956 7.04 24.85 2.89
N PHE A 957 7.96 24.80 3.84
CA PHE A 957 8.63 23.54 4.11
C PHE A 957 7.66 22.51 4.66
N HIS A 958 6.81 22.90 5.60
CA HIS A 958 5.89 21.94 6.18
C HIS A 958 4.83 21.50 5.20
N SER A 959 4.36 22.41 4.36
CA SER A 959 3.39 22.01 3.36
C SER A 959 4.01 21.05 2.36
N PHE A 960 5.25 21.31 1.97
CA PHE A 960 5.94 20.39 1.08
C PHE A 960 6.07 19.02 1.73
N LEU A 961 6.37 18.99 3.01
CA LEU A 961 6.47 17.71 3.70
C LEU A 961 5.14 16.99 3.70
N ILE A 962 4.05 17.71 3.90
CA ILE A 962 2.74 17.07 3.89
C ILE A 962 2.46 16.46 2.52
N VAL A 963 2.77 17.21 1.47
CA VAL A 963 2.54 16.68 0.14
C VAL A 963 3.38 15.44 -0.09
N PHE A 964 4.65 15.49 0.26
CA PHE A 964 5.50 14.33 0.13
C PHE A 964 4.92 13.15 0.88
N ARG A 965 4.44 13.37 2.09
CA ARG A 965 3.84 12.31 2.87
C ARG A 965 2.65 11.71 2.15
N VAL A 966 1.80 12.50 1.50
CA VAL A 966 0.68 11.95 0.73
C VAL A 966 1.12 10.97 -0.38
N LEU A 967 2.17 11.29 -1.11
CA LEU A 967 2.69 10.40 -2.17
C LEU A 967 3.18 9.09 -1.61
N CYS A 968 3.79 9.12 -0.43
CA CYS A 968 4.22 7.90 0.25
C CYS A 968 3.04 7.01 0.59
N GLY A 969 1.85 7.60 0.67
CA GLY A 969 0.65 6.85 0.98
C GLY A 969 -0.08 7.19 2.26
N GLU A 970 0.41 8.14 3.04
CA GLU A 970 -0.32 8.55 4.23
C GLU A 970 -1.02 9.88 4.05
N TRP A 971 -2.32 9.83 3.78
CA TRP A 971 -3.10 11.03 3.53
C TRP A 971 -4.32 11.24 4.41
N ILE A 972 -4.66 10.29 5.28
CA ILE A 972 -5.93 10.38 6.02
C ILE A 972 -5.85 11.19 7.30
N GLU A 973 -4.75 11.20 8.06
CA GLU A 973 -4.73 11.91 9.35
C GLU A 973 -4.54 13.39 9.14
N THR A 974 -3.63 13.72 8.25
CA THR A 974 -3.40 15.11 7.94
C THR A 974 -4.66 15.67 7.32
N MET A 975 -5.35 14.87 6.51
CA MET A 975 -6.60 15.33 5.92
C MET A 975 -7.63 15.60 6.98
N TRP A 976 -7.76 14.77 8.00
CA TRP A 976 -8.69 15.06 9.06
C TRP A 976 -8.32 16.35 9.73
N ASP A 977 -7.04 16.57 10.01
CA ASP A 977 -6.69 17.87 10.60
C ASP A 977 -7.03 19.05 9.71
N CYS A 978 -6.82 18.94 8.41
CA CYS A 978 -7.21 19.99 7.47
C CYS A 978 -8.70 20.23 7.41
N MET A 979 -9.51 19.18 7.36
CA MET A 979 -10.94 19.37 7.23
C MET A 979 -11.51 20.16 8.41
N GLU A 980 -10.95 20.00 9.60
CA GLU A 980 -11.41 20.82 10.72
C GLU A 980 -11.11 22.30 10.59
N VAL A 981 -9.88 22.64 10.23
CA VAL A 981 -9.49 24.04 10.07
C VAL A 981 -10.07 24.75 8.85
N ALA A 982 -10.12 24.09 7.69
CA ALA A 982 -10.53 24.75 6.45
C ALA A 982 -11.83 24.31 5.79
N GLY A 983 -12.60 23.44 6.43
CA GLY A 983 -13.80 22.94 5.80
C GLY A 983 -13.59 21.64 5.06
N GLN A 984 -14.66 20.89 4.82
CA GLN A 984 -14.50 19.58 4.22
C GLN A 984 -14.29 19.60 2.73
N ALA A 985 -15.14 20.30 1.99
CA ALA A 985 -15.05 20.25 0.53
C ALA A 985 -13.76 20.75 -0.05
N MET A 986 -13.28 21.91 0.39
CA MET A 986 -12.09 22.47 -0.22
C MET A 986 -10.92 21.55 0.01
N CYS A 987 -10.81 21.05 1.23
CA CYS A 987 -9.71 20.18 1.58
C CYS A 987 -9.72 18.84 0.86
N LEU A 988 -10.88 18.18 0.79
CA LEU A 988 -10.98 16.90 0.09
C LEU A 988 -10.49 17.01 -1.33
N ILE A 989 -10.91 18.05 -2.04
CA ILE A 989 -10.56 18.16 -3.44
C ILE A 989 -9.06 18.26 -3.66
N VAL A 990 -8.38 19.08 -2.87
CA VAL A 990 -6.93 19.23 -3.01
C VAL A 990 -6.18 17.94 -2.70
N TYR A 991 -6.54 17.25 -1.62
CA TYR A 991 -5.90 15.96 -1.30
C TYR A 991 -6.14 14.88 -2.32
N MET A 992 -7.36 14.79 -2.84
CA MET A 992 -7.65 13.80 -3.86
C MET A 992 -6.89 14.07 -5.14
N MET A 993 -6.75 15.31 -5.54
CA MET A 993 -5.93 15.59 -6.72
C MET A 993 -4.49 15.18 -6.51
N VAL A 994 -3.92 15.46 -5.34
CA VAL A 994 -2.56 15.01 -5.06
C VAL A 994 -2.48 13.49 -5.05
N MET A 995 -3.45 12.85 -4.42
CA MET A 995 -3.46 11.40 -4.31
C MET A 995 -3.62 10.75 -5.67
N VAL A 996 -4.48 11.30 -6.52
CA VAL A 996 -4.73 10.69 -7.82
C VAL A 996 -3.64 11.04 -8.81
N ILE A 997 -3.30 12.32 -8.91
CA ILE A 997 -2.30 12.72 -9.91
C ILE A 997 -0.92 12.29 -9.49
N GLY A 998 -0.55 12.59 -8.24
CA GLY A 998 0.78 12.25 -7.77
C GLY A 998 1.04 10.76 -7.81
N ASN A 999 0.12 9.95 -7.30
CA ASN A 999 0.35 8.51 -7.36
C ASN A 999 0.35 8.01 -8.79
N LEU A 1000 -0.38 8.68 -9.68
CA LEU A 1000 -0.32 8.32 -11.08
C LEU A 1000 1.09 8.52 -11.63
N VAL A 1001 1.67 9.69 -11.38
CA VAL A 1001 2.99 9.96 -11.92
C VAL A 1001 4.04 9.07 -11.26
N VAL A 1002 3.87 8.80 -9.97
CA VAL A 1002 4.82 7.93 -9.27
C VAL A 1002 4.77 6.53 -9.88
N LEU A 1003 3.56 6.13 -10.20
CA LEU A 1003 3.43 4.80 -10.78
C LEU A 1003 4.13 4.82 -12.14
N ASN A 1004 3.89 5.87 -12.88
CA ASN A 1004 4.49 5.98 -14.21
C ASN A 1004 6.00 5.87 -14.13
N LEU A 1005 6.62 6.64 -13.25
CA LEU A 1005 8.06 6.61 -13.10
C LEU A 1005 8.55 5.22 -12.73
N PHE A 1006 7.94 4.63 -11.70
CA PHE A 1006 8.35 3.30 -11.26
C PHE A 1006 8.31 2.32 -12.40
N LEU A 1007 7.14 2.13 -12.99
CA LEU A 1007 6.99 1.14 -14.07
C LEU A 1007 7.87 1.42 -15.25
N ALA A 1008 8.05 2.69 -15.60
CA ALA A 1008 8.92 3.04 -16.70
C ALA A 1008 10.25 2.37 -16.47
N LEU A 1009 10.90 2.70 -15.36
CA LEU A 1009 12.20 2.13 -15.07
C LEU A 1009 12.12 0.60 -15.02
N LEU A 1010 11.18 0.05 -14.28
CA LEU A 1010 11.05 -1.40 -14.16
C LEU A 1010 11.16 -2.08 -15.51
N LEU A 1011 10.29 -1.71 -16.45
CA LEU A 1011 10.29 -2.33 -17.77
C LEU A 1011 11.52 -1.98 -18.57
N SER A 1012 11.90 -0.71 -18.58
CA SER A 1012 13.05 -0.27 -19.38
C SER A 1012 14.34 -0.92 -18.98
N SER A 1013 14.53 -1.20 -17.70
CA SER A 1013 15.82 -1.72 -17.24
C SER A 1013 15.85 -3.20 -16.84
N PHE A 1014 14.77 -3.93 -17.08
CA PHE A 1014 14.72 -5.35 -16.66
C PHE A 1014 14.13 -6.30 -17.70
N SER A 1015 13.63 -5.76 -18.80
CA SER A 1015 13.02 -6.61 -19.86
C SER A 1015 13.97 -6.93 -21.03
N SER A 1016 13.46 -7.66 -22.01
CA SER A 1016 14.31 -7.84 -23.21
C SER A 1016 15.16 -6.65 -23.67
N ASP A 1017 14.86 -5.45 -23.18
CA ASP A 1017 15.60 -4.32 -23.70
C ASP A 1017 17.08 -4.39 -23.37
N ASN A 1018 17.39 -4.57 -22.08
CA ASN A 1018 18.79 -4.54 -21.66
C ASN A 1018 19.58 -5.71 -22.23
N LEU A 1019 19.00 -6.91 -22.25
CA LEU A 1019 19.71 -8.05 -22.81
C LEU A 1019 19.87 -7.93 -24.33
N THR A 1020 19.00 -7.16 -24.98
CA THR A 1020 19.20 -6.86 -26.38
C THR A 1020 20.29 -5.82 -26.57
N ALA A 1021 21.04 -5.97 -27.67
CA ALA A 1021 22.10 -5.03 -28.05
C ALA A 1021 23.15 -4.92 -26.95
N ILE A 1022 23.62 -6.07 -26.49
CA ILE A 1022 24.66 -6.12 -25.46
C ILE A 1022 26.03 -6.10 -26.13
N GLU A 1023 26.88 -5.18 -25.68
CA GLU A 1023 28.21 -5.00 -26.22
C GLU A 1023 29.25 -5.56 -25.28
N GLU A 1024 30.40 -5.95 -25.85
CA GLU A 1024 31.51 -6.45 -25.06
C GLU A 1024 32.36 -5.31 -24.55
N ASP A 1025 32.94 -5.50 -23.35
CA ASP A 1025 33.79 -4.51 -22.74
C ASP A 1025 35.24 -4.91 -22.97
N PRO A 1026 36.05 -4.08 -23.62
CA PRO A 1026 37.43 -4.46 -23.92
C PRO A 1026 38.42 -4.26 -22.78
N ASP A 1027 37.99 -3.72 -21.64
CA ASP A 1027 38.89 -3.47 -20.54
C ASP A 1027 39.21 -4.79 -19.83
N ALA A 1028 40.47 -5.20 -19.90
CA ALA A 1028 40.93 -6.27 -19.02
C ALA A 1028 40.92 -5.71 -17.60
N ASN A 1029 39.89 -6.05 -16.84
CA ASN A 1029 39.73 -5.49 -15.51
C ASN A 1029 40.87 -5.93 -14.61
N ASN A 1030 41.39 -4.99 -13.81
CA ASN A 1030 42.41 -5.34 -12.83
C ASN A 1030 41.98 -6.52 -11.98
N LEU A 1031 40.67 -6.63 -11.72
CA LEU A 1031 40.16 -7.75 -10.92
C LEU A 1031 40.54 -9.08 -11.55
N GLN A 1032 40.13 -9.30 -12.80
CA GLN A 1032 40.39 -10.59 -13.42
C GLN A 1032 41.88 -10.86 -13.55
N ILE A 1033 42.65 -9.83 -13.92
CA ILE A 1033 44.10 -9.99 -14.05
C ILE A 1033 44.69 -10.46 -12.73
N ALA A 1034 44.39 -9.74 -11.65
CA ALA A 1034 44.99 -10.06 -10.36
C ALA A 1034 44.49 -11.40 -9.85
N VAL A 1035 43.22 -11.72 -10.05
CA VAL A 1035 42.71 -12.95 -9.48
C VAL A 1035 43.28 -14.15 -10.24
N THR A 1036 43.48 -14.02 -11.55
CA THR A 1036 44.15 -15.10 -12.27
C THR A 1036 45.60 -15.23 -11.83
N ARG A 1037 46.31 -14.11 -11.70
CA ARG A 1037 47.71 -14.17 -11.28
C ARG A 1037 47.84 -14.82 -9.92
N ILE A 1038 46.97 -14.45 -8.97
CA ILE A 1038 47.09 -14.97 -7.62
C ILE A 1038 46.53 -16.38 -7.52
N LYS A 1039 45.57 -16.74 -8.38
CA LYS A 1039 45.13 -18.13 -8.45
C LYS A 1039 46.26 -19.02 -8.94
N LYS A 1040 46.98 -18.57 -9.97
CA LYS A 1040 48.15 -19.33 -10.42
C LYS A 1040 49.21 -19.40 -9.33
N GLY A 1041 49.43 -18.30 -8.61
CA GLY A 1041 50.39 -18.33 -7.52
C GLY A 1041 50.00 -19.28 -6.41
N ILE A 1042 48.71 -19.30 -6.05
CA ILE A 1042 48.26 -20.15 -4.96
C ILE A 1042 48.26 -21.61 -5.38
N ASN A 1043 47.89 -21.91 -6.63
CA ASN A 1043 48.02 -23.28 -7.12
C ASN A 1043 49.48 -23.70 -7.17
N TYR A 1044 50.38 -22.78 -7.53
CA TYR A 1044 51.80 -23.07 -7.55
C TYR A 1044 52.34 -23.39 -6.18
N VAL A 1045 51.97 -22.59 -5.17
CA VAL A 1045 52.49 -22.83 -3.83
C VAL A 1045 51.85 -24.06 -3.23
N LYS A 1046 50.58 -24.33 -3.55
CA LYS A 1046 49.97 -25.60 -3.16
C LYS A 1046 50.74 -26.78 -3.74
N GLN A 1047 51.09 -26.70 -5.03
CA GLN A 1047 51.81 -27.79 -5.67
C GLN A 1047 53.19 -27.98 -5.07
N THR A 1048 53.91 -26.87 -4.82
CA THR A 1048 55.25 -27.01 -4.26
C THR A 1048 55.20 -27.45 -2.80
N LEU A 1049 54.11 -27.15 -2.09
CA LEU A 1049 53.95 -27.68 -0.73
C LEU A 1049 53.72 -29.17 -0.76
N ARG A 1050 52.85 -29.64 -1.66
CA ARG A 1050 52.69 -31.08 -1.86
C ARG A 1050 54.03 -31.72 -2.21
N GLU A 1051 54.80 -31.07 -3.09
CA GLU A 1051 56.10 -31.58 -3.49
C GLU A 1051 57.05 -31.69 -2.30
N PHE A 1052 57.13 -30.62 -1.50
CA PHE A 1052 58.04 -30.63 -0.36
C PHE A 1052 57.63 -31.67 0.67
N ILE A 1053 56.32 -31.84 0.88
CA ILE A 1053 55.85 -32.84 1.83
C ILE A 1053 56.19 -34.24 1.34
N LEU A 1054 55.95 -34.52 0.05
CA LEU A 1054 56.20 -35.86 -0.47
C LEU A 1054 57.70 -36.15 -0.55
N LYS A 1055 58.52 -35.12 -0.79
CA LYS A 1055 59.96 -35.34 -0.88
C LYS A 1055 60.60 -35.45 0.50
N ALA A 1056 60.06 -34.77 1.50
CA ALA A 1056 60.55 -34.94 2.86
C ALA A 1056 60.04 -36.23 3.49
N PHE A 1057 58.84 -36.67 3.09
CA PHE A 1057 58.27 -37.91 3.61
C PHE A 1057 58.25 -39.00 2.54
N GLY A 1218 18.00 -64.98 0.56
CA GLY A 1218 18.15 -63.54 0.65
C GLY A 1218 17.15 -62.79 -0.20
N LYS A 1219 16.66 -63.46 -1.25
CA LYS A 1219 15.61 -62.86 -2.08
C LYS A 1219 14.39 -62.51 -1.27
N ILE A 1220 14.18 -63.20 -0.15
CA ILE A 1220 13.13 -62.82 0.80
C ILE A 1220 13.24 -61.33 1.12
N TRP A 1221 14.45 -60.86 1.39
CA TRP A 1221 14.64 -59.44 1.69
C TRP A 1221 14.16 -58.57 0.54
N TRP A 1222 14.44 -58.98 -0.69
CA TRP A 1222 13.97 -58.21 -1.83
C TRP A 1222 12.46 -58.18 -1.88
N ASN A 1223 11.82 -59.30 -1.56
CA ASN A 1223 10.37 -59.32 -1.50
C ASN A 1223 9.87 -58.35 -0.44
N ILE A 1224 10.56 -58.30 0.70
CA ILE A 1224 10.18 -57.39 1.76
C ILE A 1224 10.20 -55.96 1.25
N ARG A 1225 11.27 -55.59 0.55
CA ARG A 1225 11.38 -54.22 0.07
C ARG A 1225 10.33 -53.91 -0.96
N LYS A 1226 10.08 -54.85 -1.87
CA LYS A 1226 8.99 -54.64 -2.84
C LYS A 1226 7.68 -54.41 -2.13
N THR A 1227 7.40 -55.20 -1.09
CA THR A 1227 6.13 -55.09 -0.39
C THR A 1227 5.99 -53.73 0.29
N CYS A 1228 7.03 -53.32 1.01
CA CYS A 1228 6.98 -52.01 1.65
C CYS A 1228 6.79 -50.91 0.62
N TYR A 1229 7.40 -51.06 -0.54
CA TYR A 1229 7.16 -50.11 -1.61
C TYR A 1229 5.69 -50.05 -1.98
N LYS A 1230 4.97 -51.15 -2.10
CA LYS A 1230 3.59 -51.03 -2.45
C LYS A 1230 2.82 -50.21 -1.42
N ILE A 1231 2.90 -50.54 -0.13
CA ILE A 1231 2.09 -49.84 0.90
C ILE A 1231 2.36 -48.36 0.97
N VAL A 1232 3.60 -47.92 1.03
CA VAL A 1232 3.94 -46.51 1.10
C VAL A 1232 3.48 -45.75 -0.14
N GLU A 1233 3.57 -46.36 -1.32
CA GLU A 1233 3.04 -45.72 -2.55
C GLU A 1233 1.53 -45.66 -2.70
N HIS A 1234 0.80 -46.62 -2.16
CA HIS A 1234 -0.64 -46.64 -2.39
C HIS A 1234 -1.38 -45.33 -2.09
N SER A 1235 -2.67 -45.31 -2.30
CA SER A 1235 -3.35 -44.05 -2.14
C SER A 1235 -4.06 -43.93 -0.80
N TRP A 1236 -4.64 -45.03 -0.32
CA TRP A 1236 -5.22 -45.01 1.02
C TRP A 1236 -4.18 -44.57 2.03
N PHE A 1237 -2.96 -45.09 1.91
CA PHE A 1237 -1.91 -44.71 2.84
C PHE A 1237 -1.65 -43.22 2.79
N GLU A 1238 -1.51 -42.66 1.60
CA GLU A 1238 -1.25 -41.24 1.49
C GLU A 1238 -2.37 -40.43 2.12
N SER A 1239 -3.62 -40.78 1.80
CA SER A 1239 -4.73 -40.02 2.35
C SER A 1239 -4.77 -40.12 3.86
N PHE A 1240 -4.51 -41.31 4.40
CA PHE A 1240 -4.47 -41.47 5.84
C PHE A 1240 -3.41 -40.58 6.46
N ILE A 1241 -2.25 -40.50 5.83
CA ILE A 1241 -1.18 -39.68 6.38
C ILE A 1241 -1.59 -38.21 6.36
N VAL A 1242 -2.25 -37.77 5.29
CA VAL A 1242 -2.68 -36.38 5.24
C VAL A 1242 -3.69 -36.09 6.33
N LEU A 1243 -4.58 -37.03 6.58
CA LEU A 1243 -5.53 -36.85 7.66
C LEU A 1243 -4.81 -36.68 8.99
N MET A 1244 -3.81 -37.52 9.24
CA MET A 1244 -3.08 -37.41 10.50
C MET A 1244 -2.36 -36.08 10.60
N ILE A 1245 -1.82 -35.59 9.49
CA ILE A 1245 -1.15 -34.30 9.52
C ILE A 1245 -2.12 -33.20 9.95
N LEU A 1246 -3.30 -33.19 9.32
CA LEU A 1246 -4.27 -32.15 9.66
C LEU A 1246 -4.68 -32.24 11.12
N LEU A 1247 -4.88 -33.46 11.61
CA LEU A 1247 -5.28 -33.61 13.01
C LEU A 1247 -4.20 -33.08 13.95
N SER A 1248 -2.94 -33.42 13.68
CA SER A 1248 -1.87 -32.96 14.55
C SER A 1248 -1.78 -31.44 14.55
N SER A 1249 -1.95 -30.81 13.39
CA SER A 1249 -1.90 -29.37 13.35
C SER A 1249 -3.05 -28.73 14.14
N GLY A 1250 -4.25 -29.29 14.03
CA GLY A 1250 -5.33 -28.79 14.87
C GLY A 1250 -5.01 -28.93 16.34
N ALA A 1251 -4.50 -30.09 16.74
CA ALA A 1251 -4.13 -30.29 18.13
C ALA A 1251 -3.18 -29.19 18.59
N LEU A 1252 -2.26 -28.79 17.73
CA LEU A 1252 -1.44 -27.63 18.07
C LEU A 1252 -2.32 -26.42 18.31
N ALA A 1253 -3.27 -26.17 17.41
CA ALA A 1253 -4.07 -24.96 17.52
C ALA A 1253 -4.91 -24.91 18.77
N PHE A 1254 -5.05 -26.00 19.51
CA PHE A 1254 -5.92 -25.97 20.67
C PHE A 1254 -5.27 -25.43 21.93
N GLU A 1255 -3.97 -25.17 21.94
CA GLU A 1255 -3.25 -24.89 23.18
C GLU A 1255 -3.00 -23.39 23.35
N ASP A 1256 -3.97 -22.73 23.99
CA ASP A 1256 -3.83 -21.30 24.26
C ASP A 1256 -3.56 -21.05 25.74
N ILE A 1257 -3.96 -19.89 26.25
CA ILE A 1257 -3.78 -19.60 27.68
C ILE A 1257 -4.97 -20.06 28.51
N TYR A 1258 -6.04 -20.47 27.85
CA TYR A 1258 -7.22 -20.96 28.56
C TYR A 1258 -7.21 -22.47 28.60
N ILE A 1259 -6.05 -23.09 28.45
CA ILE A 1259 -5.94 -24.54 28.44
C ILE A 1259 -6.16 -25.12 29.83
N GLU A 1260 -6.02 -24.29 30.86
CA GLU A 1260 -6.18 -24.77 32.23
C GLU A 1260 -7.62 -25.14 32.54
N ARG A 1261 -8.56 -24.33 32.08
CA ARG A 1261 -9.97 -24.62 32.32
C ARG A 1261 -10.44 -25.77 31.44
N LYS A 1262 -9.78 -25.99 30.31
CA LYS A 1262 -10.11 -27.08 29.42
C LYS A 1262 -9.29 -28.27 29.90
N LYS A 1263 -9.65 -28.85 31.03
CA LYS A 1263 -8.91 -30.00 31.60
C LYS A 1263 -8.90 -31.25 30.73
N THR A 1264 -10.01 -31.97 30.55
CA THR A 1264 -10.15 -33.17 29.73
C THR A 1264 -9.44 -33.01 28.40
N ILE A 1265 -9.61 -31.85 27.77
CA ILE A 1265 -8.95 -31.62 26.49
C ILE A 1265 -7.45 -31.61 26.66
N LYS A 1266 -6.96 -31.08 27.78
CA LYS A 1266 -5.54 -31.09 28.05
C LYS A 1266 -4.99 -32.51 28.01
N ILE A 1267 -5.59 -33.39 28.82
CA ILE A 1267 -5.07 -34.75 28.90
C ILE A 1267 -5.23 -35.46 27.58
N ILE A 1268 -6.38 -35.29 26.93
CA ILE A 1268 -6.62 -35.93 25.65
C ILE A 1268 -5.55 -35.54 24.66
N LEU A 1269 -5.24 -34.24 24.58
CA LEU A 1269 -4.25 -33.80 23.61
C LEU A 1269 -2.88 -34.36 23.94
N GLU A 1270 -2.57 -34.63 25.19
CA GLU A 1270 -1.27 -35.26 25.53
C GLU A 1270 -1.12 -36.66 24.97
N TYR A 1271 -2.09 -37.51 25.25
CA TYR A 1271 -2.07 -38.86 24.69
C TYR A 1271 -2.18 -38.84 23.19
N ALA A 1272 -2.93 -37.90 22.63
CA ALA A 1272 -3.00 -37.77 21.18
C ALA A 1272 -1.64 -37.43 20.59
N ASP A 1273 -0.89 -36.55 21.24
CA ASP A 1273 0.44 -36.24 20.78
C ASP A 1273 1.30 -37.49 20.85
N LYS A 1274 1.14 -38.26 21.92
CA LYS A 1274 1.88 -39.52 22.00
C LYS A 1274 1.61 -40.46 20.82
N ILE A 1275 0.36 -40.57 20.38
CA ILE A 1275 0.02 -41.50 19.31
C ILE A 1275 0.44 -40.94 17.95
N PHE A 1276 0.40 -39.63 17.78
CA PHE A 1276 0.86 -39.05 16.52
C PHE A 1276 2.34 -39.32 16.31
N THR A 1277 3.14 -39.11 17.34
CA THR A 1277 4.57 -39.38 17.21
C THR A 1277 4.79 -40.82 16.81
N TYR A 1278 4.08 -41.74 17.43
CA TYR A 1278 4.25 -43.15 17.07
C TYR A 1278 3.91 -43.38 15.60
N ILE A 1279 2.80 -42.81 15.15
CA ILE A 1279 2.41 -43.02 13.75
C ILE A 1279 3.49 -42.54 12.81
N PHE A 1280 4.01 -41.35 13.06
CA PHE A 1280 4.96 -40.79 12.10
C PHE A 1280 6.27 -41.54 12.12
N ILE A 1281 6.68 -42.06 13.28
CA ILE A 1281 7.87 -42.90 13.30
C ILE A 1281 7.66 -44.15 12.47
N LEU A 1282 6.48 -44.75 12.59
CA LEU A 1282 6.17 -45.91 11.77
C LEU A 1282 6.27 -45.58 10.29
N GLU A 1283 5.69 -44.46 9.89
CA GLU A 1283 5.77 -44.06 8.48
C GLU A 1283 7.21 -43.93 8.04
N MET A 1284 8.03 -43.26 8.85
CA MET A 1284 9.43 -43.09 8.46
C MET A 1284 10.12 -44.41 8.26
N LEU A 1285 9.91 -45.35 9.18
CA LEU A 1285 10.55 -46.66 9.01
C LEU A 1285 10.09 -47.33 7.74
N LEU A 1286 8.80 -47.25 7.44
CA LEU A 1286 8.32 -47.85 6.20
C LEU A 1286 8.99 -47.24 4.99
N LYS A 1287 9.11 -45.92 4.97
CA LYS A 1287 9.76 -45.30 3.83
C LYS A 1287 11.21 -45.76 3.71
N TRP A 1288 11.93 -45.84 4.83
CA TRP A 1288 13.31 -46.31 4.78
C TRP A 1288 13.38 -47.68 4.14
N ILE A 1289 12.56 -48.61 4.60
CA ILE A 1289 12.61 -49.95 4.03
C ILE A 1289 12.08 -49.98 2.61
N ALA A 1290 11.36 -48.96 2.18
CA ALA A 1290 10.85 -48.95 0.83
C ALA A 1290 11.81 -48.31 -0.15
N TYR A 1291 12.23 -47.08 0.12
CA TYR A 1291 13.13 -46.42 -0.80
C TYR A 1291 14.57 -46.87 -0.57
N GLY A 1292 15.08 -46.66 0.63
CA GLY A 1292 16.47 -46.89 0.95
C GLY A 1292 17.13 -45.60 1.35
N TYR A 1293 18.31 -45.74 1.94
CA TYR A 1293 18.95 -44.57 2.52
C TYR A 1293 19.41 -43.60 1.45
N LYS A 1294 19.94 -44.12 0.34
CA LYS A 1294 20.35 -43.24 -0.74
C LYS A 1294 19.17 -42.43 -1.26
N THR A 1295 18.15 -43.11 -1.77
CA THR A 1295 17.03 -42.41 -2.37
C THR A 1295 16.34 -41.50 -1.36
N TYR A 1296 16.30 -41.93 -0.11
CA TYR A 1296 15.56 -41.17 0.90
C TYR A 1296 16.32 -39.94 1.34
N PHE A 1297 17.63 -40.02 1.50
CA PHE A 1297 18.40 -38.93 2.07
C PHE A 1297 18.98 -38.01 1.02
N THR A 1298 18.95 -38.40 -0.25
CA THR A 1298 19.22 -37.45 -1.32
C THR A 1298 17.94 -36.78 -1.79
N ASN A 1299 16.98 -36.65 -0.88
CA ASN A 1299 15.74 -35.96 -1.13
C ASN A 1299 15.64 -34.77 -0.18
N ALA A 1300 14.84 -33.79 -0.56
CA ALA A 1300 14.74 -32.59 0.24
C ALA A 1300 13.59 -32.62 1.21
N TRP A 1301 12.42 -33.11 0.79
CA TRP A 1301 11.30 -33.18 1.70
C TRP A 1301 11.52 -34.21 2.78
N CYS A 1302 12.08 -35.36 2.41
CA CYS A 1302 12.34 -36.39 3.39
C CYS A 1302 13.24 -35.89 4.51
N TRP A 1303 14.17 -35.00 4.19
CA TRP A 1303 14.97 -34.39 5.25
C TRP A 1303 14.09 -33.58 6.18
N LEU A 1304 13.08 -32.91 5.65
CA LEU A 1304 12.18 -32.13 6.48
C LEU A 1304 11.42 -33.03 7.44
N ASP A 1305 10.77 -34.06 6.89
CA ASP A 1305 10.04 -34.99 7.75
C ASP A 1305 10.97 -35.62 8.79
N PHE A 1306 12.19 -35.94 8.38
CA PHE A 1306 13.14 -36.55 9.30
C PHE A 1306 13.43 -35.61 10.45
N LEU A 1307 13.75 -34.36 10.17
CA LEU A 1307 14.04 -33.41 11.24
C LEU A 1307 12.86 -33.28 12.18
N ILE A 1308 11.66 -33.16 11.64
CA ILE A 1308 10.50 -32.97 12.48
C ILE A 1308 10.32 -34.15 13.42
N VAL A 1309 10.30 -35.35 12.86
CA VAL A 1309 10.08 -36.51 13.71
C VAL A 1309 11.22 -36.67 14.70
N ASP A 1310 12.43 -36.25 14.33
CA ASP A 1310 13.53 -36.33 15.28
C ASP A 1310 13.30 -35.46 16.49
N VAL A 1311 12.93 -34.20 16.29
CA VAL A 1311 12.73 -33.35 17.45
C VAL A 1311 11.57 -33.86 18.29
N SER A 1312 10.54 -34.39 17.63
CA SER A 1312 9.41 -34.92 18.37
C SER A 1312 9.83 -36.12 19.22
N LEU A 1313 10.60 -37.02 18.64
CA LEU A 1313 11.06 -38.19 19.37
C LEU A 1313 11.98 -37.80 20.52
N VAL A 1314 12.87 -36.84 20.29
CA VAL A 1314 13.77 -36.39 21.34
C VAL A 1314 12.95 -35.88 22.52
N THR A 1315 12.05 -34.93 22.27
CA THR A 1315 11.30 -34.37 23.39
C THR A 1315 10.47 -35.46 24.08
N LEU A 1316 9.84 -36.34 23.30
CA LEU A 1316 9.08 -37.43 23.90
C LEU A 1316 9.94 -38.25 24.84
N VAL A 1317 11.15 -38.60 24.41
CA VAL A 1317 12.02 -39.42 25.23
C VAL A 1317 12.40 -38.67 26.51
N ALA A 1318 12.99 -37.48 26.36
CA ALA A 1318 13.43 -36.73 27.52
C ALA A 1318 12.27 -36.43 28.45
N ASN A 1319 11.10 -36.10 27.88
CA ASN A 1319 9.94 -35.80 28.70
C ASN A 1319 9.55 -36.94 29.61
N THR A 1320 9.94 -38.18 29.28
CA THR A 1320 9.48 -39.32 30.04
C THR A 1320 10.61 -39.95 30.85
N LEU A 1321 11.69 -40.36 30.21
CA LEU A 1321 12.74 -41.11 30.90
C LEU A 1321 13.87 -40.15 31.23
N GLY A 1322 13.72 -39.44 32.34
CA GLY A 1322 14.83 -38.67 32.86
C GLY A 1322 14.53 -37.22 33.12
N TYR A 1323 15.29 -36.35 32.45
CA TYR A 1323 15.25 -34.91 32.72
C TYR A 1323 13.84 -34.33 32.69
N SER A 1324 12.92 -34.97 31.99
CA SER A 1324 11.49 -34.69 32.09
C SER A 1324 11.21 -33.20 32.11
N ASP A 1325 11.65 -32.53 31.05
CA ASP A 1325 11.28 -31.15 30.76
C ASP A 1325 11.70 -30.21 31.89
N LEU A 1326 13.00 -30.11 32.07
CA LEU A 1326 13.44 -29.05 32.97
C LEU A 1326 14.48 -28.13 32.34
N GLY A 1327 15.37 -28.65 31.51
CA GLY A 1327 16.43 -27.86 30.94
C GLY A 1327 15.93 -27.00 29.80
N PRO A 1328 16.78 -26.78 28.78
CA PRO A 1328 16.32 -26.15 27.55
C PRO A 1328 15.30 -26.96 26.77
N ILE A 1329 14.92 -28.14 27.27
CA ILE A 1329 13.87 -28.90 26.64
C ILE A 1329 12.56 -28.13 26.63
N LYS A 1330 12.30 -27.33 27.66
CA LYS A 1330 11.11 -26.50 27.64
C LYS A 1330 11.20 -25.41 26.59
N SER A 1331 12.35 -25.24 25.95
CA SER A 1331 12.46 -24.37 24.79
C SER A 1331 12.47 -25.14 23.48
N LEU A 1332 13.07 -26.33 23.46
CA LEU A 1332 12.96 -27.19 22.30
C LEU A 1332 11.53 -27.59 22.03
N ARG A 1333 10.71 -27.69 23.06
CA ARG A 1333 9.31 -28.04 22.91
C ARG A 1333 8.54 -27.01 22.10
N THR A 1334 9.07 -25.81 21.94
CA THR A 1334 8.38 -24.78 21.17
C THR A 1334 8.49 -25.02 19.69
N LEU A 1335 9.29 -25.99 19.26
CA LEU A 1335 9.44 -26.28 17.84
C LEU A 1335 8.36 -27.23 17.35
N ARG A 1336 7.38 -27.54 18.17
CA ARG A 1336 6.24 -28.25 17.64
C ARG A 1336 5.49 -27.43 16.62
N ALA A 1337 5.63 -26.11 16.66
CA ALA A 1337 4.96 -25.26 15.69
C ALA A 1337 5.35 -25.58 14.27
N LEU A 1338 6.41 -26.35 14.06
CA LEU A 1338 6.82 -26.71 12.71
C LEU A 1338 6.11 -27.95 12.19
N ARG A 1339 5.31 -28.62 13.01
CA ARG A 1339 4.68 -29.83 12.54
C ARG A 1339 3.78 -29.65 11.33
N PRO A 1340 3.15 -28.50 11.09
CA PRO A 1340 2.38 -28.38 9.86
C PRO A 1340 3.25 -28.29 8.63
N LEU A 1341 4.56 -28.17 8.78
CA LEU A 1341 5.41 -28.12 7.61
C LEU A 1341 5.37 -29.41 6.81
N ARG A 1342 4.90 -30.49 7.42
CA ARG A 1342 4.76 -31.73 6.69
C ARG A 1342 3.69 -31.65 5.62
N ALA A 1343 2.92 -30.56 5.57
CA ALA A 1343 1.89 -30.45 4.56
C ALA A 1343 2.43 -29.98 3.22
N LEU A 1344 3.51 -29.22 3.20
CA LEU A 1344 3.99 -28.66 1.93
C LEU A 1344 4.19 -29.75 0.91
N SER A 1345 4.86 -30.81 1.30
CA SER A 1345 5.09 -31.92 0.41
C SER A 1345 3.81 -32.61 -0.01
N ARG A 1346 2.86 -32.72 0.89
CA ARG A 1346 1.61 -33.43 0.60
C ARG A 1346 0.75 -32.78 -0.49
N PHE A 1347 0.66 -31.46 -0.51
CA PHE A 1347 -0.22 -30.78 -1.47
C PHE A 1347 0.50 -30.17 -2.66
N GLU A 1348 0.09 -30.53 -3.86
CA GLU A 1348 0.71 -30.00 -5.08
C GLU A 1348 0.56 -28.52 -5.25
N GLY A 1349 -0.59 -27.98 -4.89
CA GLY A 1349 -0.82 -26.55 -4.99
C GLY A 1349 0.19 -25.75 -4.21
N MET A 1350 0.70 -26.31 -3.13
CA MET A 1350 1.74 -25.62 -2.39
C MET A 1350 3.13 -25.97 -2.88
N ARG A 1351 3.30 -27.14 -3.48
CA ARG A 1351 4.61 -27.52 -3.96
C ARG A 1351 5.02 -26.69 -5.16
N VAL A 1352 4.07 -26.30 -6.00
CA VAL A 1352 4.41 -25.51 -7.18
C VAL A 1352 4.84 -24.12 -6.78
N VAL A 1353 4.11 -23.50 -5.86
CA VAL A 1353 4.48 -22.16 -5.43
C VAL A 1353 5.83 -22.18 -4.75
N VAL A 1354 6.03 -23.15 -3.86
CA VAL A 1354 7.30 -23.25 -3.15
C VAL A 1354 8.43 -23.43 -4.16
N ASN A 1355 8.25 -24.30 -5.15
CA ASN A 1355 9.30 -24.55 -6.12
C ASN A 1355 9.69 -23.27 -6.85
N ALA A 1356 8.71 -22.50 -7.31
CA ALA A 1356 8.99 -21.24 -8.00
C ALA A 1356 9.77 -20.28 -7.11
N LEU A 1357 9.35 -20.15 -5.85
CA LEU A 1357 10.03 -19.26 -4.93
C LEU A 1357 11.47 -19.72 -4.68
N ILE A 1358 11.70 -21.03 -4.58
CA ILE A 1358 13.06 -21.55 -4.39
C ILE A 1358 13.90 -21.23 -5.62
N GLY A 1359 13.32 -21.37 -6.80
CA GLY A 1359 14.03 -21.04 -8.02
C GLY A 1359 14.38 -19.58 -8.08
N ALA A 1360 13.51 -18.73 -7.55
CA ALA A 1360 13.78 -17.29 -7.54
C ALA A 1360 14.77 -16.90 -6.46
N ILE A 1361 14.93 -17.75 -5.45
CA ILE A 1361 15.82 -17.39 -4.33
C ILE A 1361 17.18 -16.88 -4.78
N PRO A 1362 17.93 -17.56 -5.65
CA PRO A 1362 19.29 -17.10 -5.94
C PRO A 1362 19.39 -15.68 -6.45
N SER A 1363 18.37 -15.20 -7.15
CA SER A 1363 18.40 -13.81 -7.60
C SER A 1363 17.95 -12.85 -6.53
N ILE A 1364 17.24 -13.33 -5.52
CA ILE A 1364 16.85 -12.44 -4.43
C ILE A 1364 18.01 -12.11 -3.51
N MET A 1365 18.77 -13.11 -3.11
CA MET A 1365 19.88 -12.88 -2.20
C MET A 1365 21.07 -12.30 -2.95
N ASN A 1366 20.87 -11.87 -4.19
CA ASN A 1366 21.87 -11.12 -4.91
C ASN A 1366 21.59 -9.64 -4.98
N VAL A 1367 20.32 -9.24 -4.91
CA VAL A 1367 20.00 -7.82 -4.87
C VAL A 1367 19.99 -7.45 -3.39
N LEU A 1368 19.82 -8.44 -2.52
CA LEU A 1368 19.83 -8.19 -1.10
C LEU A 1368 21.16 -7.61 -0.67
N LEU A 1369 22.25 -8.12 -1.21
CA LEU A 1369 23.57 -7.60 -0.87
C LEU A 1369 23.68 -6.12 -1.20
N VAL A 1370 23.26 -5.75 -2.41
CA VAL A 1370 23.31 -4.36 -2.82
C VAL A 1370 22.47 -3.52 -1.86
N CYS A 1371 21.27 -4.00 -1.54
CA CYS A 1371 20.39 -3.25 -0.65
C CYS A 1371 21.05 -3.03 0.70
N LEU A 1372 21.66 -4.06 1.25
CA LEU A 1372 22.34 -3.94 2.54
C LEU A 1372 23.50 -2.98 2.50
N ILE A 1373 24.28 -2.99 1.42
CA ILE A 1373 25.37 -2.04 1.28
C ILE A 1373 24.83 -0.60 1.25
N PHE A 1374 23.79 -0.36 0.47
CA PHE A 1374 23.12 0.94 0.38
C PHE A 1374 22.60 1.35 1.75
N TRP A 1375 21.90 0.49 2.48
CA TRP A 1375 21.38 0.82 3.78
C TRP A 1375 22.48 0.90 4.81
N LEU A 1376 23.60 0.20 4.61
CA LEU A 1376 24.71 0.35 5.53
C LEU A 1376 25.26 1.76 5.48
N ILE A 1377 25.38 2.30 4.28
CA ILE A 1377 25.82 3.68 4.16
C ILE A 1377 24.87 4.60 4.91
N PHE A 1378 23.58 4.45 4.63
CA PHE A 1378 22.64 5.36 5.27
C PHE A 1378 22.60 5.19 6.77
N SER A 1379 22.81 3.99 7.27
CA SER A 1379 22.76 3.74 8.70
C SER A 1379 24.00 4.28 9.40
N ILE A 1380 25.16 4.18 8.77
CA ILE A 1380 26.34 4.83 9.33
C ILE A 1380 26.12 6.32 9.43
N MET A 1381 25.56 6.92 8.39
CA MET A 1381 25.31 8.35 8.46
C MET A 1381 24.36 8.67 9.59
N GLY A 1382 23.29 7.89 9.73
CA GLY A 1382 22.36 8.13 10.81
C GLY A 1382 23.02 8.02 12.17
N VAL A 1383 23.81 6.97 12.39
CA VAL A 1383 24.49 6.81 13.66
C VAL A 1383 25.40 7.98 13.94
N ASN A 1384 25.98 8.57 12.92
CA ASN A 1384 26.81 9.74 13.15
C ASN A 1384 26.00 10.98 13.44
N LEU A 1385 24.76 11.05 13.01
CA LEU A 1385 23.94 12.20 13.29
C LEU A 1385 23.13 12.10 14.57
N PHE A 1386 22.63 10.92 14.93
CA PHE A 1386 21.74 10.80 16.08
C PHE A 1386 22.15 9.68 17.00
N ALA A 1387 23.37 9.70 17.51
CA ALA A 1387 23.87 8.57 18.32
C ALA A 1387 23.25 8.28 19.67
N GLY A 1388 23.04 9.28 20.50
CA GLY A 1388 22.50 9.06 21.82
C GLY A 1388 21.73 10.29 22.10
N LYS A 1389 21.13 10.83 21.07
CA LYS A 1389 20.40 12.08 21.19
C LYS A 1389 18.91 11.87 21.29
N PHE A 1390 18.44 10.64 21.48
CA PHE A 1390 17.02 10.38 21.57
C PHE A 1390 16.56 10.19 23.00
N TYR A 1391 17.37 10.55 23.97
CA TYR A 1391 16.99 10.45 25.37
C TYR A 1391 16.17 11.66 25.75
N GLU A 1392 15.34 11.51 26.78
CA GLU A 1392 14.53 12.62 27.23
C GLU A 1392 14.06 12.36 28.64
N CYS A 1393 13.68 13.43 29.31
CA CYS A 1393 13.21 13.38 30.69
C CYS A 1393 11.71 13.60 30.66
N ILE A 1394 10.94 12.52 30.80
CA ILE A 1394 9.50 12.58 30.61
C ILE A 1394 8.80 12.38 31.94
N ASN A 1395 7.54 12.79 31.99
CA ASN A 1395 6.67 12.62 33.14
C ASN A 1395 5.84 11.36 32.88
N THR A 1396 6.18 10.27 33.57
CA THR A 1396 5.60 8.98 33.25
C THR A 1396 4.09 8.98 33.36
N THR A 1397 3.53 9.65 34.36
CA THR A 1397 2.09 9.69 34.50
C THR A 1397 1.43 10.28 33.27
N ASP A 1398 1.84 11.48 32.88
CA ASP A 1398 1.27 12.11 31.70
C ASP A 1398 1.85 11.51 30.42
N GLY A 1399 3.12 11.13 30.44
CA GLY A 1399 3.79 10.71 29.24
C GLY A 1399 4.34 11.84 28.41
N SER A 1400 4.65 12.96 29.02
CA SER A 1400 4.99 14.18 28.31
C SER A 1400 6.43 14.56 28.57
N ARG A 1401 7.07 15.12 27.55
CA ARG A 1401 8.42 15.61 27.71
C ARG A 1401 8.44 16.88 28.53
N PHE A 1402 9.38 16.99 29.45
CA PHE A 1402 9.47 18.20 30.25
C PHE A 1402 9.96 19.35 29.37
N PRO A 1403 9.56 20.57 29.68
CA PRO A 1403 10.08 21.72 28.92
C PRO A 1403 11.57 21.86 29.12
N ALA A 1404 12.29 22.05 28.02
CA ALA A 1404 13.75 22.04 28.06
C ALA A 1404 14.34 23.30 28.65
N SER A 1405 13.50 24.16 29.22
CA SER A 1405 13.96 25.23 30.09
C SER A 1405 13.87 24.90 31.57
N GLN A 1406 13.10 23.89 31.93
CA GLN A 1406 13.08 23.40 33.29
C GLN A 1406 14.13 22.33 33.50
N VAL A 1407 14.22 21.38 32.59
CA VAL A 1407 15.20 20.31 32.67
C VAL A 1407 16.15 20.44 31.49
N PRO A 1408 17.25 21.19 31.63
CA PRO A 1408 18.09 21.43 30.46
C PRO A 1408 18.89 20.22 30.03
N ASN A 1409 19.58 19.55 30.95
CA ASN A 1409 20.47 18.46 30.59
C ASN A 1409 20.13 17.27 31.47
N ARG A 1410 20.86 16.16 31.36
CA ARG A 1410 20.55 14.91 32.12
C ARG A 1410 20.73 14.93 33.65
N SER A 1411 21.71 15.69 34.13
CA SER A 1411 21.92 15.79 35.57
C SER A 1411 20.71 16.40 36.25
N GLU A 1412 20.11 17.40 35.62
CA GLU A 1412 18.91 18.02 36.17
C GLU A 1412 17.75 17.04 36.25
N CYS A 1413 17.59 16.20 35.24
CA CYS A 1413 16.55 15.18 35.28
C CYS A 1413 16.81 14.24 36.42
N PHE A 1414 18.08 13.86 36.62
CA PHE A 1414 18.38 13.03 37.80
C PHE A 1414 18.10 13.71 39.15
N ALA A 1415 18.35 15.00 39.28
CA ALA A 1415 17.92 15.75 40.47
C ALA A 1415 16.39 15.74 40.65
N LEU A 1416 15.64 15.91 39.57
CA LEU A 1416 14.18 15.78 39.72
C LEU A 1416 13.78 14.37 40.14
N MET A 1417 14.46 13.34 39.63
CA MET A 1417 14.16 11.98 40.07
C MET A 1417 14.41 11.85 41.55
N ASN A 1418 15.50 12.44 42.01
CA ASN A 1418 15.76 12.47 43.44
C ASN A 1418 14.58 13.02 44.16
N VAL A 1419 14.19 14.23 43.79
CA VAL A 1419 13.16 14.89 44.64
C VAL A 1419 11.75 14.39 44.36
N SER A 1420 11.27 14.54 43.14
CA SER A 1420 9.94 14.12 42.73
C SER A 1420 9.95 12.65 42.40
N GLN A 1421 8.79 12.17 41.96
CA GLN A 1421 8.60 10.77 41.64
C GLN A 1421 8.20 10.60 40.19
N ASN A 1422 8.26 9.35 39.73
CA ASN A 1422 7.74 8.91 38.44
C ASN A 1422 8.09 9.88 37.30
N VAL A 1423 9.35 10.29 37.29
CA VAL A 1423 9.96 10.93 36.14
C VAL A 1423 11.09 10.02 35.70
N ARG A 1424 11.40 10.06 34.41
CA ARG A 1424 12.25 9.03 33.89
C ARG A 1424 13.06 9.56 32.72
N TRP A 1425 14.38 9.39 32.79
CA TRP A 1425 15.25 9.77 31.68
C TRP A 1425 15.32 8.57 30.76
N LYS A 1426 14.38 8.48 29.83
CA LYS A 1426 14.22 7.31 29.01
C LYS A 1426 14.64 7.60 27.58
N ASN A 1427 14.68 6.54 26.79
CA ASN A 1427 15.22 6.59 25.44
C ASN A 1427 14.33 5.78 24.53
N LEU A 1428 14.23 6.20 23.27
CA LEU A 1428 13.41 5.49 22.32
C LEU A 1428 13.87 4.05 22.18
N LYS A 1429 12.92 3.12 22.10
CA LYS A 1429 13.27 1.72 21.95
C LYS A 1429 14.03 1.45 20.67
N VAL A 1430 13.54 2.00 19.56
CA VAL A 1430 14.17 1.83 18.27
C VAL A 1430 14.86 3.15 17.94
N ASN A 1431 16.18 3.17 18.04
CA ASN A 1431 16.94 4.40 17.89
C ASN A 1431 18.11 4.14 16.95
N PHE A 1432 19.05 5.07 16.94
CA PHE A 1432 20.22 4.99 16.09
C PHE A 1432 21.48 4.83 16.91
N ASP A 1433 21.42 4.06 17.98
CA ASP A 1433 22.57 3.98 18.86
C ASP A 1433 23.71 3.18 18.28
N ASN A 1434 23.45 2.39 17.25
CA ASN A 1434 24.51 1.65 16.58
C ASN A 1434 23.95 1.13 15.27
N VAL A 1435 24.85 0.60 14.44
CA VAL A 1435 24.44 0.17 13.11
C VAL A 1435 23.43 -0.96 13.18
N GLY A 1436 23.41 -1.71 14.28
CA GLY A 1436 22.42 -2.76 14.40
C GLY A 1436 21.01 -2.20 14.45
N LEU A 1437 20.79 -1.24 15.34
CA LEU A 1437 19.48 -0.62 15.43
C LEU A 1437 19.24 0.35 14.28
N GLY A 1438 20.30 0.92 13.73
CA GLY A 1438 20.13 1.73 12.54
C GLY A 1438 19.45 0.97 11.44
N TYR A 1439 19.75 -0.32 11.32
CA TYR A 1439 19.08 -1.10 10.29
C TYR A 1439 17.61 -1.27 10.61
N LEU A 1440 17.27 -1.51 11.86
CA LEU A 1440 15.87 -1.63 12.22
C LEU A 1440 15.15 -0.32 12.01
N SER A 1441 15.76 0.79 12.41
CA SER A 1441 15.13 2.09 12.24
C SER A 1441 14.87 2.37 10.78
N LEU A 1442 15.81 2.05 9.90
CA LEU A 1442 15.59 2.27 8.48
C LEU A 1442 14.48 1.39 7.96
N LEU A 1443 14.28 0.22 8.55
CA LEU A 1443 13.23 -0.66 8.06
C LEU A 1443 11.87 -0.05 8.31
N GLN A 1444 11.70 0.65 9.43
CA GLN A 1444 10.42 1.28 9.71
C GLN A 1444 10.21 2.48 8.80
N VAL A 1445 11.25 3.26 8.56
CA VAL A 1445 11.12 4.38 7.65
C VAL A 1445 10.76 3.89 6.26
N ALA A 1446 11.45 2.85 5.78
CA ALA A 1446 11.20 2.37 4.43
C ALA A 1446 9.79 1.83 4.28
N THR A 1447 9.24 1.25 5.33
CA THR A 1447 7.88 0.74 5.27
C THR A 1447 6.85 1.73 5.78
N PHE A 1448 7.27 2.91 6.22
CA PHE A 1448 6.35 3.94 6.68
C PHE A 1448 5.51 3.47 7.85
N LYS A 1449 6.02 2.55 8.63
CA LYS A 1449 5.26 2.00 9.76
C LYS A 1449 6.12 2.19 10.96
N GLY A 1450 5.92 3.25 11.72
CA GLY A 1450 6.73 3.55 12.90
C GLY A 1450 7.62 4.71 12.64
N TRP A 1451 7.66 5.23 11.42
CA TRP A 1451 8.61 6.28 11.04
C TRP A 1451 8.42 7.63 11.69
N THR A 1452 7.19 8.03 11.95
CA THR A 1452 6.95 9.37 12.45
C THR A 1452 7.62 9.62 13.79
N ILE A 1453 7.58 8.68 14.71
CA ILE A 1453 8.18 8.89 16.02
C ILE A 1453 9.69 9.09 15.89
N ILE A 1454 10.33 8.28 15.05
CA ILE A 1454 11.76 8.41 14.83
C ILE A 1454 12.08 9.75 14.22
N MET A 1455 11.28 10.17 13.26
CA MET A 1455 11.50 11.47 12.63
C MET A 1455 11.34 12.63 13.60
N TYR A 1456 10.36 12.55 14.50
CA TYR A 1456 10.18 13.60 15.50
C TYR A 1456 11.35 13.64 16.43
N ALA A 1457 11.85 12.47 16.80
CA ALA A 1457 12.96 12.42 17.72
C ALA A 1457 14.18 13.01 17.10
N ALA A 1458 14.27 12.90 15.77
CA ALA A 1458 15.43 13.40 15.07
C ALA A 1458 15.44 14.91 15.00
N VAL A 1459 14.31 15.51 14.70
CA VAL A 1459 14.27 16.94 14.46
C VAL A 1459 14.24 17.68 15.77
N ASP A 1460 14.38 16.97 16.87
CA ASP A 1460 14.44 17.60 18.17
C ASP A 1460 15.77 17.40 18.86
N SER A 1461 16.67 16.62 18.29
CA SER A 1461 17.91 16.30 18.97
C SER A 1461 18.76 17.54 19.15
N VAL A 1462 19.46 17.60 20.27
CA VAL A 1462 20.35 18.70 20.58
C VAL A 1462 21.79 18.24 20.69
N ASN A 1463 22.05 17.35 21.63
CA ASN A 1463 23.42 16.87 21.87
C ASN A 1463 23.33 15.56 22.62
N VAL A 1464 24.45 15.01 23.02
CA VAL A 1464 24.42 13.72 23.68
C VAL A 1464 23.62 13.66 24.97
N ASP A 1465 23.85 14.61 25.88
CA ASP A 1465 23.14 14.56 27.16
C ASP A 1465 22.34 15.83 27.38
N LYS A 1466 21.62 16.27 26.38
CA LYS A 1466 20.84 17.49 26.46
C LYS A 1466 19.39 17.17 26.19
N GLN A 1467 18.51 17.87 26.88
CA GLN A 1467 17.10 17.64 26.69
C GLN A 1467 16.69 18.05 25.29
N PRO A 1468 15.91 17.27 24.60
CA PRO A 1468 15.48 17.66 23.26
C PRO A 1468 14.60 18.90 23.29
N LYS A 1469 14.69 19.69 22.23
CA LYS A 1469 13.86 20.88 22.06
C LYS A 1469 13.00 20.73 20.83
N TYR A 1470 11.86 21.39 20.84
CA TYR A 1470 10.91 21.24 19.75
C TYR A 1470 11.46 21.82 18.47
N GLU A 1471 11.58 20.97 17.45
CA GLU A 1471 12.05 21.35 16.13
C GLU A 1471 13.28 22.24 16.21
N TYR A 1472 14.25 21.76 16.95
CA TYR A 1472 15.52 22.46 17.04
C TYR A 1472 16.33 22.23 15.77
N SER A 1473 16.54 20.97 15.42
CA SER A 1473 17.24 20.61 14.19
C SER A 1473 16.17 20.28 13.18
N LEU A 1474 15.56 21.31 12.63
CA LEU A 1474 14.38 21.11 11.81
C LEU A 1474 14.68 20.46 10.48
N TYR A 1475 15.82 20.77 9.89
CA TYR A 1475 16.09 20.33 8.53
C TYR A 1475 16.63 18.93 8.47
N MET A 1476 16.67 18.22 9.59
CA MET A 1476 16.97 16.81 9.50
C MET A 1476 15.87 16.04 8.82
N TYR A 1477 14.76 16.67 8.50
CA TYR A 1477 13.77 16.00 7.67
C TYR A 1477 14.36 15.65 6.32
N ILE A 1478 15.32 16.44 5.86
CA ILE A 1478 15.95 16.17 4.57
C ILE A 1478 16.57 14.79 4.58
N TYR A 1479 17.15 14.39 5.69
CA TYR A 1479 17.76 13.08 5.79
C TYR A 1479 16.77 11.98 5.45
N PHE A 1480 15.57 12.07 6.00
CA PHE A 1480 14.60 11.01 5.77
C PHE A 1480 14.00 11.12 4.38
N VAL A 1481 13.85 12.33 3.87
CA VAL A 1481 13.34 12.49 2.51
C VAL A 1481 14.29 11.84 1.52
N VAL A 1482 15.58 12.11 1.66
CA VAL A 1482 16.55 11.56 0.73
C VAL A 1482 16.55 10.05 0.81
N PHE A 1483 16.54 9.51 2.03
CA PHE A 1483 16.58 8.06 2.15
C PHE A 1483 15.38 7.42 1.48
N ILE A 1484 14.17 7.89 1.82
CA ILE A 1484 12.96 7.28 1.29
C ILE A 1484 13.04 7.19 -0.22
N ILE A 1485 13.55 8.23 -0.87
CA ILE A 1485 13.68 8.22 -2.31
C ILE A 1485 14.64 7.13 -2.77
N PHE A 1486 15.86 7.13 -2.24
CA PHE A 1486 16.86 6.16 -2.66
C PHE A 1486 16.67 4.76 -2.08
N GLY A 1487 16.19 4.67 -0.84
CA GLY A 1487 15.92 3.40 -0.22
C GLY A 1487 14.50 2.98 -0.52
N SER A 1488 13.53 3.47 0.25
CA SER A 1488 12.16 2.99 0.04
C SER A 1488 11.61 2.94 -1.39
N PHE A 1489 12.17 3.70 -2.34
CA PHE A 1489 11.56 3.72 -3.68
C PHE A 1489 12.38 2.94 -4.68
N PHE A 1490 13.67 3.20 -4.70
CA PHE A 1490 14.59 2.49 -5.61
C PHE A 1490 14.79 1.03 -5.24
N THR A 1491 14.85 0.73 -3.95
CA THR A 1491 15.12 -0.66 -3.60
C THR A 1491 13.92 -1.50 -3.98
N LEU A 1492 12.73 -0.96 -3.77
CA LEU A 1492 11.52 -1.67 -4.13
C LEU A 1492 11.56 -1.92 -5.61
N ASN A 1493 11.93 -0.90 -6.38
CA ASN A 1493 12.05 -1.06 -7.82
C ASN A 1493 12.93 -2.26 -8.10
N LEU A 1494 14.19 -2.21 -7.65
CA LEU A 1494 15.10 -3.31 -7.98
C LEU A 1494 14.54 -4.67 -7.61
N PHE A 1495 13.95 -4.79 -6.42
CA PHE A 1495 13.44 -6.07 -5.96
C PHE A 1495 12.32 -6.59 -6.85
N ILE A 1496 11.31 -5.77 -7.09
CA ILE A 1496 10.20 -6.20 -7.92
C ILE A 1496 10.75 -6.37 -9.32
N GLY A 1497 11.71 -5.52 -9.65
CA GLY A 1497 12.28 -5.57 -10.98
C GLY A 1497 12.85 -6.93 -11.31
N VAL A 1498 13.81 -7.40 -10.50
CA VAL A 1498 14.50 -8.63 -10.86
C VAL A 1498 13.61 -9.83 -10.62
N ILE A 1499 12.86 -9.83 -9.52
CA ILE A 1499 12.00 -10.96 -9.22
C ILE A 1499 11.05 -11.22 -10.37
N ILE A 1500 10.33 -10.19 -10.80
CA ILE A 1500 9.39 -10.37 -11.89
C ILE A 1500 10.09 -10.88 -13.13
N ASP A 1501 11.32 -10.45 -13.37
CA ASP A 1501 12.04 -10.99 -14.50
C ASP A 1501 12.35 -12.47 -14.30
N ASN A 1502 12.76 -12.84 -13.09
CA ASN A 1502 13.09 -14.24 -12.83
C ASN A 1502 11.93 -15.14 -13.21
N PHE A 1503 10.73 -14.77 -12.78
CA PHE A 1503 9.55 -15.56 -13.13
C PHE A 1503 9.42 -15.68 -14.64
N ASN A 1504 9.73 -14.63 -15.36
CA ASN A 1504 9.66 -14.72 -16.81
C ASN A 1504 10.75 -15.62 -17.35
N GLN A 1505 11.84 -15.77 -16.62
CA GLN A 1505 12.86 -16.69 -17.06
C GLN A 1505 12.55 -18.12 -16.67
N GLN A 1506 11.70 -18.34 -15.68
CA GLN A 1506 11.34 -19.71 -15.34
C GLN A 1506 10.33 -20.27 -16.31
N LYS A 1507 9.40 -19.45 -16.76
CA LYS A 1507 8.38 -19.92 -17.69
C LYS A 1507 9.03 -20.39 -18.97
N LYS A 1508 9.90 -19.56 -19.54
CA LYS A 1508 10.58 -19.92 -20.78
C LYS A 1508 11.35 -21.22 -20.63
N LYS A 1509 11.95 -21.44 -19.46
CA LYS A 1509 12.68 -22.68 -19.23
C LYS A 1509 11.78 -23.90 -19.38
N LEU A 1510 10.57 -23.86 -18.82
CA LEU A 1510 9.67 -25.01 -18.88
C LEU A 1510 8.69 -24.97 -20.05
N GLY A 1511 9.01 -24.23 -21.11
CA GLY A 1511 8.17 -24.22 -22.29
C GLY A 1511 7.15 -23.12 -22.45
N GLY A 1512 7.21 -22.09 -21.61
CA GLY A 1512 6.27 -21.00 -21.68
C GLY A 1512 4.97 -21.28 -20.97
N GLN A 1513 4.94 -22.32 -20.14
CA GLN A 1513 3.73 -22.65 -19.39
C GLN A 1513 3.63 -21.81 -18.13
N ASP A 1514 2.51 -21.89 -17.44
CA ASP A 1514 2.32 -21.14 -16.20
C ASP A 1514 3.02 -21.87 -15.06
N ILE A 1515 3.66 -21.10 -14.19
CA ILE A 1515 4.46 -21.67 -13.14
C ILE A 1515 3.75 -21.58 -11.80
N PHE A 1516 2.45 -21.38 -11.81
CA PHE A 1516 1.69 -21.29 -10.58
C PHE A 1516 0.48 -22.21 -10.56
N MET A 1517 0.35 -23.11 -11.51
CA MET A 1517 -0.79 -23.99 -11.58
C MET A 1517 -0.33 -25.43 -11.59
N THR A 1518 -1.12 -26.29 -11.00
CA THR A 1518 -0.85 -27.71 -11.04
C THR A 1518 -1.19 -28.25 -12.42
N GLU A 1519 -1.14 -29.55 -12.58
CA GLU A 1519 -1.50 -30.14 -13.86
C GLU A 1519 -3.00 -30.35 -13.99
N GLU A 1520 -3.70 -30.44 -12.86
CA GLU A 1520 -5.16 -30.63 -12.92
C GLU A 1520 -5.79 -29.26 -13.10
N GLN A 1521 -5.12 -28.18 -12.75
CA GLN A 1521 -5.69 -26.85 -12.87
C GLN A 1521 -5.51 -26.29 -14.27
N LYS A 1522 -4.49 -26.74 -15.00
CA LYS A 1522 -4.30 -26.25 -16.35
C LYS A 1522 -5.45 -26.63 -17.26
N LYS A 1523 -5.90 -27.87 -17.13
CA LYS A 1523 -7.05 -28.36 -17.91
C LYS A 1523 -8.23 -27.43 -17.64
N TYR A 1524 -8.54 -27.23 -16.39
CA TYR A 1524 -9.60 -26.31 -16.02
C TYR A 1524 -9.34 -24.93 -16.63
N TYR A 1525 -8.09 -24.51 -16.66
CA TYR A 1525 -7.75 -23.19 -17.14
C TYR A 1525 -8.01 -23.07 -18.64
N ASN A 1526 -7.56 -24.06 -19.40
CA ASN A 1526 -7.79 -24.01 -20.85
C ASN A 1526 -9.27 -23.95 -21.17
N ALA A 1527 -10.07 -24.72 -20.44
CA ALA A 1527 -11.50 -24.77 -20.72
C ALA A 1527 -12.15 -23.42 -20.45
N MET A 1528 -12.01 -22.92 -19.23
CA MET A 1528 -12.65 -21.66 -18.88
C MET A 1528 -12.10 -20.51 -19.69
N LYS A 1529 -10.90 -20.65 -20.26
CA LYS A 1529 -10.43 -19.62 -21.18
C LYS A 1529 -11.28 -19.59 -22.43
N LYS A 1530 -11.47 -20.74 -23.06
CA LYS A 1530 -12.35 -20.81 -24.22
C LYS A 1530 -13.79 -20.52 -23.84
N LEU A 1531 -14.31 -21.24 -22.83
CA LEU A 1531 -15.71 -21.07 -22.42
C LEU A 1531 -16.01 -19.66 -21.96
N GLY A 1532 -14.99 -18.84 -21.74
CA GLY A 1532 -15.21 -17.42 -21.59
C GLY A 1532 -15.30 -16.71 -22.92
N SER A 1533 -14.22 -16.76 -23.69
CA SER A 1533 -14.11 -15.95 -24.91
C SER A 1533 -14.45 -16.82 -26.11
N LYS A 1534 -15.70 -16.75 -26.54
CA LYS A 1534 -16.15 -17.48 -27.72
C LYS A 1534 -17.16 -16.60 -28.44
N LYS A 1535 -16.78 -16.08 -29.59
CA LYS A 1535 -17.59 -15.09 -30.28
C LYS A 1535 -18.86 -15.68 -30.91
N PRO A 1536 -18.78 -16.76 -31.70
CA PRO A 1536 -19.97 -17.20 -32.45
C PRO A 1536 -21.07 -17.67 -31.51
N GLN A 1537 -22.31 -17.35 -31.88
CA GLN A 1537 -23.46 -17.80 -31.11
C GLN A 1537 -24.57 -18.34 -32.00
N LYS A 1538 -25.69 -18.72 -31.40
CA LYS A 1538 -26.80 -19.33 -32.11
C LYS A 1538 -28.02 -18.43 -32.01
N PRO A 1539 -28.63 -18.03 -33.12
CA PRO A 1539 -29.85 -17.24 -33.04
C PRO A 1539 -31.01 -18.09 -32.53
N ILE A 1540 -31.92 -17.44 -31.82
CA ILE A 1540 -33.04 -18.12 -31.18
C ILE A 1540 -34.25 -18.05 -32.11
N PRO A 1541 -34.93 -19.16 -32.38
CA PRO A 1541 -36.06 -19.13 -33.30
C PRO A 1541 -37.19 -18.28 -32.77
N ARG A 1542 -38.02 -17.82 -33.66
CA ARG A 1542 -39.15 -16.98 -33.32
C ARG A 1542 -40.36 -17.84 -33.00
N PRO A 1543 -41.10 -17.54 -31.94
CA PRO A 1543 -42.27 -18.35 -31.61
C PRO A 1543 -43.37 -18.20 -32.65
N GLY A 1544 -44.19 -19.24 -32.75
CA GLY A 1544 -45.22 -19.24 -33.78
C GLY A 1544 -46.40 -18.34 -33.46
N ASN A 1545 -46.88 -18.40 -32.22
CA ASN A 1545 -48.16 -17.76 -31.89
C ASN A 1545 -48.09 -16.25 -32.11
N LYS A 1546 -49.28 -15.74 -32.41
CA LYS A 1546 -49.54 -14.31 -32.67
C LYS A 1546 -49.35 -13.54 -31.35
N ILE A 1547 -49.88 -14.05 -30.23
CA ILE A 1547 -49.73 -13.38 -28.90
C ILE A 1547 -48.32 -13.54 -28.32
N GLN A 1548 -47.53 -14.48 -28.86
CA GLN A 1548 -46.15 -14.80 -28.43
C GLN A 1548 -45.15 -14.14 -29.38
N GLY A 1549 -45.50 -14.01 -30.64
CA GLY A 1549 -44.68 -13.29 -31.61
C GLY A 1549 -44.35 -11.89 -31.15
N CYS A 1550 -45.36 -11.12 -30.78
CA CYS A 1550 -45.13 -9.73 -30.42
C CYS A 1550 -44.22 -9.62 -29.22
N ILE A 1551 -44.51 -10.40 -28.17
CA ILE A 1551 -43.65 -10.40 -26.99
C ILE A 1551 -42.21 -10.66 -27.38
N PHE A 1552 -42.01 -11.57 -28.33
CA PHE A 1552 -40.66 -11.87 -28.77
C PHE A 1552 -40.04 -10.69 -29.50
N ASP A 1553 -40.84 -10.01 -30.33
CA ASP A 1553 -40.34 -8.80 -30.97
C ASP A 1553 -39.95 -7.76 -29.94
N LEU A 1554 -40.65 -7.73 -28.81
CA LEU A 1554 -40.37 -6.76 -27.78
C LEU A 1554 -39.03 -7.05 -27.11
N VAL A 1555 -38.89 -8.26 -26.55
CA VAL A 1555 -37.76 -8.56 -25.68
C VAL A 1555 -36.43 -8.58 -26.42
N THR A 1556 -36.45 -8.66 -27.74
CA THR A 1556 -35.18 -8.76 -28.45
C THR A 1556 -34.62 -7.39 -28.82
N ASN A 1557 -35.46 -6.36 -28.90
CA ASN A 1557 -34.98 -5.05 -29.32
C ASN A 1557 -33.87 -4.55 -28.41
N GLN A 1558 -32.95 -3.80 -29.01
CA GLN A 1558 -31.95 -3.10 -28.21
C GLN A 1558 -32.60 -2.11 -27.27
N ALA A 1559 -33.77 -1.61 -27.65
CA ALA A 1559 -34.52 -0.73 -26.74
C ALA A 1559 -34.74 -1.41 -25.41
N PHE A 1560 -35.17 -2.68 -25.45
CA PHE A 1560 -35.55 -3.36 -24.22
C PHE A 1560 -34.38 -3.49 -23.26
N ASP A 1561 -33.21 -3.88 -23.77
CA ASP A 1561 -32.07 -4.08 -22.90
C ASP A 1561 -31.64 -2.76 -22.26
N ILE A 1562 -31.56 -1.70 -23.06
CA ILE A 1562 -31.04 -0.45 -22.52
C ILE A 1562 -31.93 0.09 -21.43
N SER A 1563 -33.25 0.01 -21.61
CA SER A 1563 -34.15 0.51 -20.58
C SER A 1563 -33.90 -0.19 -19.26
N ILE A 1564 -33.72 -1.50 -19.29
CA ILE A 1564 -33.46 -2.23 -18.06
C ILE A 1564 -32.18 -1.74 -17.40
N MET A 1565 -31.17 -1.36 -18.19
CA MET A 1565 -29.96 -0.86 -17.59
C MET A 1565 -30.20 0.42 -16.81
N VAL A 1566 -31.30 1.12 -17.11
CA VAL A 1566 -31.62 2.31 -16.34
C VAL A 1566 -32.28 1.93 -15.02
N LEU A 1567 -33.28 1.06 -15.06
CA LEU A 1567 -33.92 0.65 -13.82
C LEU A 1567 -32.95 -0.01 -12.88
N ILE A 1568 -31.82 -0.51 -13.36
CA ILE A 1568 -30.82 -1.04 -12.42
C ILE A 1568 -30.07 0.10 -11.72
N CYS A 1569 -29.69 1.13 -12.48
CA CYS A 1569 -29.02 2.30 -11.88
C CYS A 1569 -29.95 3.04 -10.93
N LEU A 1570 -31.23 3.09 -11.26
CA LEU A 1570 -32.19 3.72 -10.38
C LEU A 1570 -32.26 2.95 -9.08
N ASN A 1571 -32.24 1.64 -9.15
CA ASN A 1571 -32.23 0.82 -7.94
C ASN A 1571 -30.98 1.10 -7.14
N MET A 1572 -29.86 1.23 -7.83
CA MET A 1572 -28.63 1.56 -7.13
C MET A 1572 -28.78 2.86 -6.38
N VAL A 1573 -29.32 3.92 -7.00
CA VAL A 1573 -29.39 5.20 -6.28
C VAL A 1573 -30.40 5.12 -5.14
N THR A 1574 -31.34 4.19 -5.21
CA THR A 1574 -32.32 3.96 -4.15
C THR A 1574 -31.63 3.42 -2.91
N MET A 1575 -30.68 2.51 -3.10
CA MET A 1575 -29.95 2.00 -1.95
C MET A 1575 -29.02 3.04 -1.36
N MET A 1576 -28.63 4.03 -2.15
CA MET A 1576 -27.62 4.97 -1.71
C MET A 1576 -28.13 6.04 -0.77
N VAL A 1577 -29.44 6.18 -0.61
CA VAL A 1577 -29.98 7.28 0.18
C VAL A 1577 -30.39 6.83 1.57
N GLU A 1578 -30.06 5.60 1.95
CA GLU A 1578 -30.30 5.15 3.31
C GLU A 1578 -29.20 5.69 4.20
N LYS A 1579 -29.58 6.40 5.24
CA LYS A 1579 -28.60 6.94 6.16
C LYS A 1579 -28.99 6.53 7.57
N GLU A 1580 -28.16 6.92 8.53
CA GLU A 1580 -28.34 6.53 9.92
C GLU A 1580 -29.32 7.49 10.57
N GLY A 1581 -30.35 6.93 11.19
CA GLY A 1581 -31.31 7.74 11.90
C GLY A 1581 -32.17 8.58 10.99
N GLN A 1582 -32.88 7.92 10.09
CA GLN A 1582 -33.74 8.58 9.12
C GLN A 1582 -35.18 8.47 9.57
N SER A 1583 -36.02 9.35 9.04
CA SER A 1583 -37.40 9.41 9.48
C SER A 1583 -38.11 8.08 9.24
N GLN A 1584 -39.14 7.82 10.03
CA GLN A 1584 -39.96 6.65 9.78
C GLN A 1584 -40.56 6.68 8.40
N HIS A 1585 -40.96 7.86 7.94
CA HIS A 1585 -41.51 8.00 6.60
C HIS A 1585 -40.56 7.44 5.58
N MET A 1586 -39.33 7.98 5.52
CA MET A 1586 -38.41 7.58 4.47
C MET A 1586 -38.11 6.09 4.53
N THR A 1587 -38.21 5.48 5.71
CA THR A 1587 -38.07 4.03 5.76
C THR A 1587 -39.21 3.36 5.02
N GLU A 1588 -40.44 3.80 5.27
CA GLU A 1588 -41.57 3.18 4.62
C GLU A 1588 -41.56 3.44 3.12
N VAL A 1589 -41.20 4.65 2.71
CA VAL A 1589 -41.15 4.95 1.28
C VAL A 1589 -40.10 4.10 0.61
N LEU A 1590 -38.85 4.20 1.07
CA LEU A 1590 -37.79 3.41 0.46
C LEU A 1590 -38.12 1.94 0.45
N TYR A 1591 -38.92 1.49 1.41
CA TYR A 1591 -39.37 0.10 1.37
C TYR A 1591 -40.28 -0.12 0.17
N TRP A 1592 -41.29 0.71 0.00
CA TRP A 1592 -42.25 0.50 -1.07
C TRP A 1592 -41.62 0.70 -2.44
N ILE A 1593 -40.61 1.55 -2.54
CA ILE A 1593 -39.93 1.69 -3.81
C ILE A 1593 -39.22 0.39 -4.16
N ASN A 1594 -38.50 -0.19 -3.20
CA ASN A 1594 -37.82 -1.45 -3.46
C ASN A 1594 -38.79 -2.51 -3.89
N VAL A 1595 -40.00 -2.51 -3.35
CA VAL A 1595 -40.99 -3.48 -3.78
C VAL A 1595 -41.30 -3.32 -5.25
N VAL A 1596 -41.49 -2.08 -5.69
CA VAL A 1596 -41.83 -1.86 -7.09
C VAL A 1596 -40.72 -2.35 -7.99
N PHE A 1597 -39.47 -2.09 -7.62
CA PHE A 1597 -38.36 -2.58 -8.42
C PHE A 1597 -38.36 -4.10 -8.47
N ILE A 1598 -38.73 -4.74 -7.37
CA ILE A 1598 -38.79 -6.20 -7.37
C ILE A 1598 -39.87 -6.66 -8.34
N ILE A 1599 -40.97 -5.94 -8.42
CA ILE A 1599 -42.02 -6.31 -9.36
C ILE A 1599 -41.54 -6.20 -10.79
N LEU A 1600 -40.88 -5.09 -11.12
CA LEU A 1600 -40.48 -4.86 -12.49
C LEU A 1600 -39.51 -5.93 -12.96
N PHE A 1601 -38.47 -6.25 -12.21
CA PHE A 1601 -37.50 -7.23 -12.74
C PHE A 1601 -38.08 -8.66 -12.86
N THR A 1602 -38.98 -9.02 -11.96
CA THR A 1602 -39.65 -10.32 -12.06
C THR A 1602 -40.46 -10.33 -13.35
N GLY A 1603 -41.08 -9.20 -13.68
CA GLY A 1603 -41.83 -9.09 -14.91
C GLY A 1603 -40.95 -9.27 -16.11
N GLU A 1604 -39.75 -8.70 -16.10
CA GLU A 1604 -38.81 -8.89 -17.20
C GLU A 1604 -38.53 -10.35 -17.34
N CYS A 1605 -38.28 -11.01 -16.22
CA CYS A 1605 -37.94 -12.44 -16.30
C CYS A 1605 -39.11 -13.22 -16.90
N VAL A 1606 -40.34 -12.94 -16.48
CA VAL A 1606 -41.49 -13.65 -17.02
C VAL A 1606 -41.68 -13.40 -18.51
N LEU A 1607 -41.50 -12.17 -18.96
CA LEU A 1607 -41.60 -11.86 -20.39
C LEU A 1607 -40.54 -12.60 -21.18
N LYS A 1608 -39.33 -12.66 -20.67
CA LYS A 1608 -38.29 -13.43 -21.37
C LYS A 1608 -38.65 -14.90 -21.42
N LEU A 1609 -39.13 -15.52 -20.36
CA LEU A 1609 -39.51 -16.92 -20.40
C LEU A 1609 -40.70 -17.19 -21.27
N ILE A 1610 -41.46 -16.21 -21.69
CA ILE A 1610 -42.59 -16.57 -22.56
C ILE A 1610 -42.16 -16.40 -24.01
N SER A 1611 -41.39 -15.38 -24.32
CA SER A 1611 -40.86 -15.22 -25.66
C SER A 1611 -39.90 -16.34 -26.00
N LEU A 1612 -39.03 -16.71 -25.06
CA LEU A 1612 -38.08 -17.79 -25.27
C LEU A 1612 -38.65 -18.94 -24.51
N ARG A 1613 -39.25 -19.91 -25.20
CA ARG A 1613 -39.93 -20.98 -24.47
C ARG A 1613 -38.99 -21.83 -23.63
N HIS A 1614 -37.87 -22.29 -24.19
CA HIS A 1614 -36.89 -23.05 -23.41
C HIS A 1614 -35.47 -22.54 -23.61
N TYR A 1615 -35.26 -21.69 -24.60
CA TYR A 1615 -33.91 -21.22 -24.91
C TYR A 1615 -33.44 -20.17 -23.92
N TYR A 1616 -34.27 -19.87 -22.93
CA TYR A 1616 -33.92 -18.85 -21.95
C TYR A 1616 -32.82 -19.33 -21.02
N PHE A 1617 -32.81 -20.61 -20.70
CA PHE A 1617 -31.77 -21.15 -19.83
C PHE A 1617 -30.52 -21.55 -20.56
N THR A 1618 -30.36 -21.10 -21.79
CA THR A 1618 -29.16 -21.38 -22.54
C THR A 1618 -28.09 -20.33 -22.30
N VAL A 1619 -28.46 -19.09 -22.10
CA VAL A 1619 -27.51 -18.02 -21.93
C VAL A 1619 -26.99 -18.01 -20.51
N GLY A 1620 -25.69 -17.81 -20.36
CA GLY A 1620 -25.11 -17.80 -19.03
C GLY A 1620 -25.65 -16.66 -18.19
N TRP A 1621 -25.97 -15.54 -18.81
CA TRP A 1621 -26.43 -14.39 -18.04
C TRP A 1621 -27.90 -14.54 -17.65
N ASN A 1622 -28.71 -15.08 -18.54
CA ASN A 1622 -30.12 -15.26 -18.23
C ASN A 1622 -30.31 -16.15 -17.00
N ILE A 1623 -29.35 -17.03 -16.75
CA ILE A 1623 -29.44 -17.82 -15.53
C ILE A 1623 -29.13 -16.96 -14.32
N PHE A 1624 -28.10 -16.12 -14.42
CA PHE A 1624 -27.73 -15.31 -13.28
C PHE A 1624 -28.85 -14.35 -12.90
N ASP A 1625 -29.59 -13.87 -13.88
CA ASP A 1625 -30.73 -13.03 -13.56
C ASP A 1625 -31.81 -13.83 -12.86
N PHE A 1626 -32.06 -15.04 -13.34
CA PHE A 1626 -33.13 -15.84 -12.75
C PHE A 1626 -32.84 -16.13 -11.29
N VAL A 1627 -31.60 -16.40 -10.95
CA VAL A 1627 -31.25 -16.59 -9.54
C VAL A 1627 -31.51 -15.31 -8.77
N VAL A 1628 -31.00 -14.19 -9.27
CA VAL A 1628 -31.15 -12.93 -8.58
C VAL A 1628 -32.61 -12.60 -8.35
N VAL A 1629 -33.46 -12.95 -9.31
CA VAL A 1629 -34.89 -12.74 -9.14
C VAL A 1629 -35.38 -13.48 -7.91
N ILE A 1630 -35.12 -14.78 -7.85
CA ILE A 1630 -35.59 -15.58 -6.73
C ILE A 1630 -35.02 -15.05 -5.42
N ILE A 1631 -33.71 -14.87 -5.38
CA ILE A 1631 -33.05 -14.45 -4.16
C ILE A 1631 -33.65 -13.15 -3.65
N SER A 1632 -33.84 -12.20 -4.55
CA SER A 1632 -34.40 -10.92 -4.15
C SER A 1632 -35.79 -11.08 -3.55
N ILE A 1633 -36.63 -11.90 -4.18
CA ILE A 1633 -37.96 -12.12 -3.65
C ILE A 1633 -37.91 -12.73 -2.27
N VAL A 1634 -37.22 -13.86 -2.11
CA VAL A 1634 -37.19 -14.47 -0.75
C VAL A 1634 -36.54 -13.50 0.25
N GLY A 1635 -35.65 -12.64 -0.21
CA GLY A 1635 -35.14 -11.64 0.71
C GLY A 1635 -36.24 -10.78 1.28
N MET A 1636 -37.24 -10.48 0.46
CA MET A 1636 -38.37 -9.69 0.93
C MET A 1636 -39.21 -10.47 1.95
N PHE A 1637 -39.74 -11.62 1.53
CA PHE A 1637 -40.62 -12.39 2.40
C PHE A 1637 -39.91 -12.78 3.70
N LEU A 1638 -38.72 -13.37 3.57
CA LEU A 1638 -38.05 -13.92 4.75
C LEU A 1638 -37.79 -12.87 5.80
N ALA A 1639 -37.17 -11.75 5.40
CA ALA A 1639 -36.87 -10.69 6.34
C ALA A 1639 -38.13 -10.24 7.06
N ASP A 1640 -39.24 -10.14 6.32
CA ASP A 1640 -40.52 -9.85 6.95
C ASP A 1640 -40.84 -10.88 8.02
N LEU A 1641 -40.71 -12.16 7.68
CA LEU A 1641 -41.04 -13.21 8.65
C LEU A 1641 -40.04 -13.22 9.81
N ILE A 1642 -38.79 -12.83 9.51
CA ILE A 1642 -37.75 -12.85 10.53
C ILE A 1642 -38.15 -11.97 11.65
N GLU A 1643 -38.22 -10.69 11.39
CA GLU A 1643 -38.49 -9.79 12.47
C GLU A 1643 -39.84 -10.08 13.15
N THR A 1644 -40.87 -10.46 12.41
CA THR A 1644 -42.16 -10.64 13.07
C THR A 1644 -42.32 -11.78 14.11
N TYR A 1645 -41.93 -13.02 13.82
CA TYR A 1645 -42.19 -14.06 14.85
C TYR A 1645 -40.91 -14.66 15.44
N PHE A 1646 -39.78 -14.02 15.17
CA PHE A 1646 -38.51 -14.45 15.72
C PHE A 1646 -37.80 -13.11 15.76
N VAL A 1647 -36.63 -13.02 16.34
CA VAL A 1647 -35.95 -11.76 16.29
C VAL A 1647 -34.46 -11.98 16.25
N SER A 1648 -33.80 -11.38 15.27
CA SER A 1648 -32.37 -11.52 15.14
C SER A 1648 -31.86 -10.43 14.24
N PRO A 1649 -31.57 -9.23 14.80
CA PRO A 1649 -31.17 -8.20 13.84
C PRO A 1649 -29.90 -8.55 13.06
N THR A 1650 -28.95 -9.25 13.64
CA THR A 1650 -27.74 -9.53 12.94
C THR A 1650 -28.07 -10.37 11.74
N LEU A 1651 -28.96 -11.33 11.89
CA LEU A 1651 -29.38 -12.11 10.76
C LEU A 1651 -30.19 -11.25 9.84
N PHE A 1652 -31.02 -10.38 10.39
CA PHE A 1652 -31.85 -9.54 9.56
C PHE A 1652 -31.01 -8.88 8.56
N ARG A 1653 -29.92 -8.30 9.00
CA ARG A 1653 -29.08 -7.55 8.09
C ARG A 1653 -28.46 -8.47 7.03
N VAL A 1654 -27.82 -9.54 7.47
CA VAL A 1654 -27.08 -10.39 6.53
C VAL A 1654 -28.00 -10.95 5.46
N ILE A 1655 -29.28 -11.10 5.78
CA ILE A 1655 -30.21 -11.56 4.76
C ILE A 1655 -30.60 -10.45 3.80
N ARG A 1656 -30.51 -9.19 4.22
CA ARG A 1656 -30.81 -8.10 3.30
C ARG A 1656 -29.66 -7.82 2.36
N LEU A 1657 -28.49 -8.40 2.58
CA LEU A 1657 -27.45 -8.34 1.57
C LEU A 1657 -27.88 -8.99 0.27
N ALA A 1658 -28.98 -9.74 0.28
CA ALA A 1658 -29.41 -10.40 -0.93
C ALA A 1658 -29.76 -9.41 -2.03
N ARG A 1659 -30.32 -8.26 -1.66
CA ARG A 1659 -30.76 -7.32 -2.67
C ARG A 1659 -29.61 -6.73 -3.46
N ILE A 1660 -28.37 -6.87 -3.00
CA ILE A 1660 -27.23 -6.40 -3.78
C ILE A 1660 -27.13 -7.10 -5.12
N GLY A 1661 -27.59 -8.33 -5.22
CA GLY A 1661 -27.49 -9.05 -6.46
C GLY A 1661 -28.22 -8.41 -7.62
N ARG A 1662 -29.09 -7.45 -7.36
CA ARG A 1662 -29.73 -6.72 -8.43
C ARG A 1662 -28.83 -5.68 -9.05
N ILE A 1663 -27.73 -5.35 -8.38
CA ILE A 1663 -26.81 -4.33 -8.86
C ILE A 1663 -25.74 -5.01 -9.69
N LEU A 1664 -25.39 -6.24 -9.30
CA LEU A 1664 -24.35 -6.95 -10.01
C LEU A 1664 -24.67 -7.11 -11.48
N ARG A 1665 -25.95 -7.15 -11.83
CA ARG A 1665 -26.33 -7.27 -13.23
C ARG A 1665 -25.84 -6.12 -14.07
N LEU A 1666 -25.31 -5.06 -13.46
CA LEU A 1666 -24.84 -3.92 -14.22
C LEU A 1666 -23.64 -4.24 -15.08
N VAL A 1667 -22.97 -5.36 -14.87
CA VAL A 1667 -21.76 -5.63 -15.62
C VAL A 1667 -22.15 -6.43 -16.85
N LYS A 1668 -23.44 -6.57 -17.11
CA LYS A 1668 -23.87 -7.28 -18.28
C LYS A 1668 -23.77 -6.44 -19.53
N GLY A 1669 -23.86 -5.13 -19.40
CA GLY A 1669 -23.82 -4.26 -20.56
C GLY A 1669 -22.44 -3.69 -20.78
N ALA A 1670 -21.71 -3.41 -19.70
CA ALA A 1670 -20.36 -2.93 -19.84
C ALA A 1670 -19.52 -3.95 -20.59
N LYS A 1671 -18.59 -3.47 -21.39
CA LYS A 1671 -17.72 -4.36 -22.13
C LYS A 1671 -16.29 -4.35 -21.64
N GLY A 1672 -15.77 -3.20 -21.25
CA GLY A 1672 -14.47 -3.18 -20.62
C GLY A 1672 -14.46 -3.89 -19.29
N ILE A 1673 -15.52 -3.69 -18.50
CA ILE A 1673 -15.57 -4.30 -17.19
C ILE A 1673 -15.66 -5.81 -17.30
N ARG A 1674 -16.52 -6.31 -18.18
CA ARG A 1674 -16.60 -7.75 -18.37
C ARG A 1674 -15.24 -8.33 -18.71
N THR A 1675 -14.44 -7.59 -19.48
CA THR A 1675 -13.13 -8.10 -19.83
C THR A 1675 -12.19 -8.09 -18.64
N LEU A 1676 -12.23 -7.03 -17.82
CA LEU A 1676 -11.34 -6.97 -16.68
C LEU A 1676 -11.69 -8.02 -15.65
N LEU A 1677 -12.98 -8.23 -15.39
CA LEU A 1677 -13.37 -9.26 -14.45
C LEU A 1677 -12.96 -10.63 -14.97
N PHE A 1678 -13.02 -10.84 -16.27
CA PHE A 1678 -12.61 -12.11 -16.82
C PHE A 1678 -11.17 -12.43 -16.48
N ALA A 1679 -10.29 -11.42 -16.54
CA ALA A 1679 -8.92 -11.65 -16.12
C ALA A 1679 -8.83 -12.10 -14.69
N LEU A 1680 -9.78 -11.69 -13.85
CA LEU A 1680 -9.79 -12.17 -12.48
C LEU A 1680 -10.14 -13.64 -12.43
N MET A 1681 -11.21 -14.03 -13.11
CA MET A 1681 -11.64 -15.42 -13.08
C MET A 1681 -10.53 -16.33 -13.58
N MET A 1682 -9.76 -15.88 -14.56
CA MET A 1682 -8.64 -16.67 -15.01
C MET A 1682 -7.56 -16.81 -13.95
N SER A 1683 -7.60 -15.99 -12.91
CA SER A 1683 -6.50 -15.91 -11.97
C SER A 1683 -6.80 -16.56 -10.63
N LEU A 1684 -7.98 -17.10 -10.47
CA LEU A 1684 -8.30 -17.72 -9.19
C LEU A 1684 -7.52 -19.01 -8.99
N PRO A 1685 -7.40 -19.88 -10.00
CA PRO A 1685 -6.58 -21.07 -9.81
C PRO A 1685 -5.20 -20.80 -9.28
N ALA A 1686 -4.54 -19.75 -9.76
CA ALA A 1686 -3.20 -19.47 -9.29
C ALA A 1686 -3.22 -18.77 -7.94
N LEU A 1687 -4.09 -17.78 -7.78
CA LEU A 1687 -4.18 -17.10 -6.50
C LEU A 1687 -4.62 -18.04 -5.40
N PHE A 1688 -5.39 -19.07 -5.74
CA PHE A 1688 -5.79 -20.01 -4.71
C PHE A 1688 -4.60 -20.77 -4.16
N ASN A 1689 -3.70 -21.23 -5.04
CA ASN A 1689 -2.50 -21.90 -4.56
C ASN A 1689 -1.71 -21.00 -3.64
N ILE A 1690 -1.50 -19.75 -4.06
CA ILE A 1690 -0.77 -18.81 -3.22
C ILE A 1690 -1.49 -18.61 -1.90
N GLY A 1691 -2.81 -18.47 -1.95
CA GLY A 1691 -3.57 -18.30 -0.72
C GLY A 1691 -3.34 -19.43 0.26
N LEU A 1692 -3.22 -20.65 -0.25
CA LEU A 1692 -2.92 -21.77 0.62
C LEU A 1692 -1.57 -21.58 1.30
N LEU A 1693 -0.51 -21.43 0.51
CA LEU A 1693 0.81 -21.28 1.08
C LEU A 1693 0.85 -20.15 2.10
N LEU A 1694 0.21 -19.03 1.83
CA LEU A 1694 0.16 -17.96 2.83
C LEU A 1694 -0.49 -18.40 4.12
N PHE A 1695 -1.60 -19.12 4.01
CA PHE A 1695 -2.32 -19.55 5.20
C PHE A 1695 -1.48 -20.46 6.08
N LEU A 1696 -0.73 -21.40 5.50
CA LEU A 1696 0.07 -22.30 6.30
C LEU A 1696 1.12 -21.51 7.05
N VAL A 1697 1.73 -20.54 6.39
CA VAL A 1697 2.73 -19.71 7.03
C VAL A 1697 2.12 -18.92 8.18
N MET A 1698 0.92 -18.36 7.98
CA MET A 1698 0.28 -17.65 9.07
C MET A 1698 0.00 -18.59 10.22
N PHE A 1699 -0.46 -19.80 9.95
CA PHE A 1699 -0.75 -20.75 11.01
C PHE A 1699 0.50 -21.08 11.80
N ILE A 1700 1.61 -21.30 11.12
CA ILE A 1700 2.86 -21.59 11.81
C ILE A 1700 3.29 -20.42 12.68
N TYR A 1701 3.16 -19.20 12.16
CA TYR A 1701 3.50 -18.03 12.97
C TYR A 1701 2.58 -17.87 14.18
N ALA A 1702 1.30 -18.15 14.04
CA ALA A 1702 0.36 -18.05 15.13
C ALA A 1702 0.75 -18.98 16.23
N ILE A 1703 1.22 -20.18 15.91
CA ILE A 1703 1.55 -21.06 17.02
C ILE A 1703 2.77 -20.55 17.77
N PHE A 1704 3.79 -20.12 17.03
CA PHE A 1704 4.94 -19.51 17.67
C PHE A 1704 4.52 -18.31 18.51
N GLY A 1705 3.72 -17.43 17.94
CA GLY A 1705 3.29 -16.26 18.68
C GLY A 1705 2.56 -16.63 19.95
N MET A 1706 1.54 -17.46 19.83
CA MET A 1706 0.70 -17.72 20.99
C MET A 1706 1.42 -18.51 22.07
N SER A 1707 2.65 -18.93 21.81
CA SER A 1707 3.45 -19.64 22.79
C SER A 1707 4.71 -18.89 23.16
N ASN A 1708 4.86 -17.65 22.71
CA ASN A 1708 5.99 -16.84 23.09
C ASN A 1708 5.52 -15.50 23.62
N PHE A 1709 4.46 -14.98 23.03
CA PHE A 1709 4.05 -13.61 23.25
C PHE A 1709 2.69 -13.53 23.92
N ALA A 1710 2.29 -14.57 24.60
CA ALA A 1710 0.97 -14.57 25.22
C ALA A 1710 0.96 -13.86 26.55
N TYR A 1711 2.11 -13.49 27.08
CA TYR A 1711 2.15 -12.88 28.40
C TYR A 1711 2.90 -11.59 28.37
N VAL A 1712 2.94 -10.92 27.23
CA VAL A 1712 3.60 -9.62 27.14
C VAL A 1712 2.78 -8.54 27.86
N LYS A 1713 3.31 -7.34 27.96
CA LYS A 1713 2.67 -6.27 28.76
C LYS A 1713 1.30 -5.73 28.40
N LYS A 1714 0.91 -5.62 27.13
CA LYS A 1714 -0.35 -4.97 26.69
C LYS A 1714 -0.13 -3.48 26.57
N GLU A 1715 1.13 -3.05 26.55
CA GLU A 1715 1.46 -1.63 26.52
C GLU A 1715 0.97 -0.88 25.30
N ASP A 1716 1.20 -1.40 24.10
CA ASP A 1716 0.66 -0.75 22.90
C ASP A 1716 0.49 -1.71 21.74
N GLY A 1717 -0.47 -1.43 20.87
CA GLY A 1717 -0.74 -2.36 19.80
C GLY A 1717 -1.27 -3.68 20.32
N ILE A 1718 -1.00 -4.00 21.58
CA ILE A 1718 -1.42 -5.25 22.15
C ILE A 1718 -2.51 -4.81 23.08
N ASN A 1719 -3.72 -5.28 22.86
CA ASN A 1719 -4.86 -4.82 23.62
C ASN A 1719 -5.59 -5.99 24.17
N ASP A 1720 -6.72 -5.74 24.78
CA ASP A 1720 -7.56 -6.82 25.27
C ASP A 1720 -8.05 -7.70 24.11
N MET A 1721 -8.34 -7.10 22.96
CA MET A 1721 -8.82 -7.86 21.84
C MET A 1721 -7.75 -8.29 20.83
N PHE A 1722 -6.62 -7.59 20.78
CA PHE A 1722 -5.63 -7.92 19.76
C PHE A 1722 -4.35 -8.29 20.49
N ASN A 1723 -4.05 -9.58 20.53
CA ASN A 1723 -2.93 -10.08 21.29
C ASN A 1723 -2.66 -11.49 20.81
N PHE A 1724 -1.79 -12.20 21.51
CA PHE A 1724 -1.42 -13.55 21.14
C PHE A 1724 -1.87 -14.54 22.20
N GLU A 1725 -3.06 -14.36 22.74
CA GLU A 1725 -3.51 -15.21 23.81
C GLU A 1725 -4.28 -16.42 23.34
N THR A 1726 -4.88 -16.36 22.16
CA THR A 1726 -5.64 -17.48 21.63
C THR A 1726 -5.25 -17.67 20.19
N PHE A 1727 -5.87 -18.65 19.55
CA PHE A 1727 -5.66 -18.82 18.12
C PHE A 1727 -6.45 -17.79 17.34
N GLY A 1728 -7.63 -17.43 17.83
CA GLY A 1728 -8.40 -16.40 17.16
C GLY A 1728 -7.67 -15.08 17.13
N ASN A 1729 -7.25 -14.61 18.31
CA ASN A 1729 -6.62 -13.30 18.39
C ASN A 1729 -5.35 -13.25 17.57
N SER A 1730 -4.50 -14.26 17.71
CA SER A 1730 -3.23 -14.24 17.00
C SER A 1730 -3.43 -14.23 15.51
N MET A 1731 -4.32 -15.06 14.98
CA MET A 1731 -4.58 -15.03 13.55
C MET A 1731 -5.09 -13.68 13.11
N ILE A 1732 -5.83 -12.99 13.98
CA ILE A 1732 -6.33 -11.67 13.62
C ILE A 1732 -5.18 -10.69 13.51
N CYS A 1733 -4.27 -10.70 14.49
CA CYS A 1733 -3.12 -9.82 14.42
C CYS A 1733 -2.27 -10.13 13.21
N LEU A 1734 -2.05 -11.41 12.92
CA LEU A 1734 -1.17 -11.77 11.82
C LEU A 1734 -1.74 -11.33 10.48
N PHE A 1735 -3.04 -11.50 10.29
CA PHE A 1735 -3.63 -11.04 9.05
C PHE A 1735 -3.45 -9.54 8.89
N GLN A 1736 -3.47 -8.81 10.00
CA GLN A 1736 -3.28 -7.37 9.93
C GLN A 1736 -1.92 -7.02 9.38
N ILE A 1737 -0.86 -7.54 10.00
CA ILE A 1737 0.49 -7.18 9.58
C ILE A 1737 0.93 -7.87 8.32
N THR A 1738 0.08 -8.70 7.71
CA THR A 1738 0.43 -9.23 6.40
C THR A 1738 0.67 -8.14 5.40
N THR A 1739 -0.09 -7.05 5.49
CA THR A 1739 0.17 -5.86 4.69
C THR A 1739 1.12 -4.92 5.39
N SER A 1740 1.85 -5.41 6.39
CA SER A 1740 2.82 -4.66 7.18
C SER A 1740 2.19 -3.56 8.01
N ALA A 1741 0.87 -3.41 7.97
CA ALA A 1741 0.24 -2.33 8.71
C ALA A 1741 0.45 -2.51 10.19
N GLY A 1742 1.02 -1.50 10.83
CA GLY A 1742 1.15 -1.51 12.27
C GLY A 1742 1.97 -2.64 12.83
N TRP A 1743 2.98 -3.10 12.11
CA TRP A 1743 3.85 -4.11 12.69
C TRP A 1743 4.76 -3.50 13.74
N ASP A 1744 5.07 -2.21 13.61
CA ASP A 1744 5.87 -1.56 14.64
C ASP A 1744 5.13 -1.54 15.97
N GLY A 1745 3.81 -1.42 15.92
CA GLY A 1745 3.05 -1.37 17.15
C GLY A 1745 3.10 -2.67 17.91
N LEU A 1746 3.04 -3.79 17.20
CA LEU A 1746 3.10 -5.08 17.86
C LEU A 1746 4.48 -5.36 18.38
N LEU A 1747 5.51 -4.93 17.67
CA LEU A 1747 6.86 -5.17 18.11
C LEU A 1747 7.20 -4.39 19.37
N ALA A 1748 6.68 -3.19 19.51
CA ALA A 1748 7.13 -2.28 20.56
C ALA A 1748 7.03 -2.89 21.95
N PRO A 1749 5.91 -3.50 22.35
CA PRO A 1749 5.84 -4.05 23.70
C PRO A 1749 6.65 -5.30 23.90
N ILE A 1750 7.29 -5.80 22.85
CA ILE A 1750 8.14 -6.97 22.96
C ILE A 1750 9.59 -6.58 23.18
N LEU A 1751 9.97 -5.38 22.84
CA LEU A 1751 11.37 -4.97 22.91
C LEU A 1751 11.79 -4.53 24.30
N ASN A 1752 10.93 -4.60 25.30
CA ASN A 1752 11.32 -4.18 26.64
C ASN A 1752 11.59 -5.42 27.47
N SER A 1753 12.81 -5.54 27.97
CA SER A 1753 13.23 -6.72 28.68
C SER A 1753 13.79 -6.45 30.08
N LYS A 1754 13.80 -5.20 30.53
CA LYS A 1754 14.37 -4.91 31.82
C LYS A 1754 13.49 -3.91 32.57
N PRO A 1755 13.39 -4.05 33.89
CA PRO A 1755 12.69 -3.07 34.69
C PRO A 1755 13.34 -1.70 34.52
N PRO A 1756 12.57 -0.62 34.64
CA PRO A 1756 11.18 -0.57 35.06
C PRO A 1756 10.20 -0.71 33.92
N ASP A 1757 10.60 -1.30 32.81
CA ASP A 1757 9.66 -1.52 31.72
C ASP A 1757 8.76 -2.71 32.02
N CYS A 1758 9.36 -3.89 32.13
CA CYS A 1758 8.62 -5.11 32.40
C CYS A 1758 8.97 -5.65 33.77
N ASP A 1759 8.02 -6.37 34.36
CA ASP A 1759 8.23 -7.01 35.65
C ASP A 1759 8.55 -8.47 35.42
N PRO A 1760 9.81 -8.89 35.55
CA PRO A 1760 10.14 -10.28 35.23
C PRO A 1760 9.61 -11.29 36.24
N LYS A 1761 8.96 -10.86 37.31
CA LYS A 1761 8.43 -11.79 38.29
C LYS A 1761 6.96 -11.53 38.56
N LYS A 1762 6.25 -10.95 37.60
CA LYS A 1762 4.82 -10.76 37.76
C LYS A 1762 4.11 -12.10 37.69
N VAL A 1763 3.17 -12.30 38.61
CA VAL A 1763 2.41 -13.54 38.66
C VAL A 1763 1.10 -13.35 37.93
N HIS A 1764 0.70 -14.34 37.17
CA HIS A 1764 -0.57 -14.30 36.49
C HIS A 1764 -1.53 -15.24 37.16
N PRO A 1765 -2.71 -14.78 37.55
CA PRO A 1765 -3.67 -15.66 38.21
C PRO A 1765 -4.16 -16.73 37.25
N GLY A 1766 -4.14 -17.97 37.72
CA GLY A 1766 -4.64 -19.06 36.93
C GLY A 1766 -3.60 -19.79 36.14
N SER A 1767 -2.39 -19.26 36.04
CA SER A 1767 -1.32 -19.91 35.32
C SER A 1767 -0.13 -20.09 36.23
N SER A 1768 0.93 -20.67 35.69
CA SER A 1768 2.17 -20.81 36.42
C SER A 1768 3.33 -20.07 35.77
N VAL A 1769 3.10 -19.44 34.64
CA VAL A 1769 4.14 -18.63 34.00
C VAL A 1769 4.41 -17.41 34.85
N GLU A 1770 5.66 -16.96 34.85
CA GLU A 1770 6.09 -15.79 35.60
C GLU A 1770 6.58 -14.73 34.61
N GLY A 1771 6.29 -13.48 34.92
CA GLY A 1771 6.95 -12.39 34.22
C GLY A 1771 6.29 -12.04 32.90
N ASP A 1772 6.17 -10.76 32.62
CA ASP A 1772 5.58 -10.28 31.39
C ASP A 1772 6.60 -9.61 30.47
N CYS A 1773 7.86 -10.02 30.58
CA CYS A 1773 8.89 -9.46 29.73
C CYS A 1773 8.85 -10.12 28.37
N GLY A 1774 9.47 -9.46 27.39
CA GLY A 1774 9.58 -10.00 26.06
C GLY A 1774 11.04 -10.33 25.76
N ASN A 1775 11.23 -11.12 24.72
CA ASN A 1775 12.58 -11.46 24.32
C ASN A 1775 12.93 -10.69 23.07
N PRO A 1776 13.70 -9.61 23.16
CA PRO A 1776 13.94 -8.78 21.98
C PRO A 1776 14.52 -9.53 20.81
N SER A 1777 15.44 -10.45 21.05
CA SER A 1777 16.05 -11.20 19.96
C SER A 1777 15.00 -11.97 19.18
N VAL A 1778 14.26 -12.83 19.87
CA VAL A 1778 13.16 -13.54 19.24
C VAL A 1778 12.17 -12.56 18.62
N GLY A 1779 11.78 -11.56 19.40
CA GLY A 1779 10.84 -10.57 18.94
C GLY A 1779 11.17 -9.97 17.60
N ILE A 1780 12.42 -9.55 17.45
CA ILE A 1780 12.80 -8.90 16.20
C ILE A 1780 12.78 -9.90 15.06
N PHE A 1781 13.39 -11.06 15.25
CA PHE A 1781 13.44 -12.05 14.20
C PHE A 1781 12.03 -12.44 13.75
N TYR A 1782 11.11 -12.56 14.70
CA TYR A 1782 9.74 -12.93 14.38
C TYR A 1782 9.14 -11.99 13.35
N PHE A 1783 9.07 -10.71 13.68
CA PHE A 1783 8.34 -9.78 12.83
C PHE A 1783 9.11 -9.46 11.57
N VAL A 1784 10.41 -9.25 11.67
CA VAL A 1784 11.18 -8.92 10.48
C VAL A 1784 11.09 -10.04 9.47
N SER A 1785 11.28 -11.28 9.92
CA SER A 1785 11.16 -12.40 9.00
C SER A 1785 9.77 -12.50 8.43
N TYR A 1786 8.76 -12.15 9.21
CA TYR A 1786 7.40 -12.33 8.75
C TYR A 1786 7.06 -11.33 7.65
N ILE A 1787 7.34 -10.06 7.87
CA ILE A 1787 6.96 -9.07 6.88
C ILE A 1787 7.78 -9.25 5.61
N ILE A 1788 8.95 -9.85 5.71
CA ILE A 1788 9.71 -10.16 4.51
C ILE A 1788 9.02 -11.27 3.73
N ILE A 1789 8.72 -12.37 4.40
CA ILE A 1789 8.10 -13.50 3.72
C ILE A 1789 6.80 -13.07 3.06
N SER A 1790 6.02 -12.28 3.76
CA SER A 1790 4.78 -11.77 3.19
C SER A 1790 5.03 -10.92 1.93
N PHE A 1791 6.00 -10.01 1.93
CA PHE A 1791 6.26 -9.23 0.74
C PHE A 1791 6.61 -10.10 -0.44
N LEU A 1792 7.45 -11.09 -0.21
CA LEU A 1792 7.87 -11.97 -1.30
C LEU A 1792 6.70 -12.75 -1.88
N VAL A 1793 5.81 -13.22 -1.07
CA VAL A 1793 4.66 -13.95 -1.57
C VAL A 1793 3.56 -13.05 -2.03
N VAL A 1794 2.80 -12.51 -1.13
CA VAL A 1794 1.64 -11.78 -1.55
C VAL A 1794 1.91 -10.63 -2.43
N VAL A 1795 2.84 -9.78 -2.14
CA VAL A 1795 3.02 -8.69 -3.05
C VAL A 1795 3.61 -9.12 -4.37
N ASN A 1796 4.60 -9.96 -4.39
CA ASN A 1796 5.23 -10.19 -5.67
C ASN A 1796 4.64 -11.29 -6.48
N MET A 1797 3.83 -12.17 -5.94
CA MET A 1797 3.18 -13.16 -6.80
C MET A 1797 1.84 -12.66 -7.31
N TYR A 1798 1.18 -11.84 -6.51
CA TYR A 1798 -0.10 -11.32 -6.93
C TYR A 1798 0.24 -10.45 -8.12
N ILE A 1799 1.32 -9.68 -8.04
CA ILE A 1799 1.70 -8.89 -9.22
C ILE A 1799 2.01 -9.77 -10.42
N ALA A 1800 2.78 -10.84 -10.25
CA ALA A 1800 3.13 -11.71 -11.35
C ALA A 1800 1.89 -12.37 -11.94
N VAL A 1801 1.04 -12.93 -11.09
CA VAL A 1801 -0.15 -13.61 -11.58
C VAL A 1801 -1.04 -12.66 -12.36
N ILE A 1802 -1.33 -11.50 -11.77
CA ILE A 1802 -2.21 -10.54 -12.43
C ILE A 1802 -1.61 -10.09 -13.75
N LEU A 1803 -0.30 -9.86 -13.76
CA LEU A 1803 0.34 -9.34 -14.96
C LEU A 1803 0.19 -10.27 -16.14
N GLU A 1804 0.29 -11.57 -15.91
CA GLU A 1804 0.20 -12.49 -17.03
C GLU A 1804 -1.21 -12.60 -17.54
N ASN A 1805 -2.17 -12.79 -16.64
CA ASN A 1805 -3.55 -12.95 -17.07
C ASN A 1805 -4.03 -11.69 -17.78
N PHE A 1806 -3.73 -10.53 -17.23
CA PHE A 1806 -4.21 -9.30 -17.84
C PHE A 1806 -3.84 -9.24 -19.31
N SER A 1807 -2.58 -9.52 -19.61
CA SER A 1807 -2.15 -9.46 -21.01
C SER A 1807 -2.98 -10.41 -21.86
N VAL A 1808 -3.06 -11.67 -21.47
CA VAL A 1808 -3.82 -12.63 -22.26
C VAL A 1808 -5.29 -12.29 -22.24
N ALA A 1809 -5.76 -11.59 -21.21
CA ALA A 1809 -7.16 -11.19 -21.18
C ALA A 1809 -7.46 -10.22 -22.31
N THR A 1810 -6.64 -9.19 -22.47
CA THR A 1810 -6.87 -8.20 -23.50
C THR A 1810 -6.60 -8.71 -24.90
N GLU A 1811 -6.13 -9.95 -25.04
CA GLU A 1811 -5.84 -10.50 -26.36
C GLU A 1811 -7.10 -11.06 -26.99
N GLU A 1812 -7.20 -10.89 -28.31
CA GLU A 1812 -8.32 -11.39 -29.09
C GLU A 1812 -7.94 -12.72 -29.73
N SER A 1813 -8.79 -13.21 -30.63
CA SER A 1813 -8.55 -14.44 -31.37
C SER A 1813 -8.66 -14.18 -32.86
N THR A 1814 -7.89 -14.92 -33.64
CA THR A 1814 -7.81 -14.73 -35.08
C THR A 1814 -8.51 -15.89 -35.79
N GLU A 1815 -9.68 -15.61 -36.37
CA GLU A 1815 -10.43 -16.59 -37.16
C GLU A 1815 -11.09 -15.88 -38.33
N PRO A 1816 -10.32 -15.53 -39.35
CA PRO A 1816 -10.86 -14.79 -40.49
C PRO A 1816 -11.38 -15.63 -41.64
N LEU A 1817 -11.57 -16.94 -41.45
CA LEU A 1817 -11.86 -17.83 -42.55
C LEU A 1817 -13.20 -17.51 -43.21
N SER A 1818 -13.24 -17.61 -44.53
CA SER A 1818 -14.44 -17.38 -45.32
C SER A 1818 -14.90 -18.70 -45.92
N GLU A 1819 -16.17 -19.04 -45.68
CA GLU A 1819 -16.67 -20.34 -46.13
C GLU A 1819 -16.71 -20.44 -47.64
N ASP A 1820 -17.03 -19.34 -48.33
CA ASP A 1820 -17.05 -19.35 -49.78
C ASP A 1820 -15.67 -19.62 -50.38
N ASP A 1821 -14.60 -19.28 -49.64
CA ASP A 1821 -13.25 -19.57 -50.13
C ASP A 1821 -12.98 -21.06 -50.12
N PHE A 1822 -13.45 -21.76 -49.08
CA PHE A 1822 -13.34 -23.21 -49.07
C PHE A 1822 -14.29 -23.85 -50.07
N GLU A 1823 -15.43 -23.20 -50.34
CA GLU A 1823 -16.34 -23.69 -51.36
C GLU A 1823 -15.70 -23.61 -52.75
N MET A 1824 -15.13 -22.46 -53.09
CA MET A 1824 -14.43 -22.33 -54.36
C MET A 1824 -13.25 -23.29 -54.44
N PHE A 1825 -12.56 -23.51 -53.32
CA PHE A 1825 -11.49 -24.50 -53.29
C PHE A 1825 -12.04 -25.88 -53.62
N TYR A 1826 -13.21 -26.22 -53.09
CA TYR A 1826 -13.81 -27.51 -53.40
C TYR A 1826 -14.40 -27.53 -54.80
N GLU A 1827 -15.11 -26.47 -55.18
CA GLU A 1827 -15.75 -26.44 -56.50
C GLU A 1827 -14.72 -26.53 -57.62
N VAL A 1828 -13.52 -25.96 -57.42
CA VAL A 1828 -12.49 -26.10 -58.44
C VAL A 1828 -11.86 -27.49 -58.35
N TRP A 1829 -11.80 -28.07 -57.15
CA TRP A 1829 -11.22 -29.39 -56.98
C TRP A 1829 -11.99 -30.45 -57.76
N GLU A 1830 -13.31 -30.32 -57.84
CA GLU A 1830 -14.11 -31.29 -58.58
C GLU A 1830 -13.78 -31.28 -60.07
N LYS A 1831 -13.27 -30.16 -60.59
CA LYS A 1831 -12.91 -30.11 -62.00
C LYS A 1831 -11.65 -30.91 -62.32
N PHE A 1832 -10.81 -31.20 -61.33
CA PHE A 1832 -9.63 -32.03 -61.54
C PHE A 1832 -9.78 -33.42 -60.96
N ASP A 1833 -10.62 -33.59 -59.95
CA ASP A 1833 -10.88 -34.89 -59.33
C ASP A 1833 -12.35 -35.21 -59.53
N PRO A 1834 -12.72 -35.77 -60.68
CA PRO A 1834 -14.13 -36.09 -60.91
C PRO A 1834 -14.63 -37.27 -60.08
N ASP A 1835 -13.77 -38.23 -59.77
CA ASP A 1835 -14.16 -39.40 -59.00
C ASP A 1835 -14.18 -39.14 -57.50
N ALA A 1836 -13.87 -37.93 -57.06
CA ALA A 1836 -13.94 -37.54 -55.65
C ALA A 1836 -13.07 -38.45 -54.78
N THR A 1837 -11.89 -38.79 -55.29
CA THR A 1837 -10.95 -39.60 -54.53
C THR A 1837 -10.14 -38.77 -53.54
N GLN A 1838 -10.33 -37.45 -53.52
CA GLN A 1838 -9.64 -36.51 -52.65
C GLN A 1838 -8.15 -36.41 -52.95
N PHE A 1839 -7.69 -36.99 -54.06
CA PHE A 1839 -6.28 -37.00 -54.43
C PHE A 1839 -6.14 -36.50 -55.86
N ILE A 1840 -5.02 -35.82 -56.14
CA ILE A 1840 -4.75 -35.30 -57.48
C ILE A 1840 -3.27 -35.51 -57.82
N GLU A 1841 -2.99 -35.50 -59.13
CA GLU A 1841 -1.65 -35.74 -59.63
C GLU A 1841 -0.81 -34.47 -59.60
N PHE A 1842 0.48 -34.64 -59.35
CA PHE A 1842 1.40 -33.50 -59.19
C PHE A 1842 1.58 -32.73 -60.49
N SER A 1843 1.51 -33.39 -61.64
CA SER A 1843 1.56 -32.66 -62.90
C SER A 1843 0.34 -31.76 -63.03
N LYS A 1844 -0.81 -32.24 -62.56
CA LYS A 1844 -2.02 -31.43 -62.50
C LYS A 1844 -2.01 -30.48 -61.31
N LEU A 1845 -1.10 -30.68 -60.35
CA LEU A 1845 -0.97 -29.73 -59.26
C LEU A 1845 -0.55 -28.35 -59.76
N SER A 1846 0.23 -28.30 -60.85
CA SER A 1846 0.69 -27.03 -61.38
C SER A 1846 -0.44 -26.22 -62.01
N ASP A 1847 -1.50 -26.87 -62.49
CA ASP A 1847 -2.64 -26.15 -63.05
C ASP A 1847 -3.79 -25.99 -62.06
N PHE A 1848 -3.91 -26.88 -61.08
CA PHE A 1848 -4.91 -26.72 -60.03
C PHE A 1848 -4.73 -25.39 -59.31
N ALA A 1849 -3.48 -25.03 -58.99
CA ALA A 1849 -3.20 -23.76 -58.35
C ALA A 1849 -3.41 -22.58 -59.28
N ALA A 1850 -3.42 -22.80 -60.59
CA ALA A 1850 -3.62 -21.74 -61.57
C ALA A 1850 -5.08 -21.52 -61.90
N ALA A 1851 -5.99 -22.33 -61.35
CA ALA A 1851 -7.42 -22.18 -61.58
C ALA A 1851 -8.17 -21.63 -60.37
N LEU A 1852 -7.50 -21.48 -59.23
CA LEU A 1852 -8.13 -20.91 -58.05
C LEU A 1852 -8.25 -19.40 -58.16
N ASP A 1853 -9.31 -18.87 -57.57
CA ASP A 1853 -9.53 -17.44 -57.51
C ASP A 1853 -8.86 -16.84 -56.28
N PRO A 1854 -8.56 -15.54 -56.30
CA PRO A 1854 -7.90 -14.93 -55.16
C PRO A 1854 -8.75 -15.08 -53.90
N PRO A 1855 -8.12 -15.14 -52.72
CA PRO A 1855 -6.67 -15.03 -52.50
C PRO A 1855 -5.93 -16.35 -52.76
N LEU A 1856 -6.68 -17.42 -53.03
CA LEU A 1856 -6.09 -18.72 -53.29
C LEU A 1856 -5.42 -18.80 -54.65
N LEU A 1857 -5.58 -17.79 -55.50
CA LEU A 1857 -4.92 -17.79 -56.80
C LEU A 1857 -3.40 -17.77 -56.63
N ILE A 1858 -2.72 -18.54 -57.47
CA ILE A 1858 -1.27 -18.55 -57.55
C ILE A 1858 -0.91 -18.32 -59.02
N ALA A 1859 -0.19 -17.24 -59.28
CA ALA A 1859 0.11 -16.84 -60.66
C ALA A 1859 1.25 -17.67 -61.23
N LYS A 1860 1.12 -18.00 -62.52
CA LYS A 1860 2.18 -18.72 -63.22
C LYS A 1860 3.40 -17.82 -63.37
N PRO A 1861 4.62 -18.34 -63.16
CA PRO A 1861 4.94 -19.76 -62.90
C PRO A 1861 4.61 -20.22 -61.48
N ASN A 1862 3.80 -21.28 -61.39
CA ASN A 1862 3.47 -21.86 -60.09
C ASN A 1862 4.60 -22.73 -59.56
N LYS A 1863 5.42 -23.27 -60.47
CA LYS A 1863 6.42 -24.26 -60.08
C LYS A 1863 7.43 -23.71 -59.08
N VAL A 1864 7.68 -22.40 -59.10
CA VAL A 1864 8.70 -21.82 -58.23
C VAL A 1864 8.21 -21.79 -56.79
N GLN A 1865 6.93 -21.48 -56.56
CA GLN A 1865 6.40 -21.45 -55.21
C GLN A 1865 5.83 -22.80 -54.79
N LEU A 1866 5.34 -23.60 -55.75
CA LEU A 1866 4.71 -24.87 -55.43
C LEU A 1866 5.69 -25.86 -54.81
N ILE A 1867 6.98 -25.72 -55.08
CA ILE A 1867 7.96 -26.65 -54.54
C ILE A 1867 8.35 -26.28 -53.10
N ALA A 1868 8.39 -24.98 -52.78
CA ALA A 1868 8.88 -24.53 -51.49
C ALA A 1868 7.91 -24.82 -50.34
N MET A 1869 6.70 -25.30 -50.63
CA MET A 1869 5.71 -25.54 -49.59
C MET A 1869 5.87 -26.90 -48.93
N ASP A 1870 6.83 -27.71 -49.37
CA ASP A 1870 7.11 -29.03 -48.78
C ASP A 1870 5.84 -29.87 -48.66
N LEU A 1871 5.13 -30.00 -49.78
CA LEU A 1871 3.94 -30.83 -49.80
C LEU A 1871 4.31 -32.31 -49.74
N PRO A 1872 3.78 -33.06 -48.77
CA PRO A 1872 4.03 -34.51 -48.74
C PRO A 1872 3.27 -35.21 -49.86
N MET A 1873 3.75 -36.40 -50.21
CA MET A 1873 3.25 -37.14 -51.35
C MET A 1873 2.99 -38.58 -50.98
N VAL A 1874 1.81 -39.09 -51.35
CA VAL A 1874 1.47 -40.49 -51.13
C VAL A 1874 1.97 -41.31 -52.32
N SER A 1875 1.95 -42.63 -52.15
CA SER A 1875 2.41 -43.56 -53.18
C SER A 1875 1.75 -43.26 -54.53
N GLY A 1876 2.57 -43.12 -55.56
CA GLY A 1876 2.09 -42.80 -56.88
C GLY A 1876 2.25 -41.36 -57.30
N ASP A 1877 3.16 -40.60 -56.68
CA ASP A 1877 3.39 -39.19 -56.97
C ASP A 1877 2.08 -38.40 -56.88
N ARG A 1878 1.20 -38.84 -55.98
CA ARG A 1878 -0.11 -38.25 -55.81
C ARG A 1878 -0.14 -37.46 -54.51
N ILE A 1879 -1.04 -36.48 -54.43
CA ILE A 1879 -1.11 -35.58 -53.29
C ILE A 1879 -2.56 -35.49 -52.81
N HIS A 1880 -2.72 -35.39 -51.49
CA HIS A 1880 -4.03 -35.36 -50.86
C HIS A 1880 -4.60 -33.94 -50.87
N CYS A 1881 -5.92 -33.84 -50.74
CA CYS A 1881 -6.59 -32.55 -50.84
C CYS A 1881 -6.31 -31.68 -49.61
N LEU A 1882 -6.44 -32.25 -48.41
CA LEU A 1882 -6.27 -31.45 -47.20
C LEU A 1882 -4.87 -30.89 -47.06
N ASP A 1883 -3.86 -31.62 -47.54
CA ASP A 1883 -2.50 -31.09 -47.54
C ASP A 1883 -2.39 -29.88 -48.44
N ILE A 1884 -3.11 -29.89 -49.56
CA ILE A 1884 -3.12 -28.72 -50.44
C ILE A 1884 -3.88 -27.58 -49.78
N LEU A 1885 -5.00 -27.89 -49.13
CA LEU A 1885 -5.76 -26.86 -48.43
C LEU A 1885 -4.95 -26.25 -47.29
N PHE A 1886 -4.27 -27.11 -46.52
CA PHE A 1886 -3.44 -26.60 -45.43
C PHE A 1886 -2.28 -25.77 -45.95
N ALA A 1887 -1.62 -26.23 -47.01
CA ALA A 1887 -0.51 -25.47 -47.57
C ALA A 1887 -0.96 -24.18 -48.22
N PHE A 1888 -2.20 -24.12 -48.71
CA PHE A 1888 -2.72 -22.89 -49.28
C PHE A 1888 -3.27 -21.97 -48.20
N THR A 1889 -3.89 -22.55 -47.16
CA THR A 1889 -4.41 -21.73 -46.06
C THR A 1889 -3.28 -21.10 -45.25
N LYS A 1890 -2.18 -21.83 -45.06
CA LYS A 1890 -1.10 -21.32 -44.22
C LYS A 1890 -0.38 -20.13 -44.86
N ARG A 1891 -0.44 -19.99 -46.19
CA ARG A 1891 0.24 -18.87 -46.83
C ARG A 1891 -0.54 -17.56 -46.67
N VAL A 1892 -1.87 -17.62 -46.78
CA VAL A 1892 -2.67 -16.40 -46.66
C VAL A 1892 -2.81 -15.97 -45.21
N LEU A 1893 -2.85 -16.94 -44.29
CA LEU A 1893 -2.92 -16.62 -42.86
C LEU A 1893 -1.55 -16.42 -42.23
N GLY A 1894 -0.53 -17.06 -42.75
CA GLY A 1894 0.79 -16.99 -42.15
C GLY A 1894 0.99 -18.08 -41.11
N GLU A 1895 2.07 -17.94 -40.35
CA GLU A 1895 2.40 -18.88 -39.27
C GLU A 1895 1.83 -18.32 -37.97
N SER A 1896 0.53 -18.51 -37.80
CA SER A 1896 -0.18 -18.08 -36.60
C SER A 1896 -0.36 -19.25 -35.64
N GLY A 1897 -0.70 -18.91 -34.39
CA GLY A 1897 -0.92 -19.94 -33.38
C GLY A 1897 -2.17 -20.76 -33.63
N GLU A 1898 -3.19 -20.15 -34.25
CA GLU A 1898 -4.40 -20.89 -34.58
C GLU A 1898 -4.19 -21.86 -35.74
N MET A 1899 -3.13 -21.66 -36.53
CA MET A 1899 -2.95 -22.46 -37.74
C MET A 1899 -2.78 -23.94 -37.42
N ASP A 1900 -1.95 -24.26 -36.41
CA ASP A 1900 -1.77 -25.66 -36.03
C ASP A 1900 -2.98 -26.20 -35.28
N SER A 1901 -3.67 -25.35 -34.51
CA SER A 1901 -4.90 -25.79 -33.86
C SER A 1901 -6.02 -25.98 -34.88
N LEU A 1902 -6.07 -25.13 -35.90
CA LEU A 1902 -6.98 -25.38 -37.02
C LEU A 1902 -6.57 -26.64 -37.77
N ARG A 1903 -5.27 -26.89 -37.87
CA ARG A 1903 -4.80 -28.13 -38.48
C ARG A 1903 -5.15 -29.34 -37.62
N SER A 1904 -5.13 -29.16 -36.29
CA SER A 1904 -5.48 -30.26 -35.39
C SER A 1904 -6.92 -30.71 -35.59
N GLN A 1905 -7.85 -29.75 -35.66
CA GLN A 1905 -9.26 -30.10 -35.83
C GLN A 1905 -9.55 -30.59 -37.24
N MET A 1906 -8.81 -30.08 -38.23
CA MET A 1906 -9.06 -30.49 -39.61
C MET A 1906 -8.64 -31.93 -39.86
N GLU A 1907 -7.53 -32.36 -39.25
CA GLU A 1907 -7.12 -33.76 -39.38
C GLU A 1907 -8.01 -34.69 -38.56
N GLU A 1908 -8.42 -34.24 -37.37
CA GLU A 1908 -9.22 -35.10 -36.50
C GLU A 1908 -10.57 -35.41 -37.12
N ARG A 1909 -11.25 -34.38 -37.65
CA ARG A 1909 -12.51 -34.61 -38.33
C ARG A 1909 -12.34 -35.46 -39.59
N PHE A 1910 -11.14 -35.47 -40.17
CA PHE A 1910 -10.91 -36.32 -41.34
C PHE A 1910 -10.65 -37.78 -40.93
N MET A 1911 -9.89 -37.99 -39.86
CA MET A 1911 -9.63 -39.35 -39.40
C MET A 1911 -10.90 -40.04 -38.92
N SER A 1912 -11.83 -39.28 -38.36
CA SER A 1912 -13.12 -39.84 -37.95
C SER A 1912 -14.02 -40.12 -39.13
N ALA A 1913 -13.79 -39.48 -40.27
CA ALA A 1913 -14.60 -39.69 -41.46
C ALA A 1913 -14.02 -40.75 -42.40
N ASN A 1914 -12.69 -40.93 -42.38
CA ASN A 1914 -12.02 -41.90 -43.25
C ASN A 1914 -11.10 -42.75 -42.40
N PRO A 1915 -11.57 -43.92 -41.96
CA PRO A 1915 -10.72 -44.79 -41.12
C PRO A 1915 -9.65 -45.54 -41.89
N SER A 1916 -9.64 -45.47 -43.22
CA SER A 1916 -8.68 -46.20 -44.03
C SER A 1916 -7.35 -45.46 -44.03
N LYS A 1917 -6.59 -45.64 -42.93
CA LYS A 1917 -5.30 -45.00 -42.79
C LYS A 1917 -4.27 -45.55 -43.79
N VAL A 1918 -4.53 -46.74 -44.36
CA VAL A 1918 -3.51 -47.42 -45.17
C VAL A 1918 -3.20 -46.65 -46.45
N SER A 1919 -4.11 -45.79 -46.90
CA SER A 1919 -3.95 -45.08 -48.17
C SER A 1919 -3.36 -43.68 -48.02
N TYR A 1920 -3.03 -43.25 -46.81
CA TYR A 1920 -2.57 -41.89 -46.57
C TYR A 1920 -1.12 -41.80 -46.12
N GLU A 1921 -0.37 -42.90 -46.18
CA GLU A 1921 1.03 -42.87 -45.78
C GLU A 1921 1.84 -42.03 -46.78
N PRO A 1922 2.57 -41.02 -46.31
CA PRO A 1922 3.39 -40.22 -47.24
C PRO A 1922 4.76 -40.88 -47.45
N ILE A 1923 5.27 -40.77 -48.66
CA ILE A 1923 6.59 -41.33 -48.98
C ILE A 1923 7.66 -40.25 -49.04
N THR A 1924 7.40 -39.15 -49.75
CA THR A 1924 8.36 -38.07 -49.89
C THR A 1924 7.62 -36.75 -49.96
N THR A 1925 8.37 -35.66 -49.90
CA THR A 1925 7.83 -34.32 -50.02
C THR A 1925 8.33 -33.68 -51.32
N THR A 1926 7.62 -32.64 -51.76
CA THR A 1926 7.93 -32.02 -53.05
C THR A 1926 9.30 -31.35 -53.04
N LEU A 1927 9.79 -30.93 -51.87
CA LEU A 1927 11.16 -30.43 -51.78
C LEU A 1927 12.15 -31.58 -51.88
N LYS A 1928 11.94 -32.64 -51.10
CA LYS A 1928 12.84 -33.78 -51.14
C LYS A 1928 12.78 -34.49 -52.49
N ARG A 1929 11.59 -34.54 -53.10
CA ARG A 1929 11.48 -35.16 -54.41
C ARG A 1929 12.26 -34.36 -55.46
N LYS A 1930 12.14 -33.04 -55.44
CA LYS A 1930 12.89 -32.22 -56.38
C LYS A 1930 14.39 -32.30 -56.10
N GLN A 1931 14.77 -32.44 -54.84
CA GLN A 1931 16.18 -32.67 -54.52
C GLN A 1931 16.67 -34.00 -55.08
N GLU A 1932 15.79 -35.00 -55.16
CA GLU A 1932 16.14 -36.25 -55.83
C GLU A 1932 16.36 -36.03 -57.32
N ASP A 1933 15.53 -35.18 -57.93
CA ASP A 1933 15.65 -34.94 -59.37
C ASP A 1933 16.95 -34.22 -59.71
N VAL A 1934 17.20 -33.08 -59.05
CA VAL A 1934 18.39 -32.29 -59.33
C VAL A 1934 19.65 -33.08 -58.97
N GLY B 20 -2.13 -12.48 31.70
CA GLY B 20 -3.51 -12.07 31.90
C GLY B 20 -4.26 -13.01 32.81
N CYS B 21 -5.29 -12.50 33.48
CA CYS B 21 -6.04 -13.30 34.41
C CYS B 21 -6.93 -14.29 33.67
N VAL B 22 -7.06 -15.48 34.22
CA VAL B 22 -7.86 -16.54 33.63
C VAL B 22 -8.61 -17.24 34.75
N GLU B 23 -9.93 -17.25 34.67
CA GLU B 23 -10.74 -17.83 35.74
C GLU B 23 -10.72 -19.34 35.61
N VAL B 24 -10.01 -19.98 36.50
CA VAL B 24 -9.96 -21.44 36.57
C VAL B 24 -10.80 -21.89 37.74
N ASP B 25 -11.34 -23.10 37.65
CA ASP B 25 -12.16 -23.62 38.72
C ASP B 25 -11.35 -24.54 39.62
N SER B 26 -11.71 -24.54 40.88
CA SER B 26 -10.88 -25.33 41.81
C SER B 26 -11.16 -26.80 41.64
N GLU B 27 -10.25 -27.64 42.09
CA GLU B 27 -10.49 -29.07 42.24
C GLU B 27 -11.44 -29.30 43.39
N THR B 28 -12.06 -30.48 43.40
CA THR B 28 -13.15 -30.74 44.33
C THR B 28 -12.90 -31.96 45.21
N GLU B 29 -11.67 -32.42 45.32
CA GLU B 29 -11.41 -33.62 46.11
C GLU B 29 -10.04 -33.51 46.74
N ALA B 30 -9.99 -33.55 48.07
CA ALA B 30 -8.76 -33.41 48.81
C ALA B 30 -8.44 -34.70 49.55
N VAL B 31 -7.16 -35.04 49.59
CA VAL B 31 -6.71 -36.25 50.24
C VAL B 31 -6.56 -36.00 51.72
N TYR B 32 -7.11 -36.88 52.53
CA TYR B 32 -7.01 -36.75 53.97
C TYR B 32 -5.55 -36.62 54.39
N GLY B 33 -5.32 -35.86 55.46
CA GLY B 33 -4.00 -35.73 56.03
C GLY B 33 -3.02 -34.89 55.24
N MET B 34 -3.26 -34.67 53.96
CA MET B 34 -2.35 -33.90 53.13
C MET B 34 -2.79 -32.45 53.07
N THR B 35 -2.19 -31.67 52.17
CA THR B 35 -2.49 -30.26 52.02
C THR B 35 -3.28 -30.02 50.75
N PHE B 36 -4.13 -29.00 50.77
CA PHE B 36 -5.02 -28.73 49.66
C PHE B 36 -5.15 -27.23 49.48
N LYS B 37 -5.18 -26.79 48.23
CA LYS B 37 -5.33 -25.38 47.89
C LYS B 37 -6.65 -25.18 47.19
N ILE B 38 -7.45 -24.25 47.70
CA ILE B 38 -8.77 -23.96 47.18
C ILE B 38 -8.67 -22.76 46.26
N LEU B 39 -9.14 -22.91 45.02
CA LEU B 39 -8.95 -21.89 44.00
C LEU B 39 -10.18 -21.00 43.89
N CYS B 40 -9.95 -19.69 43.88
CA CYS B 40 -11.03 -18.72 43.66
C CYS B 40 -10.41 -17.56 42.91
N ILE B 41 -10.70 -17.46 41.62
CA ILE B 41 -10.13 -16.43 40.76
C ILE B 41 -11.27 -15.61 40.18
N SER B 42 -11.14 -14.29 40.21
CA SER B 42 -12.17 -13.42 39.67
C SER B 42 -11.51 -12.25 38.97
N CYS B 43 -11.48 -12.27 37.65
CA CYS B 43 -10.80 -11.22 36.90
C CYS B 43 -11.73 -10.06 36.66
N LYS B 44 -11.15 -8.87 36.54
CA LYS B 44 -11.92 -7.72 36.17
C LYS B 44 -12.22 -7.75 34.67
N ARG B 45 -13.27 -7.05 34.28
CA ARG B 45 -13.68 -7.08 32.87
C ARG B 45 -12.65 -6.40 31.99
N ARG B 46 -12.14 -5.25 32.41
CA ARG B 46 -11.05 -4.59 31.72
C ARG B 46 -9.88 -4.52 32.68
N SER B 47 -8.74 -5.04 32.25
CA SER B 47 -7.62 -5.20 33.17
C SER B 47 -6.98 -3.89 33.57
N GLU B 48 -7.19 -2.81 32.82
CA GLU B 48 -6.45 -1.59 33.06
C GLU B 48 -7.05 -0.73 34.16
N THR B 49 -8.14 -1.14 34.77
CA THR B 49 -8.78 -0.29 35.75
C THR B 49 -8.16 -0.51 37.13
N ASN B 50 -8.59 0.30 38.09
CA ASN B 50 -8.10 0.24 39.45
C ASN B 50 -9.20 -0.23 40.37
N ALA B 51 -8.85 -0.94 41.42
CA ALA B 51 -9.85 -1.45 42.34
C ALA B 51 -9.26 -1.53 43.72
N GLU B 52 -10.10 -1.84 44.70
CA GLU B 52 -9.62 -2.10 46.07
C GLU B 52 -10.41 -3.28 46.60
N THR B 53 -10.11 -4.47 46.10
CA THR B 53 -10.84 -5.69 46.48
C THR B 53 -10.59 -6.26 47.86
N PHE B 54 -11.61 -6.80 48.50
CA PHE B 54 -11.42 -7.54 49.77
C PHE B 54 -12.33 -8.75 49.71
N THR B 55 -12.03 -9.80 50.45
CA THR B 55 -12.82 -11.02 50.35
C THR B 55 -13.20 -11.66 51.67
N GLU B 56 -14.30 -12.40 51.68
CA GLU B 56 -14.71 -13.15 52.87
C GLU B 56 -15.13 -14.54 52.45
N TRP B 57 -14.79 -15.55 53.24
CA TRP B 57 -15.14 -16.92 52.91
C TRP B 57 -16.12 -17.44 53.94
N THR B 58 -17.11 -18.19 53.48
CA THR B 58 -17.96 -18.92 54.39
C THR B 58 -17.98 -20.39 53.99
N PHE B 59 -18.36 -21.23 54.95
CA PHE B 59 -18.21 -22.67 54.76
C PHE B 59 -19.35 -23.38 55.48
N ARG B 60 -20.12 -24.13 54.72
CA ARG B 60 -21.20 -24.94 55.28
C ARG B 60 -20.80 -26.41 55.23
N GLN B 61 -20.57 -26.98 56.39
CA GLN B 61 -20.05 -28.33 56.47
C GLN B 61 -21.14 -29.32 56.12
N LYS B 62 -20.77 -30.35 55.36
CA LYS B 62 -21.72 -31.34 54.91
C LYS B 62 -22.42 -31.98 56.10
N GLY B 63 -23.74 -31.94 56.09
CA GLY B 63 -24.54 -32.38 57.22
C GLY B 63 -25.21 -31.24 57.97
N THR B 64 -25.02 -30.01 57.52
CA THR B 64 -25.60 -28.84 58.17
C THR B 64 -26.04 -27.87 57.09
N GLU B 65 -26.94 -26.95 57.44
CA GLU B 65 -27.43 -25.97 56.48
C GLU B 65 -27.34 -24.56 57.06
N GLU B 66 -26.15 -23.98 56.96
CA GLU B 66 -25.91 -22.55 57.18
C GLU B 66 -24.45 -22.30 56.89
N PHE B 67 -24.13 -21.11 56.42
CA PHE B 67 -22.75 -20.76 56.11
C PHE B 67 -22.19 -19.90 57.23
N VAL B 68 -21.09 -20.34 57.81
CA VAL B 68 -20.39 -19.58 58.82
C VAL B 68 -19.21 -18.89 58.16
N LYS B 69 -18.96 -17.64 58.55
CA LYS B 69 -17.78 -16.94 58.05
C LYS B 69 -16.54 -17.53 58.70
N ILE B 70 -15.52 -17.77 57.90
CA ILE B 70 -14.28 -18.36 58.40
C ILE B 70 -13.11 -17.39 58.34
N LEU B 71 -13.03 -16.55 57.31
CA LEU B 71 -11.88 -15.67 57.21
C LEU B 71 -12.24 -14.44 56.41
N ARG B 72 -11.50 -13.38 56.63
CA ARG B 72 -11.64 -12.14 55.89
C ARG B 72 -10.26 -11.61 55.59
N TYR B 73 -10.01 -11.25 54.34
CA TYR B 73 -8.68 -10.81 53.94
C TYR B 73 -8.75 -9.43 53.32
N GLU B 74 -8.43 -8.41 54.10
CA GLU B 74 -8.50 -7.03 53.65
C GLU B 74 -7.22 -6.32 54.01
N ASN B 75 -6.74 -5.48 53.10
CA ASN B 75 -5.57 -4.65 53.35
C ASN B 75 -4.36 -5.50 53.73
N GLU B 76 -4.15 -6.57 52.98
CA GLU B 76 -2.97 -7.42 53.10
C GLU B 76 -2.78 -8.00 54.48
N VAL B 77 -3.83 -8.09 55.29
CA VAL B 77 -3.79 -8.80 56.55
C VAL B 77 -4.97 -9.75 56.63
N LEU B 78 -4.70 -11.02 56.86
CA LEU B 78 -5.74 -12.05 56.92
C LEU B 78 -6.13 -12.26 58.37
N GLN B 79 -7.35 -11.91 58.72
CA GLN B 79 -7.87 -12.18 60.05
C GLN B 79 -8.76 -13.40 60.00
N LEU B 80 -8.44 -14.38 60.84
CA LEU B 80 -9.12 -15.66 60.83
C LEU B 80 -10.19 -15.66 61.91
N GLU B 81 -11.30 -16.30 61.62
CA GLU B 81 -12.37 -16.37 62.59
C GLU B 81 -11.92 -17.21 63.79
N GLU B 82 -12.79 -17.31 64.78
CA GLU B 82 -12.49 -18.08 65.97
C GLU B 82 -12.90 -19.53 65.86
N ASP B 83 -12.97 -20.07 64.64
CA ASP B 83 -13.39 -21.44 64.46
C ASP B 83 -12.26 -22.39 64.79
N GLU B 84 -12.62 -23.57 65.31
CA GLU B 84 -11.64 -24.59 65.63
C GLU B 84 -11.38 -25.55 64.50
N ARG B 85 -12.37 -25.76 63.64
CA ARG B 85 -12.13 -26.60 62.47
C ARG B 85 -10.99 -26.04 61.62
N PHE B 86 -10.89 -24.73 61.54
CA PHE B 86 -9.88 -24.09 60.71
C PHE B 86 -8.90 -23.28 61.54
N GLU B 87 -8.70 -23.65 62.80
CA GLU B 87 -7.74 -22.96 63.63
C GLU B 87 -6.34 -23.41 63.24
N GLY B 88 -5.55 -22.48 62.73
CA GLY B 88 -4.41 -22.96 61.98
C GLY B 88 -4.94 -23.62 60.72
N ARG B 89 -4.10 -24.45 60.13
CA ARG B 89 -4.47 -25.29 59.00
C ARG B 89 -4.86 -24.50 57.76
N VAL B 90 -4.80 -23.17 57.77
CA VAL B 90 -5.21 -22.41 56.59
C VAL B 90 -4.37 -21.16 56.50
N VAL B 91 -3.84 -20.89 55.30
CA VAL B 91 -3.02 -19.72 55.06
C VAL B 91 -3.41 -19.12 53.72
N TRP B 92 -3.23 -17.81 53.62
CA TRP B 92 -3.52 -17.11 52.38
C TRP B 92 -2.60 -17.62 51.28
N ASN B 93 -3.15 -17.80 50.09
CA ASN B 93 -2.32 -18.10 48.94
C ASN B 93 -2.83 -17.36 47.72
N GLY B 94 -3.22 -16.11 47.89
CA GLY B 94 -3.76 -15.34 46.79
C GLY B 94 -2.78 -14.35 46.23
N SER B 95 -3.21 -13.11 46.05
CA SER B 95 -2.33 -12.07 45.55
C SER B 95 -1.66 -11.36 46.71
N ARG B 96 -0.41 -10.96 46.50
CA ARG B 96 0.41 -10.42 47.57
C ARG B 96 0.68 -8.95 47.34
N GLY B 97 0.56 -8.16 48.40
CA GLY B 97 0.98 -6.77 48.41
C GLY B 97 0.51 -5.97 47.22
N THR B 98 -0.78 -6.02 46.90
CA THR B 98 -1.31 -5.22 45.81
C THR B 98 -2.49 -4.36 46.22
N LYS B 99 -3.42 -4.89 47.00
CA LYS B 99 -4.73 -4.34 47.32
C LYS B 99 -5.68 -4.37 46.14
N ASP B 100 -5.22 -4.76 44.96
CA ASP B 100 -6.12 -4.93 43.82
C ASP B 100 -6.06 -6.41 43.71
N LEU B 101 -6.78 -7.09 44.58
CA LEU B 101 -6.64 -8.52 44.64
C LEU B 101 -7.46 -9.30 43.66
N GLN B 102 -6.84 -9.95 42.68
CA GLN B 102 -7.58 -10.76 41.68
C GLN B 102 -7.64 -12.28 41.90
N ASP B 103 -6.70 -12.85 42.64
CA ASP B 103 -6.76 -14.27 42.95
C ASP B 103 -7.00 -14.30 44.43
N LEU B 104 -8.07 -14.97 44.85
CA LEU B 104 -8.45 -14.95 46.25
C LEU B 104 -8.28 -16.31 46.89
N SER B 105 -7.40 -17.15 46.35
CA SER B 105 -7.23 -18.51 46.83
C SER B 105 -6.74 -18.70 48.25
N ILE B 106 -7.20 -19.76 48.91
CA ILE B 106 -6.73 -20.07 50.25
C ILE B 106 -6.13 -21.47 50.24
N PHE B 107 -5.26 -21.78 51.21
CA PHE B 107 -4.57 -23.07 51.23
C PHE B 107 -4.68 -23.75 52.57
N ILE B 108 -5.18 -24.98 52.59
CA ILE B 108 -5.31 -25.73 53.82
C ILE B 108 -4.06 -26.58 54.01
N THR B 109 -3.61 -26.70 55.25
CA THR B 109 -2.51 -27.60 55.55
C THR B 109 -3.16 -28.64 56.44
N ASN B 110 -2.73 -29.89 56.37
CA ASN B 110 -3.30 -30.96 57.21
C ASN B 110 -4.82 -31.05 57.09
N VAL B 111 -5.33 -31.33 55.88
CA VAL B 111 -6.77 -31.47 55.67
C VAL B 111 -7.36 -32.58 56.55
N THR B 112 -8.54 -32.34 57.11
CA THR B 112 -9.22 -33.32 57.95
C THR B 112 -10.63 -33.52 57.38
N TYR B 113 -11.40 -34.49 57.88
CA TYR B 113 -12.76 -34.74 57.40
C TYR B 113 -13.70 -33.57 57.64
N ASN B 114 -13.44 -32.77 58.66
CA ASN B 114 -14.30 -31.65 58.99
C ASN B 114 -14.33 -30.58 57.91
N HIS B 115 -13.38 -30.66 56.98
CA HIS B 115 -13.27 -29.65 55.93
C HIS B 115 -13.97 -30.09 54.66
N SER B 116 -15.08 -30.81 54.79
CA SER B 116 -15.85 -31.24 53.61
C SER B 116 -17.20 -30.57 53.59
N GLY B 117 -17.53 -29.92 52.48
CA GLY B 117 -18.80 -29.19 52.41
C GLY B 117 -18.73 -28.10 51.36
N ASP B 118 -19.58 -27.09 51.48
CA ASP B 118 -19.57 -25.98 50.53
C ASP B 118 -18.82 -24.74 50.98
N TYR B 119 -18.16 -24.07 50.05
CA TYR B 119 -17.39 -22.86 50.32
C TYR B 119 -17.92 -21.71 49.49
N GLU B 120 -17.87 -20.51 50.05
CA GLU B 120 -18.35 -19.32 49.37
C GLU B 120 -17.26 -18.27 49.40
N CYS B 121 -16.94 -17.75 48.23
CA CYS B 121 -15.84 -16.82 48.07
C CYS B 121 -16.43 -15.47 47.69
N HIS B 122 -16.85 -14.70 48.68
CA HIS B 122 -17.44 -13.40 48.45
C HIS B 122 -16.34 -12.40 48.10
N VAL B 123 -16.37 -11.87 46.89
CA VAL B 123 -15.41 -10.88 46.45
C VAL B 123 -16.08 -9.53 46.44
N TYR B 124 -15.54 -8.57 47.17
CA TYR B 124 -16.10 -7.23 47.17
C TYR B 124 -15.13 -6.25 46.54
N ARG B 125 -15.42 -5.78 45.34
CA ARG B 125 -14.51 -4.89 44.62
C ARG B 125 -15.02 -3.46 44.54
N LEU B 126 -14.13 -2.48 44.59
CA LEU B 126 -14.53 -1.09 44.45
C LEU B 126 -13.74 -0.47 43.32
N LEU B 127 -14.34 -0.40 42.14
CA LEU B 127 -13.65 0.14 40.98
C LEU B 127 -13.57 1.65 41.04
N PHE B 128 -12.41 2.21 40.73
CA PHE B 128 -12.23 3.65 40.79
C PHE B 128 -12.20 4.23 39.39
N PHE B 129 -13.17 5.08 39.08
CA PHE B 129 -13.29 5.64 37.76
C PHE B 129 -13.07 7.15 37.82
N GLU B 130 -13.33 7.82 36.70
CA GLU B 130 -13.04 9.25 36.58
C GLU B 130 -13.71 10.05 37.68
N ASN B 131 -15.03 10.04 37.72
CA ASN B 131 -15.77 10.69 38.79
C ASN B 131 -16.75 9.75 39.45
N TYR B 132 -16.46 8.46 39.38
CA TYR B 132 -17.44 7.42 39.60
C TYR B 132 -16.81 6.34 40.47
N GLU B 133 -17.57 5.78 41.40
CA GLU B 133 -17.07 4.77 42.32
C GLU B 133 -18.10 3.65 42.40
N HIS B 134 -17.79 2.51 41.82
CA HIS B 134 -18.74 1.43 41.68
C HIS B 134 -18.40 0.30 42.63
N ASN B 135 -19.26 0.06 43.62
CA ASN B 135 -19.05 -0.98 44.61
C ASN B 135 -19.70 -2.26 44.09
N THR B 136 -18.88 -3.16 43.56
CA THR B 136 -19.35 -4.47 43.01
C THR B 136 -19.24 -5.58 44.05
N SER B 137 -19.69 -6.78 43.71
CA SER B 137 -19.66 -7.98 44.53
C SER B 137 -19.82 -9.19 43.62
N VAL B 138 -19.15 -10.28 43.97
CA VAL B 138 -19.24 -11.54 43.24
C VAL B 138 -19.27 -12.66 44.26
N VAL B 139 -19.81 -13.80 43.86
CA VAL B 139 -19.84 -14.98 44.72
C VAL B 139 -19.40 -16.18 43.90
N LYS B 140 -18.63 -17.07 44.52
CA LYS B 140 -18.18 -18.29 43.89
C LYS B 140 -18.43 -19.45 44.84
N LYS B 141 -19.09 -20.49 44.34
CA LYS B 141 -19.41 -21.65 45.16
C LYS B 141 -18.49 -22.80 44.78
N ILE B 142 -17.95 -23.47 45.80
CA ILE B 142 -17.02 -24.58 45.62
C ILE B 142 -17.44 -25.69 46.57
N HIS B 143 -17.42 -26.92 46.07
CA HIS B 143 -17.79 -28.09 46.84
C HIS B 143 -16.56 -28.95 47.04
N ILE B 144 -16.27 -29.30 48.29
CA ILE B 144 -15.03 -29.97 48.64
C ILE B 144 -15.36 -31.28 49.31
N GLU B 145 -14.83 -32.37 48.77
CA GLU B 145 -15.02 -33.70 49.31
C GLU B 145 -13.68 -34.27 49.74
N VAL B 146 -13.61 -34.74 50.97
CA VAL B 146 -12.38 -35.31 51.51
C VAL B 146 -12.42 -36.82 51.31
N VAL B 147 -11.45 -37.35 50.58
CA VAL B 147 -11.32 -38.78 50.38
C VAL B 147 -10.12 -39.27 51.17
N ASP B 148 -10.00 -40.57 51.28
CA ASP B 148 -8.90 -41.14 52.03
C ASP B 148 -7.65 -41.34 51.20
N LYS B 149 -7.80 -41.68 49.92
CA LYS B 149 -6.65 -41.75 49.03
C LYS B 149 -7.06 -41.26 47.67
N ALA B 150 -6.08 -40.77 46.91
CA ALA B 150 -6.36 -40.11 45.65
C ALA B 150 -7.06 -41.06 44.69
N ASN B 151 -7.97 -40.52 43.89
CA ASN B 151 -8.68 -41.26 42.88
C ASN B 151 -8.32 -40.70 41.51
N ARG B 152 -7.81 -41.55 40.62
CA ARG B 152 -7.45 -41.08 39.30
C ARG B 152 -8.70 -40.72 38.51
N ASP B 153 -8.65 -39.58 37.83
CA ASP B 153 -9.81 -39.08 37.12
C ASP B 153 -10.15 -39.99 35.95
N MET B 154 -11.44 -40.23 35.74
CA MET B 154 -11.88 -41.15 34.70
C MET B 154 -11.38 -40.76 33.33
N ALA B 155 -11.23 -39.45 33.09
CA ALA B 155 -10.79 -38.98 31.78
C ALA B 155 -9.42 -39.54 31.42
N SER B 156 -8.45 -39.40 32.33
CA SER B 156 -7.12 -39.89 32.05
C SER B 156 -7.14 -41.38 31.80
N ILE B 157 -7.94 -42.12 32.58
CA ILE B 157 -7.97 -43.57 32.43
C ILE B 157 -8.48 -43.97 31.06
N VAL B 158 -9.65 -43.46 30.68
CA VAL B 158 -10.19 -43.87 29.38
C VAL B 158 -9.30 -43.38 28.26
N SER B 159 -8.63 -42.24 28.45
CA SER B 159 -7.76 -41.75 27.39
C SER B 159 -6.57 -42.67 27.20
N GLU B 160 -5.93 -43.08 28.29
CA GLU B 160 -4.82 -44.00 28.19
C GLU B 160 -5.26 -45.31 27.53
N ILE B 161 -6.41 -45.82 27.95
CA ILE B 161 -6.90 -47.06 27.40
C ILE B 161 -7.11 -46.94 25.89
N MET B 162 -7.79 -45.87 25.47
CA MET B 162 -8.09 -45.74 24.05
C MET B 162 -6.83 -45.49 23.24
N MET B 163 -5.83 -44.93 23.90
CA MET B 163 -4.54 -44.58 23.25
C MET B 163 -3.66 -45.81 23.10
N TYR B 164 -3.89 -46.89 23.87
CA TYR B 164 -3.33 -48.22 23.65
C TYR B 164 -4.13 -48.99 22.62
N VAL B 165 -5.46 -48.88 22.68
CA VAL B 165 -6.30 -49.59 21.72
C VAL B 165 -5.98 -49.14 20.30
N LEU B 166 -5.88 -47.84 20.09
CA LEU B 166 -5.60 -47.34 18.75
C LEU B 166 -4.24 -47.80 18.27
N ILE B 167 -3.24 -47.74 19.14
CA ILE B 167 -1.91 -48.18 18.74
C ILE B 167 -1.96 -49.62 18.26
N VAL B 168 -2.59 -50.49 19.05
CA VAL B 168 -2.59 -51.90 18.72
C VAL B 168 -3.39 -52.15 17.44
N VAL B 169 -4.50 -51.46 17.27
CA VAL B 169 -5.33 -51.74 16.10
C VAL B 169 -4.64 -51.26 14.83
N LEU B 170 -3.93 -50.13 14.90
CA LEU B 170 -3.18 -49.69 13.73
C LEU B 170 -2.09 -50.68 13.40
N THR B 171 -1.32 -51.09 14.40
CA THR B 171 -0.27 -52.07 14.14
C THR B 171 -0.83 -53.33 13.50
N ILE B 172 -1.96 -53.81 14.00
CA ILE B 172 -2.50 -55.06 13.49
C ILE B 172 -3.00 -54.89 12.07
N TRP B 173 -3.74 -53.81 11.79
CA TRP B 173 -4.19 -53.57 10.43
C TRP B 173 -3.01 -53.53 9.46
N LEU B 174 -1.97 -52.79 9.84
CA LEU B 174 -0.81 -52.68 8.97
C LEU B 174 -0.17 -54.03 8.72
N VAL B 175 0.06 -54.79 9.78
CA VAL B 175 0.75 -56.07 9.62
C VAL B 175 -0.08 -57.03 8.78
N ALA B 176 -1.40 -57.00 8.96
CA ALA B 176 -2.25 -57.88 8.18
C ALA B 176 -2.18 -57.53 6.70
N GLU B 177 -2.40 -56.25 6.38
CA GLU B 177 -2.32 -55.86 4.98
C GLU B 177 -0.93 -56.15 4.41
N MET B 178 0.10 -56.04 5.24
CA MET B 178 1.45 -56.29 4.78
C MET B 178 1.64 -57.76 4.41
N ILE B 179 1.18 -58.67 5.27
CA ILE B 179 1.32 -60.08 4.95
C ILE B 179 0.53 -60.42 3.70
N TYR B 180 -0.65 -59.82 3.55
CA TYR B 180 -1.41 -60.05 2.33
C TYR B 180 -0.63 -59.62 1.10
N CYS B 181 -0.15 -58.37 1.10
CA CYS B 181 0.59 -57.87 -0.06
C CYS B 181 1.82 -58.72 -0.32
N TYR B 182 2.52 -59.14 0.73
CA TYR B 182 3.73 -59.92 0.53
C TYR B 182 3.43 -61.26 -0.10
N LYS B 183 2.34 -61.89 0.32
CA LYS B 183 1.94 -63.13 -0.34
C LYS B 183 1.68 -62.87 -1.81
N LYS B 184 0.96 -61.80 -2.12
CA LYS B 184 0.67 -61.49 -3.52
C LYS B 184 1.96 -61.30 -4.32
N ILE B 185 2.95 -60.64 -3.72
CA ILE B 185 4.21 -60.35 -4.41
C ILE B 185 5.00 -61.63 -4.63
N ALA B 186 5.16 -62.43 -3.57
CA ALA B 186 5.87 -63.69 -3.74
C ALA B 186 5.18 -64.55 -4.78
N ALA B 187 3.85 -64.49 -4.85
CA ALA B 187 3.14 -65.22 -5.89
C ALA B 187 3.53 -64.72 -7.27
N ALA B 188 3.31 -63.43 -7.54
CA ALA B 188 3.56 -62.91 -8.87
C ALA B 188 5.03 -62.93 -9.27
N THR B 189 5.95 -63.15 -8.33
CA THR B 189 7.35 -63.12 -8.67
C THR B 189 7.73 -64.26 -9.61
N GLU B 190 7.60 -65.50 -9.15
CA GLU B 190 8.00 -66.64 -9.95
C GLU B 190 6.90 -67.12 -10.87
N THR B 191 5.82 -66.35 -11.01
CA THR B 191 4.78 -66.71 -11.97
C THR B 191 5.32 -66.82 -13.38
N ALA B 192 6.31 -66.00 -13.73
CA ALA B 192 6.95 -66.09 -15.03
C ALA B 192 8.21 -66.94 -14.96
N MET C 30 -7.79 39.42 15.56
CA MET C 30 -9.19 39.23 15.20
C MET C 30 -9.64 40.35 14.31
N GLU C 31 -10.18 39.99 13.14
CA GLU C 31 -10.70 40.99 12.21
C GLU C 31 -12.04 41.49 12.73
N VAL C 32 -12.13 42.81 12.95
CA VAL C 32 -13.35 43.48 13.38
C VAL C 32 -13.67 44.54 12.34
N THR C 33 -14.90 44.48 11.81
CA THR C 33 -15.32 45.37 10.74
C THR C 33 -16.26 46.42 11.30
N VAL C 34 -15.84 47.68 11.23
CA VAL C 34 -16.65 48.83 11.62
C VAL C 34 -16.37 49.95 10.65
N PRO C 35 -17.28 50.92 10.56
CA PRO C 35 -16.97 52.15 9.81
C PRO C 35 -16.06 53.03 10.64
N ALA C 36 -14.95 53.46 10.04
CA ALA C 36 -14.03 54.33 10.78
C ALA C 36 -14.69 55.65 11.16
N THR C 37 -15.54 56.17 10.27
CA THR C 37 -16.30 57.40 10.52
C THR C 37 -17.75 57.09 10.23
N LEU C 38 -18.63 57.53 11.13
CA LEU C 38 -20.06 57.37 10.96
C LEU C 38 -20.71 58.73 11.17
N ASN C 39 -21.35 59.24 10.13
CA ASN C 39 -21.97 60.56 10.13
C ASN C 39 -23.47 60.39 10.20
N VAL C 40 -24.10 60.96 11.23
CA VAL C 40 -25.51 60.76 11.51
C VAL C 40 -26.15 62.11 11.79
N LEU C 41 -27.36 62.31 11.27
CA LEU C 41 -28.09 63.54 11.52
C LEU C 41 -28.60 63.59 12.96
N ASN C 42 -28.50 64.75 13.54
CA ASN C 42 -29.09 65.00 14.84
C ASN C 42 -30.55 64.59 14.85
N GLY C 43 -30.93 63.79 15.85
CA GLY C 43 -32.30 63.34 15.99
C GLY C 43 -32.61 62.01 15.34
N SER C 44 -31.76 61.55 14.43
CA SER C 44 -31.97 60.25 13.81
CA SER C 44 -31.98 60.24 13.81
C SER C 44 -31.40 59.14 14.69
N ASP C 45 -31.67 57.90 14.31
CA ASP C 45 -31.12 56.74 15.00
C ASP C 45 -29.81 56.38 14.34
N ALA C 46 -28.81 56.08 15.15
CA ALA C 46 -27.49 55.71 14.66
C ALA C 46 -27.21 54.26 15.03
N ARG C 47 -27.18 53.39 14.04
CA ARG C 47 -26.69 52.04 14.26
C ARG C 47 -25.18 52.06 14.11
N LEU C 48 -24.48 51.62 15.14
CA LEU C 48 -23.04 51.49 15.11
C LEU C 48 -22.73 50.06 14.71
N PRO C 49 -22.42 49.79 13.44
CA PRO C 49 -22.24 48.40 13.01
C PRO C 49 -20.90 47.85 13.46
N CYS C 50 -20.92 46.60 13.90
CA CYS C 50 -19.67 45.93 14.27
C CYS C 50 -19.88 44.43 14.12
N THR C 51 -19.13 43.82 13.21
CA THR C 51 -19.08 42.37 13.07
C THR C 51 -17.64 41.92 13.22
N PHE C 52 -17.41 40.64 13.55
CA PHE C 52 -16.04 40.15 13.78
C PHE C 52 -15.84 38.74 13.21
N ASN C 53 -14.76 38.52 12.48
CA ASN C 53 -14.56 37.21 11.86
C ASN C 53 -13.81 36.26 12.75
N SER C 54 -14.51 35.68 13.71
CA SER C 54 -13.87 34.68 14.57
C SER C 54 -14.40 33.33 14.16
N CYS C 55 -13.49 32.40 13.79
CA CYS C 55 -13.89 31.07 13.34
C CYS C 55 -14.61 30.25 14.40
N TYR C 56 -14.17 30.36 15.65
CA TYR C 56 -14.77 29.57 16.73
C TYR C 56 -16.21 29.97 16.98
N THR C 57 -17.06 29.00 17.28
CA THR C 57 -18.46 29.27 17.56
C THR C 57 -18.62 30.13 18.81
N VAL C 58 -19.61 31.02 18.80
CA VAL C 58 -19.80 31.93 19.93
C VAL C 58 -20.49 31.24 21.10
N ASN C 59 -19.74 31.01 22.17
CA ASN C 59 -20.28 30.37 23.36
C ASN C 59 -20.75 31.49 24.30
N HIS C 60 -22.06 31.61 24.47
CA HIS C 60 -22.58 32.70 25.29
C HIS C 60 -22.09 32.64 26.73
N LYS C 61 -21.64 31.47 27.20
CA LYS C 61 -21.15 31.37 28.57
C LYS C 61 -19.72 31.89 28.73
N GLN C 62 -19.02 32.12 27.63
CA GLN C 62 -17.64 32.61 27.66
C GLN C 62 -17.40 33.86 26.83
N PHE C 63 -18.24 34.15 25.85
CA PHE C 63 -18.07 35.31 24.99
C PHE C 63 -18.08 36.59 25.81
N SER C 64 -17.22 37.54 25.41
CA SER C 64 -17.11 38.82 26.11
C SER C 64 -17.18 39.96 25.11
N LEU C 65 -17.99 40.96 25.43
CA LEU C 65 -18.09 42.18 24.62
C LEU C 65 -18.13 43.36 25.56
N ASN C 66 -17.34 44.39 25.26
CA ASN C 66 -17.42 45.66 25.98
C ASN C 66 -17.52 46.76 24.94
N TRP C 67 -18.53 47.62 25.09
CA TRP C 67 -18.69 48.74 24.20
C TRP C 67 -18.42 49.99 24.99
N THR C 68 -17.29 50.63 24.74
CA THR C 68 -16.91 51.81 25.51
C THR C 68 -17.04 53.09 24.69
N TYR C 69 -16.90 54.23 25.36
CA TYR C 69 -16.99 55.52 24.67
C TYR C 69 -16.02 56.54 25.23
N GLN C 70 -15.21 57.13 24.36
CA GLN C 70 -14.29 58.20 24.79
C GLN C 70 -14.51 59.45 23.93
N GLU C 71 -14.26 60.61 24.50
CA GLU C 71 -14.44 61.85 23.75
C GLU C 71 -13.30 62.07 22.77
N CYS C 72 -12.10 61.63 23.13
CA CYS C 72 -10.93 61.85 22.28
C CYS C 72 -9.98 60.67 22.47
N ASN C 73 -9.01 60.57 21.56
CA ASN C 73 -8.10 59.42 21.59
C ASN C 73 -7.31 59.35 22.88
N ASN C 74 -7.09 60.49 23.53
CA ASN C 74 -6.31 60.56 24.76
C ASN C 74 -7.19 60.91 25.96
N CYS C 75 -8.49 60.60 25.88
CA CYS C 75 -9.47 60.90 26.90
C CYS C 75 -9.95 59.62 27.58
N SER C 76 -10.75 59.77 28.64
CA SER C 76 -11.19 58.61 29.39
C SER C 76 -12.31 57.81 28.71
N GLU C 77 -12.22 56.48 28.78
CA GLU C 77 -13.25 55.62 28.22
C GLU C 77 -14.30 55.32 29.26
N GLU C 78 -15.58 55.38 28.84
CA GLU C 78 -16.72 55.07 29.69
C GLU C 78 -17.43 53.85 29.10
N MET C 79 -17.40 52.72 29.82
CA MET C 79 -18.12 51.54 29.36
C MET C 79 -19.61 51.80 29.46
N PHE C 80 -20.35 51.49 28.39
CA PHE C 80 -21.78 51.70 28.41
C PHE C 80 -22.62 50.46 28.15
N LEU C 81 -22.02 49.40 27.62
CA LEU C 81 -22.74 48.16 27.42
C LEU C 81 -21.73 47.03 27.46
N GLN C 82 -22.13 45.90 28.04
CA GLN C 82 -21.23 44.77 28.19
C GLN C 82 -21.98 43.45 28.09
N PHE C 83 -21.44 42.50 27.34
CA PHE C 83 -22.05 41.18 27.28
C PHE C 83 -21.21 40.24 28.11
N ARG C 84 -21.53 40.10 29.38
CA ARG C 84 -20.85 39.14 30.22
C ARG C 84 -21.94 38.18 30.59
N MET C 85 -22.00 37.02 29.94
CA MET C 85 -23.09 36.04 30.13
C MET C 85 -24.37 36.55 29.47
N LYS C 86 -24.79 37.77 29.80
CA LYS C 86 -25.98 38.37 29.19
C LYS C 86 -25.72 39.82 28.80
N ILE C 87 -26.65 40.43 28.08
CA ILE C 87 -26.52 41.83 27.71
C ILE C 87 -26.71 42.71 28.95
N ILE C 88 -25.70 43.49 29.29
CA ILE C 88 -25.79 44.38 30.44
C ILE C 88 -25.69 45.80 29.91
N ASN C 89 -26.76 46.56 30.02
CA ASN C 89 -26.76 47.96 29.64
C ASN C 89 -26.51 48.78 30.89
N LEU C 90 -25.40 49.52 30.91
CA LEU C 90 -25.01 50.24 32.13
C LEU C 90 -25.84 51.49 32.36
N LYS C 91 -26.63 51.92 31.38
CA LYS C 91 -27.54 53.05 31.54
C LYS C 91 -26.79 54.29 32.00
N LEU C 92 -25.70 54.60 31.30
CA LEU C 92 -24.93 55.80 31.64
C LEU C 92 -25.81 57.03 31.50
N GLU C 93 -25.65 57.96 32.45
CA GLU C 93 -26.46 59.18 32.43
C GLU C 93 -26.28 59.93 31.12
N ARG C 94 -25.07 59.90 30.54
CA ARG C 94 -24.82 60.69 29.34
C ARG C 94 -25.66 60.22 28.15
N PHE C 95 -26.16 58.99 28.17
CA PHE C 95 -26.96 58.49 27.06
C PHE C 95 -28.44 58.41 27.38
N GLN C 96 -28.84 58.71 28.61
CA GLN C 96 -30.23 58.52 29.06
C GLN C 96 -30.55 57.03 28.85
N ASP C 97 -31.65 56.70 28.19
CA ASP C 97 -32.02 55.33 27.88
C ASP C 97 -32.03 55.13 26.37
N ARG C 98 -31.11 55.80 25.68
CA ARG C 98 -31.09 55.78 24.22
C ARG C 98 -30.21 54.69 23.64
N VAL C 99 -29.39 54.01 24.45
CA VAL C 99 -28.56 52.91 23.98
C VAL C 99 -29.37 51.63 23.95
N GLU C 100 -29.23 50.87 22.87
CA GLU C 100 -29.78 49.52 22.75
C GLU C 100 -28.75 48.63 22.09
N PHE C 101 -28.72 47.37 22.50
CA PHE C 101 -28.00 46.38 21.71
C PHE C 101 -28.76 46.14 20.42
N SER C 102 -28.02 45.95 19.34
CA SER C 102 -28.64 45.76 18.03
C SER C 102 -27.91 44.69 17.23
N GLY C 103 -27.33 43.72 17.93
CA GLY C 103 -26.60 42.65 17.28
C GLY C 103 -27.15 41.28 17.56
N ASN C 104 -26.30 40.29 17.36
CA ASN C 104 -26.63 38.88 17.51
C ASN C 104 -25.30 38.17 17.64
N PRO C 105 -24.82 37.92 18.85
CA PRO C 105 -23.44 37.39 18.99
C PRO C 105 -23.20 36.09 18.25
N SER C 106 -24.19 35.19 18.25
CA SER C 106 -24.01 33.90 17.58
CA SER C 106 -24.02 33.90 17.58
C SER C 106 -23.80 34.08 16.07
N LYS C 107 -24.29 35.18 15.51
CA LYS C 107 -24.07 35.52 14.11
C LYS C 107 -22.92 36.51 13.95
N TYR C 108 -22.08 36.65 14.97
CA TYR C 108 -20.85 37.43 14.88
C TYR C 108 -21.13 38.93 14.69
N ASP C 109 -22.27 39.39 15.20
CA ASP C 109 -22.68 40.78 15.08
C ASP C 109 -22.85 41.33 16.49
N VAL C 110 -22.12 42.39 16.81
CA VAL C 110 -22.17 43.00 18.14
C VAL C 110 -22.55 44.48 18.05
N SER C 111 -23.32 44.83 17.03
CA SER C 111 -23.70 46.22 16.79
CA SER C 111 -23.68 46.22 16.80
C SER C 111 -24.54 46.78 17.93
N VAL C 112 -24.49 48.10 18.08
CA VAL C 112 -25.35 48.80 19.03
C VAL C 112 -26.12 49.89 18.27
N MET C 113 -27.17 50.36 18.91
CA MET C 113 -28.05 51.37 18.37
C MET C 113 -28.10 52.53 19.36
N LEU C 114 -27.94 53.74 18.86
CA LEU C 114 -28.10 54.94 19.67
C LEU C 114 -29.30 55.68 19.10
N ARG C 115 -30.42 55.63 19.81
CA ARG C 115 -31.64 56.26 19.33
C ARG C 115 -31.56 57.78 19.47
N ASN C 116 -32.21 58.48 18.55
CA ASN C 116 -32.46 59.91 18.66
C ASN C 116 -31.17 60.64 19.03
N VAL C 117 -30.18 60.53 18.13
CA VAL C 117 -28.83 61.00 18.41
C VAL C 117 -28.84 62.49 18.75
N GLN C 118 -28.02 62.86 19.73
CA GLN C 118 -27.86 64.23 20.18
C GLN C 118 -26.44 64.72 19.89
N PRO C 119 -26.23 66.04 19.80
CA PRO C 119 -24.88 66.52 19.49
C PRO C 119 -23.81 66.05 20.45
N GLU C 120 -24.14 65.88 21.73
CA GLU C 120 -23.15 65.44 22.70
C GLU C 120 -22.71 64.00 22.49
N ASP C 121 -23.42 63.23 21.66
CA ASP C 121 -23.03 61.85 21.36
C ASP C 121 -21.80 61.79 20.46
N GLU C 122 -21.42 62.89 19.82
CA GLU C 122 -20.21 62.89 19.01
C GLU C 122 -19.03 62.41 19.84
N GLY C 123 -18.21 61.55 19.24
CA GLY C 123 -17.02 61.06 19.91
C GLY C 123 -16.59 59.71 19.34
N ILE C 124 -15.85 58.97 20.16
CA ILE C 124 -15.25 57.70 19.75
C ILE C 124 -15.95 56.56 20.48
N TYR C 125 -16.38 55.55 19.74
CA TYR C 125 -17.01 54.37 20.34
C TYR C 125 -16.18 53.12 20.02
N ASN C 126 -15.95 52.27 21.02
CA ASN C 126 -15.09 51.09 20.83
C ASN C 126 -15.75 49.74 21.06
N CYS C 127 -15.72 48.85 20.06
CA CYS C 127 -16.23 47.47 20.28
C CYS C 127 -15.10 46.49 20.62
N TYR C 128 -15.00 46.07 21.89
CA TYR C 128 -13.98 45.09 22.32
C TYR C 128 -14.59 43.72 22.30
N ILE C 129 -13.84 42.70 21.86
CA ILE C 129 -14.46 41.40 21.66
C ILE C 129 -13.48 40.30 22.05
N MET C 130 -13.92 39.36 22.87
CA MET C 130 -13.18 38.14 23.14
C MET C 130 -14.10 36.96 22.91
N ASN C 131 -13.62 35.98 22.15
CA ASN C 131 -14.39 34.79 21.79
C ASN C 131 -13.55 33.58 22.15
N PRO C 132 -13.45 33.23 23.45
CA PRO C 132 -12.65 32.08 23.86
C PRO C 132 -13.12 30.81 23.13
N PRO C 133 -12.20 29.90 22.78
CA PRO C 133 -10.76 29.91 23.08
C PRO C 133 -9.91 30.65 22.05
N ASP C 134 -10.54 31.42 21.17
CA ASP C 134 -9.76 32.25 20.25
C ASP C 134 -8.85 33.16 21.07
N ARG C 135 -7.57 33.18 20.72
CA ARG C 135 -6.58 33.85 21.57
C ARG C 135 -6.68 35.35 21.48
N HIS C 136 -6.87 35.90 20.28
CA HIS C 136 -6.72 37.33 20.07
C HIS C 136 -8.02 38.09 20.36
N ARG C 137 -7.87 39.22 21.05
CA ARG C 137 -8.96 40.13 21.36
C ARG C 137 -9.14 41.07 20.18
N GLY C 138 -10.41 41.34 19.85
CA GLY C 138 -10.74 42.25 18.77
C GLY C 138 -11.06 43.64 19.28
N HIS C 139 -10.82 44.64 18.44
CA HIS C 139 -11.10 46.03 18.79
C HIS C 139 -11.55 46.77 17.55
N GLY C 140 -12.77 47.30 17.57
CA GLY C 140 -13.26 48.19 16.54
C GLY C 140 -13.42 49.59 17.12
N LYS C 141 -13.12 50.60 16.31
CA LYS C 141 -13.22 51.99 16.75
C LYS C 141 -13.99 52.79 15.71
N ILE C 142 -15.07 53.45 16.14
CA ILE C 142 -15.91 54.26 15.27
C ILE C 142 -15.87 55.71 15.76
N HIS C 143 -15.65 56.63 14.84
CA HIS C 143 -15.75 58.06 15.12
C HIS C 143 -17.13 58.50 14.67
N LEU C 144 -18.01 58.78 15.63
CA LEU C 144 -19.36 59.20 15.36
C LEU C 144 -19.40 60.73 15.29
N GLN C 145 -19.89 61.26 14.18
CA GLN C 145 -20.04 62.70 13.99
C GLN C 145 -21.52 63.02 13.82
N VAL C 146 -21.97 64.09 14.47
CA VAL C 146 -23.39 64.45 14.48
C VAL C 146 -23.57 65.68 13.60
N LEU C 147 -24.37 65.51 12.57
CA LEU C 147 -24.65 66.56 11.60
C LEU C 147 -25.88 67.37 12.01
N MET C 148 -25.96 68.59 11.50
CA MET C 148 -27.08 69.49 11.80
C MET C 148 -28.39 68.89 11.31
#